data_7OZE
#
_entry.id   7OZE
#
_cell.length_a   86.401
_cell.length_b   124.715
_cell.length_c   97.137
_cell.angle_alpha   90.000
_cell.angle_beta   95.321
_cell.angle_gamma   90.000
#
_symmetry.space_group_name_H-M   'P 1 21 1'
#
loop_
_entity.id
_entity.type
_entity.pdbx_description
1 polymer 'Putative secreted sulfatase'
2 non-polymer 6-O-sulfo-beta-D-galactopyranose
3 non-polymer 'CALCIUM ION'
4 water water
#
_entity_poly.entity_id   1
_entity_poly.type   'polypeptide(L)'
_entity_poly.pdbx_seq_one_letter_code
;MGSSHHHHHHSSGLVPRGSHMASKQTQRPNVVFIYADDIGYGDLSCNGAKTIHTPNVERLAKMGVRFTNAHSAAATSTPS
RYAMLTGEYAWRKAGTGIAAGDAAAIIRPERYTMANLFKDAGYNTGVVGKWHLGLGDKGGEQDWNKPLQPGTNDIGFEYS
FIMAATGDRVPCVFVENDQVINLDPNDPIQVSYKANFPGEPTGKDNPELLKMHPSHGHDQSIVNGISRIGYMKGGKSALW
QDEKIAETLTGKAVSFIEGHKSAPFFLYFATQDAHVPRVPSPQFAGKSGMGPRGDCLLEFDWSVGEILNALERLGLDKNT
LVILSSDNGPVVDDGYKDQAVELLGDHTPGGIYRGGKYSSFEAGTRIPCIWSWQGVIRPGTVSDALLCQIDWFATFAEML
NVRLPEGAAPDSEPMLKAWTGKQKKGREWLVLQNAQNNLSVTDGRWKYLRPGNGPAYLKAVNIELGNSKEPQLYDLKKDP
KEKNNVAGQNPELVKKMAAQLEKIVDGRYGLPL
;
_entity_poly.pdbx_strand_id   AAA,EEE,FFF,GGG
#
# COMPACT_ATOMS: atom_id res chain seq x y z
N GLN A 27 5.96 -1.69 26.93
CA GLN A 27 5.69 -2.70 25.86
C GLN A 27 4.24 -2.56 25.40
N ARG A 28 3.99 -2.20 24.14
CA ARG A 28 2.63 -2.23 23.52
C ARG A 28 2.73 -3.00 22.19
N PRO A 29 3.05 -4.32 22.24
CA PRO A 29 3.16 -5.13 21.03
C PRO A 29 1.78 -5.62 20.56
N ASN A 30 1.69 -6.10 19.31
CA ASN A 30 0.49 -6.82 18.83
C ASN A 30 0.44 -8.17 19.57
N VAL A 31 -0.77 -8.67 19.84
CA VAL A 31 -0.98 -10.00 20.47
C VAL A 31 -1.92 -10.80 19.55
N VAL A 32 -1.41 -11.92 19.06
CA VAL A 32 -2.13 -12.88 18.18
C VAL A 32 -2.18 -14.22 18.90
N PHE A 33 -3.38 -14.68 19.24
CA PHE A 33 -3.64 -16.05 19.73
C PHE A 33 -3.95 -16.92 18.53
N ILE A 34 -3.25 -18.04 18.37
CA ILE A 34 -3.69 -19.17 17.50
C ILE A 34 -4.12 -20.30 18.44
N TYR A 35 -5.42 -20.43 18.64
CA TYR A 35 -6.05 -21.23 19.73
C TYR A 35 -6.79 -22.42 19.11
N ALA A 36 -6.21 -23.61 19.28
CA ALA A 36 -6.68 -24.87 18.67
C ALA A 36 -7.82 -25.46 19.50
N ASP A 37 -8.49 -26.46 18.94
CA ASP A 37 -9.59 -27.21 19.57
C ASP A 37 -9.18 -28.68 19.67
N ASP A 38 -9.07 -29.22 20.88
CA ASP A 38 -8.89 -30.68 21.16
C ASP A 38 -7.51 -31.15 20.68
N ILE A 39 -6.53 -30.26 20.59
CA ILE A 39 -5.16 -30.61 20.13
C ILE A 39 -4.28 -30.88 21.36
N GLY A 40 -3.85 -32.14 21.52
CA GLY A 40 -3.16 -32.65 22.72
C GLY A 40 -1.67 -32.40 22.70
N TYR A 41 -1.00 -32.70 23.80
CA TYR A 41 0.44 -32.44 24.03
C TYR A 41 1.28 -33.11 22.93
N GLY A 42 0.89 -34.30 22.48
CA GLY A 42 1.64 -35.09 21.48
C GLY A 42 1.06 -35.01 20.07
N ASP A 43 0.13 -34.09 19.80
CA ASP A 43 -0.58 -33.99 18.49
C ASP A 43 0.22 -33.12 17.51
N LEU A 44 1.17 -32.32 17.98
CA LEU A 44 2.02 -31.43 17.16
C LEU A 44 3.48 -31.87 17.32
N SER A 45 4.28 -31.74 16.24
CA SER A 45 5.65 -32.30 16.16
C SER A 45 6.64 -31.49 17.01
N CYS A 46 6.24 -30.30 17.50
CA CYS A 46 7.10 -29.41 18.33
C CYS A 46 7.45 -30.09 19.67
N ASN A 47 6.58 -30.99 20.16
CA ASN A 47 6.76 -31.70 21.46
C ASN A 47 7.34 -33.11 21.23
N GLY A 48 7.85 -33.41 20.03
CA GLY A 48 8.74 -34.57 19.78
C GLY A 48 8.15 -35.61 18.83
N ALA A 49 6.84 -35.57 18.57
CA ALA A 49 6.12 -36.51 17.68
C ALA A 49 6.81 -36.60 16.32
N LYS A 50 7.07 -37.82 15.83
CA LYS A 50 7.59 -38.10 14.46
C LYS A 50 6.48 -38.74 13.62
N THR A 51 5.27 -38.89 14.18
CA THR A 51 4.11 -39.59 13.54
C THR A 51 3.26 -38.59 12.72
N ILE A 52 3.46 -37.29 12.96
CA ILE A 52 2.80 -36.18 12.23
C ILE A 52 3.89 -35.14 11.96
N HIS A 53 3.82 -34.46 10.82
CA HIS A 53 4.72 -33.32 10.49
C HIS A 53 3.91 -32.03 10.43
N THR A 54 4.10 -31.19 11.46
CA THR A 54 3.55 -29.82 11.56
C THR A 54 4.71 -28.84 11.46
N PRO A 55 5.18 -28.51 10.23
CA PRO A 55 6.38 -27.69 10.06
C PRO A 55 6.28 -26.25 10.59
N ASN A 56 5.13 -25.61 10.41
CA ASN A 56 4.88 -24.20 10.85
C ASN A 56 4.86 -24.11 12.38
N VAL A 57 4.35 -25.14 13.06
CA VAL A 57 4.33 -25.17 14.55
C VAL A 57 5.77 -25.35 15.05
N GLU A 58 6.59 -26.14 14.34
CA GLU A 58 8.03 -26.28 14.68
C GLU A 58 8.75 -24.95 14.47
N ARG A 59 8.39 -24.24 13.39
CA ARG A 59 8.93 -22.90 13.07
C ARG A 59 8.71 -21.99 14.29
N LEU A 60 7.45 -21.90 14.75
CA LEU A 60 7.05 -21.08 15.92
C LEU A 60 7.89 -21.46 17.15
N ALA A 61 8.03 -22.76 17.43
CA ALA A 61 8.76 -23.29 18.61
C ALA A 61 10.23 -22.86 18.53
N LYS A 62 10.88 -23.04 17.38
CA LYS A 62 12.32 -22.71 17.16
C LYS A 62 12.50 -21.20 17.02
N MET A 63 11.40 -20.44 17.05
CA MET A 63 11.33 -18.97 16.88
C MET A 63 10.97 -18.29 18.22
N GLY A 64 10.55 -19.06 19.23
CA GLY A 64 10.17 -18.55 20.56
C GLY A 64 10.42 -19.55 21.68
N VAL A 65 9.52 -19.61 22.68
CA VAL A 65 9.65 -20.51 23.86
C VAL A 65 8.48 -21.51 23.87
N ARG A 66 8.81 -22.79 24.07
CA ARG A 66 7.88 -23.94 24.11
C ARG A 66 7.72 -24.38 25.58
N PHE A 67 6.48 -24.57 26.03
CA PHE A 67 6.11 -24.92 27.43
C PHE A 67 5.76 -26.41 27.54
N THR A 68 6.35 -27.08 28.53
CA THR A 68 6.19 -28.54 28.77
C THR A 68 5.20 -28.80 29.92
N ASN A 69 4.75 -27.75 30.62
CA ASN A 69 3.87 -27.88 31.82
C ASN A 69 2.89 -26.70 31.88
N ALA A 70 2.41 -26.24 30.72
CA ALA A 70 1.36 -25.22 30.58
C ALA A 70 0.01 -25.93 30.44
N HIS A 71 -1.01 -25.40 31.11
CA HIS A 71 -2.36 -26.02 31.23
C HIS A 71 -3.46 -25.05 30.79
N SER A 72 -4.50 -25.58 30.14
CA SER A 72 -5.83 -24.94 30.08
C SER A 72 -6.47 -25.08 31.47
N ALA A 73 -7.35 -24.15 31.84
CA ALA A 73 -8.03 -24.15 33.16
C ALA A 73 -8.86 -25.43 33.29
N ALA A 74 -9.40 -25.94 32.18
CA ALA A 74 -10.40 -27.04 32.14
C ALA A 74 -10.05 -28.04 31.03
N ALA A 75 -10.64 -29.23 31.10
CA ALA A 75 -10.47 -30.33 30.12
C ALA A 75 -11.62 -30.32 29.12
N THR A 76 -12.41 -29.24 29.07
CA THR A 76 -13.46 -29.00 28.05
C THR A 76 -13.41 -27.55 27.60
N SER A 77 -14.07 -27.24 26.48
CA SER A 77 -13.96 -25.97 25.71
C SER A 77 -14.45 -24.77 26.52
N THR A 78 -15.75 -24.74 26.83
CA THR A 78 -16.47 -23.55 27.37
C THR A 78 -15.83 -23.09 28.67
N PRO A 79 -15.55 -23.96 29.65
CA PRO A 79 -14.90 -23.51 30.88
C PRO A 79 -13.47 -22.98 30.66
N SER A 80 -12.68 -23.66 29.83
CA SER A 80 -11.29 -23.23 29.49
C SER A 80 -11.31 -21.84 28.88
N ARG A 81 -12.23 -21.59 27.95
CA ARG A 81 -12.37 -20.31 27.21
C ARG A 81 -12.88 -19.23 28.15
N TYR A 82 -13.86 -19.57 28.99
CA TYR A 82 -14.41 -18.66 30.03
C TYR A 82 -13.27 -18.23 30.98
N ALA A 83 -12.51 -19.19 31.49
CA ALA A 83 -11.37 -18.98 32.41
C ALA A 83 -10.37 -17.98 31.81
N MET A 84 -10.09 -18.12 30.52
CA MET A 84 -9.00 -17.40 29.82
C MET A 84 -9.40 -15.93 29.64
N LEU A 85 -10.61 -15.67 29.14
CA LEU A 85 -11.11 -14.31 28.82
C LEU A 85 -11.53 -13.55 30.09
N THR A 86 -11.92 -14.26 31.17
CA THR A 86 -12.42 -13.62 32.42
C THR A 86 -11.34 -13.60 33.51
N GLY A 87 -10.34 -14.48 33.44
CA GLY A 87 -9.31 -14.66 34.50
C GLY A 87 -9.92 -15.21 35.78
N GLU A 88 -11.07 -15.88 35.69
CA GLU A 88 -11.77 -16.52 36.84
C GLU A 88 -11.93 -18.01 36.55
N TYR A 89 -11.53 -18.88 37.49
CA TYR A 89 -11.79 -20.34 37.43
C TYR A 89 -13.25 -20.55 37.01
N ALA A 90 -13.48 -21.37 35.98
CA ALA A 90 -14.83 -21.60 35.41
C ALA A 90 -15.72 -22.30 36.43
N TRP A 91 -15.14 -23.19 37.23
CA TRP A 91 -15.87 -24.04 38.22
C TRP A 91 -16.49 -23.20 39.35
N ARG A 92 -16.14 -21.91 39.45
CA ARG A 92 -16.74 -20.98 40.43
C ARG A 92 -18.19 -20.66 40.08
N LYS A 93 -18.59 -20.92 38.84
CA LYS A 93 -19.94 -20.54 38.32
C LYS A 93 -20.60 -21.77 37.67
N ALA A 94 -21.85 -22.06 38.04
CA ALA A 94 -22.73 -22.99 37.33
C ALA A 94 -23.17 -22.31 36.03
N GLY A 95 -23.11 -23.02 34.91
CA GLY A 95 -23.49 -22.54 33.56
C GLY A 95 -22.30 -22.26 32.66
N THR A 96 -21.06 -22.57 33.11
CA THR A 96 -19.79 -22.41 32.36
C THR A 96 -19.34 -23.77 31.77
N GLY A 97 -20.17 -24.81 31.87
CA GLY A 97 -19.94 -26.11 31.23
C GLY A 97 -20.16 -26.04 29.73
N ILE A 98 -19.74 -27.09 29.01
CA ILE A 98 -19.93 -27.24 27.53
C ILE A 98 -21.28 -26.63 27.15
N ALA A 99 -21.27 -25.50 26.44
CA ALA A 99 -22.47 -24.74 26.05
C ALA A 99 -23.07 -25.34 24.76
N ALA A 100 -24.39 -25.23 24.62
CA ALA A 100 -25.13 -25.51 23.38
C ALA A 100 -24.95 -24.32 22.44
N GLY A 101 -25.27 -24.50 21.16
CA GLY A 101 -25.28 -23.42 20.16
C GLY A 101 -26.23 -22.31 20.56
N ASP A 102 -27.36 -22.66 21.20
CA ASP A 102 -28.46 -21.71 21.55
C ASP A 102 -28.25 -21.22 22.99
N ALA A 103 -27.09 -21.48 23.59
CA ALA A 103 -26.72 -20.98 24.93
C ALA A 103 -26.65 -19.45 24.88
N ALA A 104 -27.19 -18.80 25.91
CA ALA A 104 -27.14 -17.35 26.13
C ALA A 104 -25.71 -16.96 26.54
N ALA A 105 -25.36 -15.69 26.33
CA ALA A 105 -24.06 -15.09 26.73
C ALA A 105 -23.73 -15.49 28.16
N ILE A 106 -22.68 -16.30 28.34
CA ILE A 106 -22.11 -16.67 29.66
C ILE A 106 -21.33 -15.47 30.22
N ILE A 107 -20.61 -14.72 29.37
CA ILE A 107 -19.89 -13.49 29.79
C ILE A 107 -20.76 -12.28 29.46
N ARG A 108 -21.26 -11.60 30.50
CA ARG A 108 -22.18 -10.45 30.41
C ARG A 108 -21.36 -9.16 30.35
N PRO A 109 -21.87 -8.10 29.69
CA PRO A 109 -21.12 -6.84 29.55
C PRO A 109 -20.65 -6.20 30.86
N GLU A 110 -21.23 -6.56 31.99
CA GLU A 110 -20.82 -6.06 33.34
C GLU A 110 -19.42 -6.58 33.68
N ARG A 111 -18.98 -7.68 33.04
CA ARG A 111 -17.68 -8.34 33.35
C ARG A 111 -16.54 -7.58 32.64
N TYR A 112 -15.37 -7.52 33.28
CA TYR A 112 -14.13 -6.96 32.68
C TYR A 112 -13.34 -8.11 32.04
N THR A 113 -13.21 -8.03 30.72
CA THR A 113 -12.76 -9.11 29.80
C THR A 113 -11.32 -8.81 29.36
N MET A 114 -10.56 -9.82 28.95
CA MET A 114 -9.21 -9.64 28.37
C MET A 114 -9.30 -8.66 27.19
N ALA A 115 -10.32 -8.82 26.34
CA ALA A 115 -10.64 -7.91 25.21
C ALA A 115 -10.78 -6.47 25.72
N ASN A 116 -11.49 -6.27 26.83
CA ASN A 116 -11.70 -4.93 27.45
C ASN A 116 -10.33 -4.35 27.84
N LEU A 117 -9.45 -5.16 28.45
CA LEU A 117 -8.10 -4.76 28.91
C LEU A 117 -7.38 -4.10 27.73
N PHE A 118 -7.33 -4.81 26.60
CA PHE A 118 -6.60 -4.39 25.38
C PHE A 118 -7.26 -3.14 24.78
N LYS A 119 -8.57 -3.17 24.56
CA LYS A 119 -9.33 -2.03 23.96
C LYS A 119 -9.09 -0.75 24.77
N ASP A 120 -9.13 -0.86 26.10
CA ASP A 120 -8.93 0.27 27.06
C ASP A 120 -7.47 0.75 27.00
N ALA A 121 -6.52 -0.12 26.67
CA ALA A 121 -5.08 0.22 26.48
C ALA A 121 -4.83 0.73 25.05
N GLY A 122 -5.88 0.87 24.23
CA GLY A 122 -5.86 1.52 22.91
C GLY A 122 -5.61 0.57 21.75
N TYR A 123 -5.75 -0.74 21.95
CA TYR A 123 -5.64 -1.76 20.89
C TYR A 123 -6.97 -1.86 20.13
N ASN A 124 -6.88 -2.25 18.86
CA ASN A 124 -8.03 -2.78 18.09
C ASN A 124 -8.19 -4.25 18.46
N THR A 125 -9.41 -4.74 18.57
CA THR A 125 -9.70 -6.11 19.05
C THR A 125 -10.57 -6.84 18.03
N GLY A 126 -10.24 -8.11 17.81
CA GLY A 126 -10.97 -9.00 16.91
C GLY A 126 -10.97 -10.42 17.43
N VAL A 127 -12.09 -11.13 17.24
CA VAL A 127 -12.20 -12.59 17.49
C VAL A 127 -12.64 -13.23 16.19
N VAL A 128 -11.94 -14.29 15.80
CA VAL A 128 -12.22 -15.08 14.55
C VAL A 128 -12.22 -16.56 14.93
N GLY A 129 -13.31 -17.24 14.58
CA GLY A 129 -13.47 -18.70 14.74
C GLY A 129 -14.37 -19.06 15.90
N LYS A 130 -14.02 -20.14 16.61
CA LYS A 130 -14.90 -20.79 17.61
C LYS A 130 -15.10 -19.86 18.78
N TRP A 131 -16.36 -19.62 19.17
CA TRP A 131 -16.73 -18.75 20.32
C TRP A 131 -17.06 -19.62 21.53
N HIS A 132 -18.25 -20.24 21.53
CA HIS A 132 -18.65 -21.31 22.47
C HIS A 132 -18.80 -20.79 23.90
N LEU A 133 -19.12 -19.50 24.05
CA LEU A 133 -19.39 -18.83 25.34
C LEU A 133 -20.77 -18.16 25.32
N GLY A 134 -21.61 -18.51 24.35
CA GLY A 134 -23.02 -18.12 24.30
C GLY A 134 -23.21 -16.75 23.66
N LEU A 135 -24.40 -16.51 23.11
CA LEU A 135 -24.81 -15.24 22.46
C LEU A 135 -26.27 -14.97 22.81
N GLY A 136 -26.66 -13.70 22.92
CA GLY A 136 -28.05 -13.30 23.22
C GLY A 136 -28.38 -13.45 24.69
N ASP A 137 -29.62 -13.10 25.07
CA ASP A 137 -30.04 -12.82 26.46
C ASP A 137 -30.54 -14.09 27.14
N LYS A 138 -31.48 -14.81 26.51
CA LYS A 138 -32.14 -16.01 27.11
C LYS A 138 -31.97 -17.20 26.15
N GLY A 139 -31.37 -18.28 26.65
CA GLY A 139 -31.04 -19.50 25.89
C GLY A 139 -32.29 -20.18 25.34
N GLY A 140 -32.24 -20.58 24.07
CA GLY A 140 -33.34 -21.27 23.37
C GLY A 140 -34.42 -20.31 22.86
N GLU A 141 -34.26 -19.00 23.08
CA GLU A 141 -35.27 -17.97 22.73
C GLU A 141 -34.72 -16.93 21.73
N GLN A 142 -33.47 -17.07 21.28
CA GLN A 142 -32.81 -16.09 20.38
C GLN A 142 -33.51 -16.09 19.02
N ASP A 143 -33.65 -14.91 18.40
CA ASP A 143 -34.04 -14.75 16.98
C ASP A 143 -32.76 -14.63 16.16
N TRP A 144 -32.34 -15.72 15.51
CA TRP A 144 -31.04 -15.83 14.79
C TRP A 144 -31.08 -15.05 13.48
N ASN A 145 -32.23 -14.50 13.10
CA ASN A 145 -32.44 -13.62 11.92
C ASN A 145 -32.18 -12.15 12.30
N LYS A 146 -32.12 -11.85 13.60
CA LYS A 146 -31.94 -10.47 14.12
C LYS A 146 -30.58 -10.38 14.82
N PRO A 147 -30.09 -9.15 15.11
CA PRO A 147 -28.84 -8.97 15.87
C PRO A 147 -28.88 -9.68 17.22
N LEU A 148 -27.85 -10.44 17.54
CA LEU A 148 -27.69 -11.14 18.86
C LEU A 148 -27.20 -10.10 19.88
N GLN A 149 -27.94 -9.93 20.98
CA GLN A 149 -27.72 -8.87 21.99
C GLN A 149 -27.94 -9.47 23.37
N PRO A 150 -26.92 -9.58 24.25
CA PRO A 150 -25.54 -9.19 23.96
C PRO A 150 -24.68 -10.29 23.33
N GLY A 151 -23.58 -9.91 22.69
CA GLY A 151 -22.62 -10.83 22.07
C GLY A 151 -21.18 -10.45 22.31
N THR A 152 -20.30 -10.76 21.35
CA THR A 152 -18.84 -10.55 21.39
C THR A 152 -18.51 -9.06 21.43
N ASN A 153 -19.30 -8.24 20.71
CA ASN A 153 -19.02 -6.79 20.50
C ASN A 153 -19.51 -5.96 21.71
N ASP A 154 -20.04 -6.60 22.76
CA ASP A 154 -20.48 -5.92 24.01
C ASP A 154 -19.46 -6.15 25.13
N ILE A 155 -18.48 -7.03 24.91
CA ILE A 155 -17.52 -7.47 25.96
C ILE A 155 -16.07 -7.26 25.48
N GLY A 156 -15.84 -6.31 24.56
CA GLY A 156 -14.54 -5.70 24.29
C GLY A 156 -13.98 -5.96 22.91
N PHE A 157 -14.69 -6.69 22.05
CA PHE A 157 -14.27 -7.02 20.66
C PHE A 157 -14.89 -6.02 19.68
N GLU A 158 -14.06 -5.28 18.93
CA GLU A 158 -14.51 -4.31 17.90
C GLU A 158 -14.97 -5.07 16.64
N TYR A 159 -14.29 -6.18 16.34
CA TYR A 159 -14.56 -7.06 15.16
C TYR A 159 -14.78 -8.49 15.66
N SER A 160 -15.83 -9.15 15.17
CA SER A 160 -16.08 -10.59 15.43
C SER A 160 -16.54 -11.25 14.13
N PHE A 161 -15.89 -12.36 13.78
CA PHE A 161 -16.34 -13.33 12.75
C PHE A 161 -16.24 -14.74 13.36
N ILE A 162 -17.36 -15.29 13.81
CA ILE A 162 -17.34 -16.45 14.75
C ILE A 162 -18.34 -17.52 14.31
N MET A 163 -18.05 -18.77 14.70
CA MET A 163 -19.05 -19.86 14.83
C MET A 163 -19.72 -19.70 16.20
N ALA A 164 -21.05 -19.76 16.25
CA ALA A 164 -21.86 -19.70 17.50
C ALA A 164 -21.21 -20.60 18.57
N ALA A 165 -21.06 -21.90 18.26
CA ALA A 165 -20.47 -22.91 19.17
C ALA A 165 -19.45 -23.75 18.39
N THR A 166 -19.45 -25.07 18.59
CA THR A 166 -18.55 -26.03 17.91
C THR A 166 -19.07 -26.33 16.52
N GLY A 167 -18.22 -26.99 15.70
CA GLY A 167 -18.54 -27.42 14.33
C GLY A 167 -19.67 -28.44 14.30
N ASP A 168 -19.85 -29.18 15.40
CA ASP A 168 -20.86 -30.28 15.50
C ASP A 168 -22.15 -29.79 16.17
N ARG A 169 -22.30 -28.48 16.41
CA ARG A 169 -23.50 -27.89 17.07
C ARG A 169 -24.16 -26.86 16.16
N VAL A 170 -25.49 -26.94 15.99
CA VAL A 170 -26.35 -25.92 15.31
C VAL A 170 -26.39 -24.67 16.20
N PRO A 171 -26.57 -23.45 15.64
CA PRO A 171 -26.72 -23.23 14.21
C PRO A 171 -25.36 -23.22 13.49
N CYS A 172 -25.31 -23.86 12.31
CA CYS A 172 -24.08 -24.04 11.50
C CYS A 172 -23.92 -22.85 10.56
N VAL A 173 -23.91 -21.64 11.12
CA VAL A 173 -23.79 -20.35 10.38
C VAL A 173 -22.66 -19.55 11.00
N PHE A 174 -22.15 -18.55 10.28
CA PHE A 174 -21.14 -17.59 10.78
C PHE A 174 -21.86 -16.34 11.30
N VAL A 175 -21.29 -15.72 12.33
CA VAL A 175 -21.84 -14.48 12.96
C VAL A 175 -20.76 -13.39 12.85
N GLU A 176 -21.10 -12.29 12.16
CA GLU A 176 -20.19 -11.13 11.98
C GLU A 176 -20.76 -9.96 12.79
N ASN A 177 -19.96 -9.45 13.73
CA ASN A 177 -20.35 -8.36 14.67
C ASN A 177 -21.78 -8.63 15.17
N ASP A 178 -21.98 -9.84 15.71
CA ASP A 178 -23.20 -10.28 16.44
C ASP A 178 -24.42 -10.29 15.50
N GLN A 179 -24.20 -10.59 14.21
CA GLN A 179 -25.26 -10.76 13.19
C GLN A 179 -24.91 -11.96 12.30
N VAL A 180 -25.86 -12.88 12.09
CA VAL A 180 -25.71 -14.03 11.16
C VAL A 180 -25.62 -13.48 9.74
N ILE A 181 -24.61 -13.89 8.97
CA ILE A 181 -24.34 -13.42 7.56
C ILE A 181 -25.07 -14.32 6.56
N ASN A 182 -25.32 -13.79 5.36
CA ASN A 182 -25.79 -14.54 4.15
C ASN A 182 -27.17 -15.17 4.41
N LEU A 183 -28.01 -14.44 5.13
CA LEU A 183 -29.41 -14.87 5.44
C LEU A 183 -30.32 -14.45 4.28
N ASP A 184 -31.10 -15.38 3.75
CA ASP A 184 -32.22 -15.09 2.82
C ASP A 184 -33.48 -15.00 3.68
N PRO A 185 -34.10 -13.79 3.80
CA PRO A 185 -35.24 -13.61 4.71
C PRO A 185 -36.51 -14.37 4.31
N ASN A 186 -36.58 -14.89 3.08
CA ASN A 186 -37.67 -15.80 2.63
C ASN A 186 -37.44 -17.22 3.18
N ASP A 187 -36.29 -17.47 3.79
CA ASP A 187 -35.91 -18.78 4.38
C ASP A 187 -35.23 -18.55 5.73
N PRO A 188 -35.97 -18.11 6.77
CA PRO A 188 -35.35 -17.73 8.04
C PRO A 188 -34.90 -18.93 8.89
N ILE A 189 -33.85 -18.71 9.71
CA ILE A 189 -33.28 -19.71 10.65
C ILE A 189 -34.23 -19.89 11.82
N GLN A 190 -34.42 -21.15 12.24
CA GLN A 190 -34.97 -21.51 13.57
C GLN A 190 -34.00 -22.50 14.23
N VAL A 191 -33.95 -22.51 15.55
CA VAL A 191 -33.04 -23.40 16.34
C VAL A 191 -33.79 -23.89 17.58
N SER A 192 -33.78 -25.20 17.80
CA SER A 192 -34.28 -25.85 19.04
C SER A 192 -33.32 -26.98 19.40
N TYR A 193 -32.99 -27.10 20.69
CA TYR A 193 -32.27 -28.25 21.29
C TYR A 193 -33.28 -29.13 22.04
N LYS A 194 -34.58 -28.81 21.92
CA LYS A 194 -35.69 -29.48 22.66
C LYS A 194 -36.35 -30.52 21.76
N ALA A 195 -36.72 -30.15 20.53
CA ALA A 195 -37.43 -31.05 19.57
C ALA A 195 -37.09 -30.68 18.13
N ASN A 196 -37.21 -31.66 17.22
CA ASN A 196 -37.03 -31.49 15.75
C ASN A 196 -38.20 -30.65 15.22
N PHE A 197 -37.95 -29.87 14.16
CA PHE A 197 -39.00 -29.16 13.39
C PHE A 197 -39.65 -30.19 12.47
N PRO A 198 -40.98 -30.40 12.52
CA PRO A 198 -41.62 -31.46 11.74
C PRO A 198 -41.26 -31.34 10.25
N GLY A 199 -40.87 -32.44 9.62
CA GLY A 199 -40.51 -32.50 8.19
C GLY A 199 -39.01 -32.48 7.95
N GLU A 200 -38.21 -31.95 8.88
CA GLU A 200 -36.72 -31.91 8.75
C GLU A 200 -36.13 -33.27 9.09
N PRO A 201 -35.26 -33.83 8.22
CA PRO A 201 -34.68 -35.15 8.46
C PRO A 201 -33.58 -35.08 9.53
N THR A 202 -33.21 -36.24 10.05
CA THR A 202 -32.18 -36.40 11.11
C THR A 202 -31.20 -37.50 10.70
N GLY A 203 -29.99 -37.48 11.24
CA GLY A 203 -28.98 -38.55 11.06
C GLY A 203 -29.47 -39.88 11.61
N LYS A 204 -30.36 -39.85 12.61
CA LYS A 204 -30.93 -41.04 13.27
C LYS A 204 -31.94 -41.72 12.34
N ASP A 205 -32.90 -40.96 11.80
CA ASP A 205 -34.06 -41.46 11.02
C ASP A 205 -33.74 -41.53 9.52
N ASN A 206 -32.83 -40.67 9.01
CA ASN A 206 -32.56 -40.55 7.56
C ASN A 206 -31.07 -40.65 7.31
N PRO A 207 -30.40 -41.73 7.77
CA PRO A 207 -28.94 -41.83 7.68
C PRO A 207 -28.40 -41.90 6.23
N GLU A 208 -29.27 -42.24 5.28
CA GLU A 208 -28.94 -42.32 3.83
C GLU A 208 -28.56 -40.92 3.32
N LEU A 209 -28.92 -39.84 4.03
CA LEU A 209 -28.64 -38.43 3.62
C LEU A 209 -27.24 -37.97 4.08
N LEU A 210 -26.46 -38.86 4.70
CA LEU A 210 -25.19 -38.56 5.41
C LEU A 210 -23.98 -38.94 4.54
N LYS A 211 -22.95 -38.10 4.52
CA LYS A 211 -21.62 -38.36 3.91
C LYS A 211 -20.62 -38.71 5.01
N MET A 212 -21.00 -38.54 6.29
CA MET A 212 -20.23 -38.96 7.50
C MET A 212 -21.22 -39.50 8.54
N HIS A 213 -21.00 -40.70 9.08
CA HIS A 213 -21.94 -41.38 10.02
C HIS A 213 -21.59 -41.06 11.47
N PRO A 214 -22.58 -40.89 12.37
CA PRO A 214 -22.33 -40.73 13.79
C PRO A 214 -21.90 -42.04 14.46
N SER A 215 -21.03 -41.96 15.47
CA SER A 215 -20.59 -43.11 16.32
C SER A 215 -21.41 -43.12 17.61
N HIS A 216 -21.68 -41.94 18.18
CA HIS A 216 -22.52 -41.75 19.40
C HIS A 216 -23.09 -40.33 19.39
N GLY A 217 -24.37 -40.19 19.69
CA GLY A 217 -25.12 -38.91 19.54
C GLY A 217 -24.99 -38.37 18.13
N HIS A 218 -24.87 -37.05 17.99
CA HIS A 218 -24.62 -36.36 16.69
C HIS A 218 -25.59 -36.89 15.63
N ASP A 219 -26.86 -37.07 15.98
CA ASP A 219 -27.84 -37.78 15.11
C ASP A 219 -29.10 -36.92 14.95
N GLN A 220 -28.97 -35.59 15.04
CA GLN A 220 -30.12 -34.65 14.97
C GLN A 220 -30.09 -33.99 13.58
N SER A 221 -30.20 -32.67 13.47
CA SER A 221 -30.35 -31.95 12.17
C SER A 221 -29.13 -32.18 11.28
N ILE A 222 -29.36 -32.16 9.97
CA ILE A 222 -28.33 -32.44 8.93
C ILE A 222 -27.95 -31.11 8.26
N VAL A 223 -26.65 -30.92 8.04
CA VAL A 223 -26.03 -29.73 7.40
C VAL A 223 -24.87 -30.24 6.55
N ASN A 224 -24.95 -30.05 5.23
CA ASN A 224 -23.94 -30.53 4.24
C ASN A 224 -23.62 -32.00 4.52
N GLY A 225 -24.66 -32.83 4.64
CA GLY A 225 -24.55 -34.29 4.72
C GLY A 225 -23.92 -34.78 6.01
N ILE A 226 -23.85 -33.93 7.04
CA ILE A 226 -23.32 -34.32 8.38
C ILE A 226 -24.37 -33.96 9.46
N SER A 227 -24.86 -34.95 10.20
CA SER A 227 -25.81 -34.75 11.33
C SER A 227 -25.07 -34.07 12.48
N ARG A 228 -25.78 -33.26 13.26
CA ARG A 228 -25.19 -32.39 14.32
C ARG A 228 -25.89 -32.69 15.65
N ILE A 229 -25.46 -31.98 16.69
CA ILE A 229 -26.18 -31.87 17.99
C ILE A 229 -27.11 -30.66 17.89
N GLY A 230 -28.41 -30.85 18.17
CA GLY A 230 -29.44 -29.81 18.11
C GLY A 230 -30.15 -29.82 16.77
N TYR A 231 -31.37 -29.29 16.74
CA TYR A 231 -32.24 -29.23 15.54
C TYR A 231 -32.24 -27.79 15.03
N MET A 232 -32.29 -27.62 13.70
CA MET A 232 -32.51 -26.31 13.03
C MET A 232 -33.31 -26.50 11.74
N LYS A 233 -33.81 -25.39 11.20
CA LYS A 233 -34.60 -25.33 9.95
C LYS A 233 -34.34 -23.98 9.27
N GLY A 234 -34.28 -23.98 7.94
CA GLY A 234 -34.02 -22.78 7.13
C GLY A 234 -32.56 -22.38 7.18
N GLY A 235 -32.28 -21.14 6.76
CA GLY A 235 -30.93 -20.55 6.70
C GLY A 235 -30.04 -21.21 5.66
N LYS A 236 -30.61 -21.87 4.65
CA LYS A 236 -29.85 -22.69 3.67
C LYS A 236 -28.66 -21.86 3.15
N SER A 237 -28.88 -20.60 2.81
CA SER A 237 -27.85 -19.70 2.22
C SER A 237 -26.80 -19.35 3.27
N ALA A 238 -27.14 -19.39 4.56
CA ALA A 238 -26.27 -18.98 5.69
C ALA A 238 -25.46 -20.16 6.20
N LEU A 239 -25.81 -21.39 5.83
CA LEU A 239 -25.10 -22.63 6.27
C LEU A 239 -23.67 -22.57 5.77
N TRP A 240 -22.70 -22.83 6.65
CA TRP A 240 -21.27 -22.98 6.30
C TRP A 240 -21.09 -24.28 5.51
N GLN A 241 -19.95 -24.43 4.86
CA GLN A 241 -19.47 -25.71 4.29
C GLN A 241 -18.23 -26.13 5.07
N ASP A 242 -18.20 -27.31 5.68
CA ASP A 242 -17.15 -27.72 6.65
C ASP A 242 -15.77 -27.80 5.94
N GLU A 243 -15.76 -28.18 4.66
CA GLU A 243 -14.54 -28.29 3.81
C GLU A 243 -13.78 -26.96 3.82
N LYS A 244 -14.51 -25.84 3.85
CA LYS A 244 -13.99 -24.46 3.63
C LYS A 244 -13.94 -23.65 4.93
N ILE A 245 -14.15 -24.25 6.11
CA ILE A 245 -14.17 -23.50 7.40
C ILE A 245 -12.74 -23.02 7.72
N ALA A 246 -11.76 -23.92 7.78
CA ALA A 246 -10.35 -23.55 8.02
C ALA A 246 -9.97 -22.39 7.09
N GLU A 247 -10.33 -22.53 5.82
CA GLU A 247 -10.00 -21.58 4.72
C GLU A 247 -10.64 -20.22 5.00
N THR A 248 -11.94 -20.20 5.33
CA THR A 248 -12.76 -18.97 5.54
C THR A 248 -12.25 -18.25 6.79
N LEU A 249 -12.14 -18.96 7.91
CA LEU A 249 -11.68 -18.39 9.21
C LEU A 249 -10.26 -17.82 9.05
N THR A 250 -9.32 -18.61 8.53
CA THR A 250 -7.90 -18.22 8.36
C THR A 250 -7.83 -17.01 7.42
N GLY A 251 -8.69 -16.97 6.40
CA GLY A 251 -8.82 -15.81 5.49
C GLY A 251 -9.19 -14.55 6.24
N LYS A 252 -10.17 -14.63 7.13
CA LYS A 252 -10.69 -13.47 7.93
C LYS A 252 -9.62 -13.04 8.94
N ALA A 253 -8.90 -14.01 9.52
CA ALA A 253 -7.76 -13.78 10.45
C ALA A 253 -6.69 -12.96 9.73
N VAL A 254 -6.27 -13.38 8.54
CA VAL A 254 -5.19 -12.72 7.74
C VAL A 254 -5.70 -11.34 7.31
N SER A 255 -6.95 -11.25 6.81
CA SER A 255 -7.63 -9.98 6.43
C SER A 255 -7.55 -8.96 7.59
N PHE A 256 -7.78 -9.42 8.83
CA PHE A 256 -7.80 -8.57 10.05
C PHE A 256 -6.38 -8.07 10.35
N ILE A 257 -5.38 -8.93 10.23
CA ILE A 257 -3.94 -8.56 10.43
C ILE A 257 -3.54 -7.53 9.37
N GLU A 258 -3.91 -7.74 8.12
CA GLU A 258 -3.65 -6.83 6.97
C GLU A 258 -4.36 -5.49 7.19
N GLY A 259 -5.59 -5.52 7.72
CA GLY A 259 -6.44 -4.33 7.96
C GLY A 259 -5.92 -3.43 9.07
N HIS A 260 -5.15 -3.98 10.01
CA HIS A 260 -4.70 -3.29 11.25
C HIS A 260 -3.17 -3.36 11.37
N LYS A 261 -2.45 -3.11 10.28
CA LYS A 261 -0.97 -3.31 10.20
C LYS A 261 -0.21 -2.09 10.75
N SER A 262 -0.93 -1.03 11.16
CA SER A 262 -0.34 0.29 11.50
C SER A 262 -0.38 0.61 13.00
N ALA A 263 -1.23 -0.08 13.77
CA ALA A 263 -1.49 0.23 15.20
C ALA A 263 -1.64 -1.07 15.99
N PRO A 264 -1.40 -1.04 17.33
CA PRO A 264 -1.50 -2.23 18.15
C PRO A 264 -2.88 -2.90 18.01
N PHE A 265 -2.90 -4.22 17.79
CA PHE A 265 -4.14 -5.02 17.71
C PHE A 265 -4.00 -6.29 18.54
N PHE A 266 -5.13 -6.73 19.10
CA PHE A 266 -5.32 -8.04 19.77
C PHE A 266 -6.27 -8.88 18.91
N LEU A 267 -5.78 -10.01 18.41
CA LEU A 267 -6.56 -10.96 17.57
C LEU A 267 -6.61 -12.33 18.26
N TYR A 268 -7.82 -12.75 18.62
CA TYR A 268 -8.11 -14.07 19.21
C TYR A 268 -8.59 -14.98 18.08
N PHE A 269 -7.65 -15.67 17.45
CA PHE A 269 -7.90 -16.63 16.34
C PHE A 269 -8.07 -18.02 16.96
N ALA A 270 -9.30 -18.53 16.93
CA ALA A 270 -9.72 -19.80 17.56
C ALA A 270 -10.23 -20.73 16.47
N THR A 271 -9.46 -21.77 16.16
CA THR A 271 -9.73 -22.68 15.00
C THR A 271 -10.85 -23.65 15.36
N GLN A 272 -11.52 -24.18 14.34
CA GLN A 272 -12.41 -25.36 14.43
C GLN A 272 -11.53 -26.62 14.52
N ASP A 273 -10.31 -26.52 14.02
CA ASP A 273 -9.49 -27.70 13.63
C ASP A 273 -9.19 -28.58 14.83
N ALA A 274 -9.33 -29.90 14.54
CA ALA A 274 -9.12 -31.11 15.36
C ALA A 274 -10.44 -31.48 16.04
N HIS A 275 -11.38 -30.53 16.16
CA HIS A 275 -12.74 -30.78 16.68
C HIS A 275 -13.60 -31.43 15.59
N VAL A 276 -14.45 -32.37 15.99
CA VAL A 276 -15.47 -33.00 15.10
C VAL A 276 -16.47 -31.93 14.68
N PRO A 277 -17.14 -32.07 13.52
CA PRO A 277 -16.81 -33.09 12.54
C PRO A 277 -15.52 -32.67 11.83
N ARG A 278 -14.58 -33.61 11.65
CA ARG A 278 -13.27 -33.36 11.01
C ARG A 278 -13.44 -33.44 9.50
N VAL A 279 -13.60 -32.29 8.84
CA VAL A 279 -13.83 -32.17 7.36
C VAL A 279 -12.78 -31.21 6.84
N PRO A 280 -11.53 -31.69 6.60
CA PRO A 280 -10.46 -30.82 6.14
C PRO A 280 -10.66 -30.46 4.66
N SER A 281 -10.07 -29.34 4.25
CA SER A 281 -9.92 -28.93 2.82
C SER A 281 -9.46 -30.14 2.00
N PRO A 282 -9.94 -30.30 0.75
CA PRO A 282 -9.45 -31.38 -0.12
C PRO A 282 -7.92 -31.46 -0.22
N GLN A 283 -7.20 -30.33 -0.11
CA GLN A 283 -5.72 -30.30 -0.21
C GLN A 283 -5.09 -31.07 0.97
N PHE A 284 -5.86 -31.47 2.00
CA PHE A 284 -5.36 -32.22 3.20
C PHE A 284 -5.94 -33.62 3.33
N ALA A 285 -7.05 -33.95 2.65
CA ALA A 285 -7.68 -35.29 2.71
C ALA A 285 -6.66 -36.36 2.28
N GLY A 286 -6.37 -37.32 3.16
CA GLY A 286 -5.47 -38.45 2.91
C GLY A 286 -4.01 -38.18 3.29
N LYS A 287 -3.62 -36.92 3.49
CA LYS A 287 -2.20 -36.48 3.48
C LYS A 287 -1.45 -36.93 4.74
N SER A 288 -2.14 -37.22 5.86
CA SER A 288 -1.50 -37.56 7.17
C SER A 288 -1.40 -39.08 7.39
N GLY A 289 -2.27 -39.86 6.75
CA GLY A 289 -2.36 -41.32 6.94
C GLY A 289 -3.18 -41.71 8.17
N MET A 290 -3.58 -40.74 9.00
CA MET A 290 -4.34 -40.96 10.25
C MET A 290 -5.82 -40.59 10.04
N GLY A 291 -6.25 -40.43 8.79
CA GLY A 291 -7.65 -40.10 8.44
C GLY A 291 -7.96 -38.66 8.81
N PRO A 292 -9.24 -38.23 8.70
CA PRO A 292 -9.63 -36.83 8.94
C PRO A 292 -9.03 -36.17 10.19
N ARG A 293 -8.90 -36.90 11.30
CA ARG A 293 -8.37 -36.34 12.58
C ARG A 293 -6.94 -35.83 12.36
N GLY A 294 -6.06 -36.68 11.83
CA GLY A 294 -4.66 -36.31 11.51
C GLY A 294 -4.62 -35.23 10.44
N ASP A 295 -5.49 -35.33 9.43
CA ASP A 295 -5.57 -34.39 8.30
C ASP A 295 -5.89 -32.98 8.83
N CYS A 296 -6.66 -32.91 9.92
CA CYS A 296 -7.11 -31.63 10.52
C CYS A 296 -6.00 -31.02 11.39
N LEU A 297 -5.01 -31.83 11.81
CA LEU A 297 -3.79 -31.32 12.47
C LEU A 297 -2.90 -30.64 11.42
N LEU A 298 -2.80 -31.23 10.22
CA LEU A 298 -2.07 -30.62 9.07
C LEU A 298 -2.78 -29.33 8.63
N GLU A 299 -4.12 -29.31 8.66
CA GLU A 299 -4.96 -28.14 8.30
C GLU A 299 -4.72 -27.03 9.33
N PHE A 300 -4.60 -27.39 10.60
CA PHE A 300 -4.21 -26.47 11.69
C PHE A 300 -2.83 -25.90 11.37
N ASP A 301 -1.85 -26.76 11.12
CA ASP A 301 -0.46 -26.35 10.79
C ASP A 301 -0.46 -25.40 9.59
N TRP A 302 -1.36 -25.62 8.62
CA TRP A 302 -1.51 -24.70 7.46
C TRP A 302 -1.94 -23.33 7.95
N SER A 303 -3.02 -23.26 8.75
CA SER A 303 -3.56 -22.01 9.33
C SER A 303 -2.45 -21.25 10.08
N VAL A 304 -1.62 -21.98 10.84
CA VAL A 304 -0.48 -21.37 11.58
C VAL A 304 0.43 -20.70 10.56
N GLY A 305 0.74 -21.42 9.47
CA GLY A 305 1.56 -20.91 8.34
C GLY A 305 1.03 -19.60 7.79
N GLU A 306 -0.28 -19.53 7.52
CA GLU A 306 -0.95 -18.33 6.98
C GLU A 306 -0.73 -17.11 7.90
N ILE A 307 -0.84 -17.31 9.23
CA ILE A 307 -0.71 -16.21 10.23
C ILE A 307 0.76 -15.75 10.26
N LEU A 308 1.69 -16.67 10.48
CA LEU A 308 3.14 -16.37 10.57
C LEU A 308 3.61 -15.64 9.31
N ASN A 309 3.12 -16.05 8.14
CA ASN A 309 3.52 -15.47 6.82
C ASN A 309 2.96 -14.05 6.66
N ALA A 310 1.70 -13.83 7.06
CA ALA A 310 1.04 -12.51 7.02
C ALA A 310 1.88 -11.51 7.83
N LEU A 311 2.26 -11.89 9.06
CA LEU A 311 3.09 -11.05 9.97
C LEU A 311 4.47 -10.79 9.33
N GLU A 312 5.05 -11.77 8.63
CA GLU A 312 6.42 -11.67 8.05
C GLU A 312 6.40 -10.79 6.81
N ARG A 313 5.44 -11.00 5.90
CA ARG A 313 5.14 -10.15 4.72
C ARG A 313 5.15 -8.66 5.11
N LEU A 314 4.46 -8.31 6.21
CA LEU A 314 4.10 -6.91 6.57
C LEU A 314 5.13 -6.32 7.54
N GLY A 315 6.14 -7.10 7.94
CA GLY A 315 7.19 -6.68 8.90
C GLY A 315 6.66 -6.58 10.31
N LEU A 316 5.52 -7.20 10.59
CA LEU A 316 4.81 -7.16 11.90
C LEU A 316 5.50 -8.08 12.92
N ASP A 317 6.45 -8.90 12.48
CA ASP A 317 7.20 -9.84 13.35
C ASP A 317 8.20 -9.07 14.23
N LYS A 318 8.44 -7.78 13.96
CA LYS A 318 9.26 -6.87 14.81
C LYS A 318 8.54 -6.59 16.15
N ASN A 319 7.21 -6.43 16.16
CA ASN A 319 6.43 -5.92 17.32
C ASN A 319 5.16 -6.76 17.56
N THR A 320 5.25 -8.10 17.46
CA THR A 320 4.08 -9.00 17.64
C THR A 320 4.43 -10.17 18.55
N LEU A 321 3.62 -10.36 19.61
CA LEU A 321 3.61 -11.56 20.49
C LEU A 321 2.65 -12.57 19.85
N VAL A 322 3.13 -13.75 19.47
CA VAL A 322 2.29 -14.86 18.92
C VAL A 322 2.18 -15.94 20.00
N ILE A 323 0.95 -16.34 20.33
CA ILE A 323 0.65 -17.38 21.36
C ILE A 323 -0.13 -18.51 20.68
N LEU A 324 0.45 -19.70 20.65
CA LEU A 324 -0.22 -20.93 20.16
C LEU A 324 -0.55 -21.82 21.36
N SER A 325 -1.78 -22.33 21.40
CA SER A 325 -2.24 -23.28 22.43
C SER A 325 -3.54 -23.96 21.98
N SER A 326 -4.09 -24.78 22.88
CA SER A 326 -5.31 -25.59 22.69
C SER A 326 -6.26 -25.32 23.86
N ASP A 327 -7.57 -25.45 23.64
CA ASP A 327 -8.61 -25.18 24.66
C ASP A 327 -8.62 -26.33 25.68
N ASN A 328 -8.23 -27.54 25.27
CA ASN A 328 -8.21 -28.74 26.15
C ASN A 328 -7.47 -29.89 25.45
N GLY A 329 -7.38 -31.03 26.13
CA GLY A 329 -6.62 -32.20 25.66
C GLY A 329 -7.30 -32.93 24.52
N PRO A 330 -6.70 -34.06 24.07
CA PRO A 330 -7.14 -34.77 22.87
C PRO A 330 -8.23 -35.82 23.10
N VAL A 331 -9.01 -36.08 22.06
CA VAL A 331 -10.00 -37.20 21.97
C VAL A 331 -9.81 -37.85 20.60
N VAL A 332 -9.89 -39.18 20.53
CA VAL A 332 -9.80 -39.94 19.25
C VAL A 332 -11.21 -39.97 18.61
N ASP A 333 -12.11 -40.85 19.06
CA ASP A 333 -13.54 -40.89 18.63
C ASP A 333 -14.34 -39.93 19.51
N ASP A 334 -14.80 -38.80 18.95
CA ASP A 334 -15.61 -37.79 19.69
C ASP A 334 -17.00 -37.67 19.06
N GLY A 335 -17.45 -38.71 18.36
CA GLY A 335 -18.89 -38.89 18.04
C GLY A 335 -19.19 -39.12 16.57
N TYR A 336 -18.19 -39.32 15.71
CA TYR A 336 -18.38 -39.66 14.28
C TYR A 336 -17.51 -40.87 13.90
N LYS A 337 -18.01 -41.68 12.97
CA LYS A 337 -17.24 -42.77 12.32
C LYS A 337 -16.34 -42.15 11.26
N ASP A 338 -15.15 -41.70 11.67
CA ASP A 338 -14.19 -40.91 10.85
C ASP A 338 -12.79 -41.56 10.88
N GLN A 339 -12.72 -42.85 11.17
CA GLN A 339 -11.49 -43.69 11.06
C GLN A 339 -10.42 -43.25 12.09
N ALA A 340 -10.77 -42.38 13.04
CA ALA A 340 -9.80 -41.81 14.01
C ALA A 340 -9.10 -42.94 14.78
N VAL A 341 -9.86 -43.94 15.22
CA VAL A 341 -9.34 -45.09 16.03
C VAL A 341 -8.51 -46.01 15.11
N GLU A 342 -9.09 -46.40 13.97
CA GLU A 342 -8.56 -47.41 13.03
C GLU A 342 -7.19 -46.96 12.48
N LEU A 343 -6.98 -45.65 12.28
CA LEU A 343 -5.78 -45.11 11.56
C LEU A 343 -4.86 -44.33 12.51
N LEU A 344 -5.09 -44.40 13.83
CA LEU A 344 -4.23 -43.71 14.83
C LEU A 344 -2.80 -44.27 14.75
N GLY A 345 -2.64 -45.58 14.55
CA GLY A 345 -1.31 -46.24 14.64
C GLY A 345 -0.71 -45.99 16.02
N ASP A 346 0.59 -45.67 16.09
CA ASP A 346 1.32 -45.48 17.38
C ASP A 346 1.36 -44.00 17.75
N HIS A 347 0.55 -43.17 17.08
CA HIS A 347 0.40 -41.72 17.39
C HIS A 347 -0.26 -41.56 18.78
N THR A 348 0.39 -40.82 19.68
CA THR A 348 -0.04 -40.57 21.08
C THR A 348 -0.46 -39.10 21.21
N PRO A 349 -1.77 -38.78 21.05
CA PRO A 349 -2.24 -37.40 21.12
C PRO A 349 -1.89 -36.70 22.45
N GLY A 350 -1.94 -37.45 23.55
CA GLY A 350 -1.68 -36.93 24.90
C GLY A 350 -0.22 -37.04 25.30
N GLY A 351 0.67 -37.31 24.34
CA GLY A 351 2.10 -37.62 24.61
C GLY A 351 2.19 -38.81 25.55
N ILE A 352 2.97 -38.68 26.63
CA ILE A 352 3.16 -39.79 27.62
C ILE A 352 2.08 -39.70 28.71
N TYR A 353 1.24 -38.67 28.70
CA TYR A 353 0.33 -38.33 29.82
C TYR A 353 -0.95 -39.14 29.71
N ARG A 354 -1.57 -39.42 30.87
CA ARG A 354 -2.74 -40.31 31.01
C ARG A 354 -4.02 -39.52 30.74
N GLY A 355 -5.05 -40.24 30.26
CA GLY A 355 -6.39 -39.69 29.99
C GLY A 355 -6.40 -38.90 28.69
N GLY A 356 -7.20 -37.83 28.66
CA GLY A 356 -7.38 -36.94 27.50
C GLY A 356 -8.48 -35.95 27.77
N LYS A 357 -9.19 -35.52 26.72
CA LYS A 357 -10.37 -34.62 26.82
C LYS A 357 -11.31 -35.16 27.91
N TYR A 358 -11.89 -34.26 28.71
CA TYR A 358 -12.94 -34.56 29.72
C TYR A 358 -12.33 -35.05 31.05
N SER A 359 -11.05 -35.44 31.08
CA SER A 359 -10.42 -36.19 32.21
C SER A 359 -9.76 -35.25 33.22
N SER A 360 -9.63 -35.70 34.46
CA SER A 360 -8.87 -35.06 35.55
C SER A 360 -7.36 -35.27 35.33
N PHE A 361 -6.98 -36.32 34.61
CA PHE A 361 -5.55 -36.71 34.40
C PHE A 361 -4.88 -35.69 33.48
N GLU A 362 -3.55 -35.64 33.50
CA GLU A 362 -2.73 -34.54 32.91
C GLU A 362 -3.12 -34.28 31.45
N ALA A 363 -3.35 -35.32 30.64
CA ALA A 363 -3.61 -35.19 29.19
C ALA A 363 -4.88 -34.37 28.95
N GLY A 364 -5.76 -34.25 29.95
CA GLY A 364 -6.98 -33.43 29.87
C GLY A 364 -6.69 -31.95 29.72
N THR A 365 -5.61 -31.44 30.32
CA THR A 365 -5.33 -29.97 30.40
C THR A 365 -3.89 -29.62 30.01
N ARG A 366 -2.94 -30.56 29.99
CA ARG A 366 -1.54 -30.27 29.60
C ARG A 366 -1.48 -30.21 28.07
N ILE A 367 -1.31 -29.01 27.53
CA ILE A 367 -1.55 -28.72 26.08
C ILE A 367 -0.28 -28.16 25.45
N PRO A 368 -0.16 -28.23 24.11
CA PRO A 368 0.93 -27.54 23.42
C PRO A 368 0.78 -26.04 23.71
N CYS A 369 1.89 -25.38 24.04
CA CYS A 369 1.89 -23.91 24.27
C CYS A 369 3.24 -23.33 23.83
N ILE A 370 3.18 -22.30 22.99
CA ILE A 370 4.37 -21.54 22.51
C ILE A 370 4.06 -20.05 22.64
N TRP A 371 5.02 -19.29 23.17
CA TRP A 371 5.07 -17.80 23.11
C TRP A 371 6.27 -17.41 22.25
N SER A 372 6.05 -16.57 21.24
CA SER A 372 7.09 -16.03 20.33
C SER A 372 6.98 -14.51 20.29
N TRP A 373 8.07 -13.83 20.60
CA TRP A 373 8.13 -12.35 20.68
C TRP A 373 9.56 -11.89 20.39
N GLN A 374 9.82 -11.54 19.12
CA GLN A 374 11.15 -11.23 18.57
C GLN A 374 11.80 -10.11 19.39
N GLY A 375 13.01 -10.36 19.91
CA GLY A 375 13.81 -9.35 20.66
C GLY A 375 13.49 -9.34 22.13
N VAL A 376 12.47 -10.09 22.57
CA VAL A 376 12.06 -10.21 24.00
C VAL A 376 12.32 -11.65 24.47
N ILE A 377 11.81 -12.64 23.73
CA ILE A 377 11.87 -14.09 24.06
C ILE A 377 13.02 -14.73 23.28
N ARG A 378 13.94 -15.38 23.97
CA ARG A 378 15.07 -16.11 23.34
C ARG A 378 14.48 -17.21 22.45
N PRO A 379 14.84 -17.28 21.15
CA PRO A 379 14.32 -18.34 20.27
C PRO A 379 14.86 -19.73 20.64
N GLY A 380 14.07 -20.79 20.38
CA GLY A 380 14.46 -22.20 20.59
C GLY A 380 14.60 -22.56 22.07
N THR A 381 13.86 -21.86 22.94
CA THR A 381 13.90 -21.99 24.42
C THR A 381 12.81 -22.99 24.87
N VAL A 382 12.99 -23.60 26.03
CA VAL A 382 12.02 -24.55 26.66
C VAL A 382 11.85 -24.15 28.13
N SER A 383 10.63 -24.18 28.66
CA SER A 383 10.33 -23.89 30.08
C SER A 383 9.46 -25.01 30.69
N ASP A 384 9.86 -25.52 31.85
CA ASP A 384 9.16 -26.58 32.64
C ASP A 384 8.33 -25.91 33.75
N ALA A 385 8.15 -24.60 33.69
CA ALA A 385 7.34 -23.81 34.64
C ALA A 385 5.89 -24.30 34.62
N LEU A 386 5.29 -24.42 35.80
CA LEU A 386 3.84 -24.69 36.00
C LEU A 386 3.05 -23.43 35.62
N LEU A 387 2.45 -23.43 34.44
CA LEU A 387 1.72 -22.27 33.88
C LEU A 387 0.29 -22.68 33.53
N CYS A 388 -0.60 -21.70 33.39
CA CYS A 388 -2.04 -21.87 33.05
C CYS A 388 -2.52 -20.68 32.22
N GLN A 389 -3.40 -20.93 31.24
CA GLN A 389 -3.95 -19.92 30.32
C GLN A 389 -4.74 -18.85 31.09
N ILE A 390 -5.16 -19.15 32.32
CA ILE A 390 -5.94 -18.22 33.19
C ILE A 390 -5.05 -17.03 33.61
N ASP A 391 -3.73 -17.13 33.49
CA ASP A 391 -2.78 -16.10 33.98
C ASP A 391 -2.45 -15.09 32.89
N TRP A 392 -2.87 -15.34 31.64
CA TRP A 392 -2.56 -14.44 30.50
C TRP A 392 -3.17 -13.06 30.74
N PHE A 393 -4.43 -13.01 31.18
CA PHE A 393 -5.19 -11.77 31.49
C PHE A 393 -4.31 -10.85 32.34
N ALA A 394 -3.92 -11.32 33.54
CA ALA A 394 -3.08 -10.58 34.51
C ALA A 394 -1.71 -10.31 33.91
N THR A 395 -1.13 -11.30 33.22
CA THR A 395 0.21 -11.19 32.59
C THR A 395 0.20 -10.06 31.56
N PHE A 396 -0.90 -9.84 30.84
CA PHE A 396 -1.00 -8.75 29.82
C PHE A 396 -1.20 -7.39 30.50
N ALA A 397 -1.82 -7.36 31.69
CA ALA A 397 -1.92 -6.15 32.53
C ALA A 397 -0.50 -5.74 32.97
N GLU A 398 0.32 -6.71 33.40
CA GLU A 398 1.73 -6.50 33.81
C GLU A 398 2.49 -5.92 32.61
N MET A 399 2.33 -6.53 31.44
CA MET A 399 2.98 -6.14 30.15
C MET A 399 2.57 -4.70 29.79
N LEU A 400 1.27 -4.41 29.80
CA LEU A 400 0.69 -3.08 29.41
C LEU A 400 0.93 -2.06 30.53
N ASN A 401 1.39 -2.52 31.70
CA ASN A 401 1.65 -1.72 32.92
C ASN A 401 0.38 -0.95 33.28
N VAL A 402 -0.76 -1.62 33.25
CA VAL A 402 -2.11 -1.03 33.56
C VAL A 402 -2.68 -1.76 34.79
N ARG A 403 -3.30 -1.02 35.70
CA ARG A 403 -3.94 -1.56 36.93
C ARG A 403 -5.34 -2.08 36.57
N LEU A 404 -5.62 -3.35 36.87
CA LEU A 404 -6.94 -4.00 36.61
C LEU A 404 -8.01 -3.45 37.55
N PRO A 405 -9.22 -3.14 37.06
CA PRO A 405 -10.37 -2.80 37.90
C PRO A 405 -10.62 -3.79 39.04
N GLU A 406 -11.22 -3.28 40.13
CA GLU A 406 -11.73 -4.05 41.29
C GLU A 406 -12.57 -5.22 40.73
N GLY A 407 -12.25 -6.46 41.14
CA GLY A 407 -13.05 -7.66 40.86
C GLY A 407 -12.62 -8.39 39.60
N ALA A 408 -11.88 -7.72 38.70
CA ALA A 408 -11.46 -8.23 37.38
C ALA A 408 -10.40 -9.32 37.56
N ALA A 409 -10.45 -10.34 36.72
CA ALA A 409 -9.43 -11.42 36.58
C ALA A 409 -8.98 -11.89 37.97
N PRO A 410 -9.94 -12.29 38.83
CA PRO A 410 -9.66 -12.55 40.26
C PRO A 410 -8.68 -13.71 40.55
N ASP A 411 -8.68 -14.76 39.71
CA ASP A 411 -7.81 -15.96 39.86
C ASP A 411 -6.57 -15.85 38.96
N SER A 412 -6.43 -14.77 38.18
CA SER A 412 -5.32 -14.56 37.20
C SER A 412 -4.05 -14.06 37.93
N GLU A 413 -2.99 -14.86 37.97
CA GLU A 413 -1.70 -14.53 38.64
C GLU A 413 -0.71 -14.01 37.59
N PRO A 414 -0.24 -12.74 37.69
CA PRO A 414 0.65 -12.19 36.67
C PRO A 414 2.04 -12.80 36.78
N MET A 415 2.67 -13.11 35.64
CA MET A 415 4.04 -13.70 35.58
C MET A 415 4.60 -13.60 34.15
N LEU A 416 4.76 -12.36 33.66
CA LEU A 416 5.39 -12.03 32.36
C LEU A 416 6.79 -12.67 32.27
N LYS A 417 7.53 -12.72 33.37
CA LYS A 417 8.93 -13.25 33.39
C LYS A 417 8.90 -14.76 33.06
N ALA A 418 7.93 -15.49 33.60
CA ALA A 418 7.78 -16.94 33.36
C ALA A 418 7.31 -17.18 31.91
N TRP A 419 6.31 -16.43 31.46
CA TRP A 419 5.70 -16.59 30.11
C TRP A 419 6.65 -16.14 28.98
N THR A 420 7.72 -15.40 29.31
CA THR A 420 8.75 -14.93 28.32
C THR A 420 10.03 -15.74 28.51
N GLY A 421 9.99 -16.80 29.32
CA GLY A 421 11.05 -17.82 29.43
C GLY A 421 12.24 -17.33 30.22
N LYS A 422 12.12 -16.24 30.98
CA LYS A 422 13.23 -15.57 31.70
C LYS A 422 13.29 -16.03 33.16
N GLN A 423 12.50 -17.04 33.54
CA GLN A 423 12.33 -17.49 34.95
C GLN A 423 11.77 -18.91 34.97
N LYS A 424 12.41 -19.82 35.71
CA LYS A 424 12.04 -21.27 35.76
C LYS A 424 10.70 -21.46 36.50
N LYS A 425 10.49 -20.69 37.58
CA LYS A 425 9.37 -20.86 38.55
C LYS A 425 8.10 -20.21 37.98
N GLY A 426 7.04 -20.99 37.81
CA GLY A 426 5.71 -20.51 37.35
C GLY A 426 4.79 -20.26 38.54
N ARG A 427 3.61 -20.89 38.54
CA ARG A 427 2.66 -20.87 39.69
C ARG A 427 3.22 -21.73 40.81
N GLU A 428 2.81 -21.43 42.04
CA GLU A 428 3.10 -22.27 43.24
C GLU A 428 1.98 -23.31 43.40
N TRP A 429 0.74 -22.94 43.11
CA TRP A 429 -0.46 -23.83 43.16
C TRP A 429 -1.35 -23.59 41.95
N LEU A 430 -1.96 -24.64 41.41
CA LEU A 430 -2.87 -24.59 40.23
C LEU A 430 -4.04 -25.54 40.46
N VAL A 431 -5.26 -25.03 40.37
CA VAL A 431 -6.50 -25.86 40.42
C VAL A 431 -6.98 -26.11 38.99
N LEU A 432 -7.06 -27.39 38.62
CA LEU A 432 -7.58 -27.87 37.31
C LEU A 432 -8.94 -28.53 37.52
N GLN A 433 -9.75 -28.54 36.46
CA GLN A 433 -11.16 -28.99 36.48
C GLN A 433 -11.34 -30.01 35.36
N ASN A 434 -12.27 -30.95 35.51
CA ASN A 434 -12.61 -31.97 34.49
C ASN A 434 -14.06 -31.79 34.05
N ALA A 435 -14.60 -32.72 33.28
CA ALA A 435 -15.94 -32.60 32.62
C ALA A 435 -17.07 -32.72 33.63
N GLN A 436 -16.82 -33.41 34.76
N GLN A 436 -16.83 -33.41 34.77
CA GLN A 436 -17.78 -33.58 35.90
CA GLN A 436 -17.78 -33.58 35.90
C GLN A 436 -17.52 -32.50 36.97
C GLN A 436 -17.53 -32.50 36.96
N ASN A 437 -16.67 -31.52 36.67
CA ASN A 437 -16.38 -30.35 37.54
C ASN A 437 -15.73 -30.78 38.86
N ASN A 438 -15.08 -31.95 38.89
CA ASN A 438 -14.19 -32.37 40.01
C ASN A 438 -12.86 -31.64 39.84
N LEU A 439 -12.21 -31.30 40.95
CA LEU A 439 -11.00 -30.45 40.95
C LEU A 439 -9.79 -31.31 41.29
N SER A 440 -8.61 -30.89 40.82
CA SER A 440 -7.28 -31.35 41.26
C SER A 440 -6.42 -30.13 41.60
N VAL A 441 -5.42 -30.28 42.47
CA VAL A 441 -4.46 -29.19 42.80
C VAL A 441 -3.05 -29.74 42.64
N THR A 442 -2.14 -28.94 42.09
CA THR A 442 -0.73 -29.33 41.84
C THR A 442 0.20 -28.14 42.15
N ASP A 443 1.42 -28.45 42.60
CA ASP A 443 2.51 -27.48 42.87
C ASP A 443 3.58 -27.62 41.78
N GLY A 444 3.26 -28.37 40.71
CA GLY A 444 4.19 -28.67 39.60
C GLY A 444 4.80 -30.05 39.74
N ARG A 445 4.70 -30.66 40.93
CA ARG A 445 5.41 -31.91 41.32
C ARG A 445 4.39 -32.94 41.81
N TRP A 446 3.63 -32.60 42.86
CA TRP A 446 2.52 -33.42 43.39
C TRP A 446 1.20 -32.96 42.77
N LYS A 447 0.28 -33.91 42.56
CA LYS A 447 -1.10 -33.66 42.08
C LYS A 447 -2.07 -34.46 42.93
N TYR A 448 -3.01 -33.78 43.60
CA TYR A 448 -4.10 -34.37 44.43
C TYR A 448 -5.41 -34.19 43.68
N LEU A 449 -6.11 -35.30 43.39
CA LEU A 449 -7.48 -35.29 42.80
C LEU A 449 -8.48 -35.44 43.94
N ARG A 450 -9.28 -34.41 44.18
CA ARG A 450 -10.33 -34.40 45.24
C ARG A 450 -11.39 -35.44 44.90
N PRO A 451 -11.76 -36.32 45.85
CA PRO A 451 -12.89 -37.24 45.66
C PRO A 451 -14.14 -36.53 45.11
N GLY A 452 -14.90 -37.23 44.27
CA GLY A 452 -16.12 -36.70 43.62
C GLY A 452 -16.89 -37.74 42.84
N ASN A 453 -18.12 -37.40 42.44
CA ASN A 453 -19.01 -38.26 41.63
C ASN A 453 -18.54 -38.28 40.18
N GLY A 454 -19.07 -39.25 39.41
CA GLY A 454 -18.79 -39.43 37.98
C GLY A 454 -18.18 -40.79 37.69
N PRO A 455 -18.35 -41.29 36.45
CA PRO A 455 -17.77 -42.57 36.04
C PRO A 455 -16.24 -42.50 35.95
N ALA A 456 -15.58 -43.65 36.13
CA ALA A 456 -14.11 -43.80 36.07
C ALA A 456 -13.66 -43.79 34.60
N TYR A 457 -14.56 -44.19 33.69
CA TYR A 457 -14.26 -44.45 32.25
C TYR A 457 -15.50 -44.10 31.41
N LEU A 458 -15.28 -43.52 30.23
CA LEU A 458 -16.32 -43.34 29.17
C LEU A 458 -15.96 -44.26 28.00
N LYS A 459 -16.76 -45.28 27.73
CA LYS A 459 -16.51 -46.26 26.62
C LYS A 459 -16.65 -45.56 25.26
N ALA A 460 -17.70 -44.74 25.09
CA ALA A 460 -18.05 -44.03 23.83
C ALA A 460 -16.83 -43.28 23.29
N VAL A 461 -16.03 -42.69 24.18
CA VAL A 461 -14.91 -41.76 23.87
C VAL A 461 -13.57 -42.44 24.23
N ASN A 462 -13.62 -43.59 24.91
CA ASN A 462 -12.45 -44.40 25.35
C ASN A 462 -11.45 -43.50 26.09
N ILE A 463 -11.89 -42.82 27.14
CA ILE A 463 -11.02 -41.95 27.99
C ILE A 463 -11.26 -42.30 29.46
N GLU A 464 -10.16 -42.49 30.21
CA GLU A 464 -10.16 -42.56 31.69
C GLU A 464 -10.34 -41.14 32.23
N LEU A 465 -11.40 -40.91 33.02
CA LEU A 465 -11.84 -39.56 33.49
C LEU A 465 -11.19 -39.21 34.84
N GLY A 466 -10.77 -40.20 35.63
CA GLY A 466 -10.05 -39.97 36.91
C GLY A 466 -10.99 -39.69 38.07
N ASN A 467 -12.29 -39.65 37.83
CA ASN A 467 -13.35 -39.56 38.88
C ASN A 467 -13.22 -40.77 39.80
N SER A 468 -13.21 -40.53 41.11
CA SER A 468 -13.07 -41.57 42.15
C SER A 468 -13.64 -41.08 43.48
N LYS A 469 -14.18 -42.01 44.26
CA LYS A 469 -14.69 -41.77 45.63
C LYS A 469 -13.48 -41.75 46.58
N GLU A 470 -12.37 -42.37 46.17
CA GLU A 470 -11.09 -42.43 46.93
C GLU A 470 -10.25 -41.19 46.61
N PRO A 471 -9.55 -40.62 47.62
CA PRO A 471 -8.55 -39.58 47.34
C PRO A 471 -7.43 -40.14 46.47
N GLN A 472 -6.86 -39.32 45.60
CA GLN A 472 -5.75 -39.69 44.67
C GLN A 472 -4.60 -38.70 44.84
N LEU A 473 -3.37 -39.20 44.96
CA LEU A 473 -2.12 -38.39 44.99
C LEU A 473 -1.09 -39.04 44.05
N TYR A 474 -0.49 -38.23 43.16
CA TYR A 474 0.48 -38.68 42.14
C TYR A 474 1.71 -37.78 42.19
N ASP A 475 2.91 -38.38 42.23
CA ASP A 475 4.20 -37.68 42.05
C ASP A 475 4.48 -37.60 40.54
N LEU A 476 4.17 -36.47 39.91
CA LEU A 476 4.25 -36.27 38.43
C LEU A 476 5.70 -36.33 37.93
N LYS A 477 6.69 -36.16 38.81
CA LYS A 477 8.13 -36.22 38.46
C LYS A 477 8.58 -37.69 38.40
N LYS A 478 8.26 -38.49 39.43
CA LYS A 478 8.62 -39.94 39.47
C LYS A 478 7.63 -40.75 38.64
N ASP A 479 6.40 -40.24 38.45
CA ASP A 479 5.27 -40.99 37.86
C ASP A 479 4.37 -40.06 37.03
N PRO A 480 4.86 -39.55 35.88
CA PRO A 480 4.09 -38.60 35.07
C PRO A 480 2.88 -39.25 34.36
N LYS A 481 2.90 -40.57 34.18
CA LYS A 481 1.78 -41.34 33.58
C LYS A 481 0.65 -41.52 34.60
N GLU A 482 0.81 -41.01 35.82
CA GLU A 482 -0.22 -41.09 36.89
C GLU A 482 -0.69 -42.54 37.03
N LYS A 483 0.24 -43.50 37.05
CA LYS A 483 -0.05 -44.96 37.17
C LYS A 483 -0.24 -45.34 38.64
N ASN A 484 0.52 -44.72 39.56
CA ASN A 484 0.74 -45.22 40.95
C ASN A 484 0.22 -44.19 41.95
N ASN A 485 -1.03 -44.38 42.40
CA ASN A 485 -1.71 -43.56 43.45
C ASN A 485 -1.02 -43.81 44.80
N VAL A 486 -0.46 -42.78 45.41
CA VAL A 486 0.35 -42.88 46.67
C VAL A 486 -0.28 -42.03 47.78
N ALA A 487 -1.60 -41.79 47.74
CA ALA A 487 -2.36 -41.06 48.77
C ALA A 487 -2.19 -41.78 50.12
N GLY A 488 -2.37 -43.10 50.12
CA GLY A 488 -2.25 -43.97 51.31
C GLY A 488 -0.91 -43.82 52.00
N GLN A 489 0.17 -43.71 51.23
CA GLN A 489 1.59 -43.71 51.72
C GLN A 489 2.03 -42.29 52.12
N ASN A 490 1.16 -41.29 52.00
CA ASN A 490 1.49 -39.86 52.26
C ASN A 490 0.30 -39.14 52.90
N PRO A 491 -0.16 -39.57 54.10
CA PRO A 491 -1.32 -38.96 54.74
C PRO A 491 -1.16 -37.46 54.98
N GLU A 492 0.00 -37.05 55.51
CA GLU A 492 0.29 -35.64 55.90
C GLU A 492 0.25 -34.75 54.64
N LEU A 493 0.75 -35.26 53.51
CA LEU A 493 0.82 -34.51 52.22
C LEU A 493 -0.59 -34.38 51.64
N VAL A 494 -1.39 -35.45 51.72
CA VAL A 494 -2.81 -35.46 51.24
C VAL A 494 -3.57 -34.36 52.00
N LYS A 495 -3.43 -34.31 53.32
CA LYS A 495 -4.09 -33.32 54.22
C LYS A 495 -3.69 -31.91 53.80
N LYS A 496 -2.39 -31.65 53.66
CA LYS A 496 -1.80 -30.34 53.27
C LYS A 496 -2.45 -29.85 51.98
N MET A 497 -2.64 -30.74 51.01
CA MET A 497 -3.05 -30.39 49.62
C MET A 497 -4.57 -30.38 49.48
N ALA A 498 -5.29 -31.23 50.21
CA ALA A 498 -6.76 -31.14 50.37
C ALA A 498 -7.10 -29.75 50.90
N ALA A 499 -6.40 -29.32 51.96
CA ALA A 499 -6.61 -28.02 52.66
C ALA A 499 -6.30 -26.86 51.71
N GLN A 500 -5.19 -26.98 50.97
CA GLN A 500 -4.72 -25.96 50.00
C GLN A 500 -5.76 -25.80 48.87
N LEU A 501 -6.36 -26.89 48.42
CA LEU A 501 -7.44 -26.87 47.38
C LEU A 501 -8.62 -26.06 47.92
N GLU A 502 -9.08 -26.35 49.14
CA GLU A 502 -10.28 -25.70 49.74
C GLU A 502 -9.98 -24.23 49.96
N LYS A 503 -8.74 -23.90 50.37
CA LYS A 503 -8.29 -22.50 50.56
C LYS A 503 -8.57 -21.71 49.29
N ILE A 504 -8.19 -22.27 48.13
CA ILE A 504 -8.34 -21.63 46.80
C ILE A 504 -9.81 -21.69 46.36
N VAL A 505 -10.56 -22.74 46.72
CA VAL A 505 -12.02 -22.84 46.39
C VAL A 505 -12.78 -21.73 47.12
N ASP A 506 -12.33 -21.36 48.32
CA ASP A 506 -13.10 -20.51 49.29
C ASP A 506 -14.38 -21.30 49.58
N GLY A 507 -15.55 -20.67 49.50
CA GLY A 507 -16.82 -21.41 49.32
C GLY A 507 -17.41 -21.16 47.95
N ARG A 508 -16.60 -20.61 47.03
CA ARG A 508 -17.06 -20.06 45.72
C ARG A 508 -16.89 -21.14 44.65
N TYR A 509 -17.86 -22.07 44.62
CA TYR A 509 -17.95 -23.23 43.72
C TYR A 509 -19.40 -23.40 43.26
N GLY A 510 -19.62 -23.45 41.94
CA GLY A 510 -20.93 -23.70 41.33
C GLY A 510 -21.98 -22.66 41.70
N LEU A 511 -21.56 -21.41 41.93
CA LEU A 511 -22.46 -20.28 42.28
C LEU A 511 -23.21 -19.82 41.03
N PRO A 512 -24.33 -19.08 41.14
CA PRO A 512 -25.02 -18.56 39.97
C PRO A 512 -24.23 -17.51 39.18
N LEU A 513 -24.31 -17.59 37.84
CA LEU A 513 -23.88 -16.55 36.88
C LEU A 513 -24.69 -15.26 37.15
N GLN B 27 19.70 0.90 2.31
CA GLN B 27 20.42 0.77 0.99
C GLN B 27 21.76 0.05 1.18
N ARG B 28 22.00 -0.52 2.37
CA ARG B 28 23.08 -1.50 2.62
C ARG B 28 22.46 -2.72 3.30
N PRO B 29 21.58 -3.48 2.60
CA PRO B 29 20.91 -4.63 3.17
C PRO B 29 21.80 -5.89 3.11
N ASN B 30 21.45 -6.91 3.88
CA ASN B 30 22.08 -8.26 3.74
C ASN B 30 21.61 -8.85 2.42
N VAL B 31 22.47 -9.62 1.76
CA VAL B 31 22.15 -10.33 0.48
C VAL B 31 22.41 -11.83 0.69
N VAL B 32 21.35 -12.63 0.56
CA VAL B 32 21.38 -14.11 0.69
C VAL B 32 20.88 -14.70 -0.64
N PHE B 33 21.76 -15.43 -1.33
CA PHE B 33 21.42 -16.24 -2.52
C PHE B 33 21.08 -17.64 -2.04
N ILE B 34 19.91 -18.17 -2.43
CA ILE B 34 19.60 -19.63 -2.36
C ILE B 34 19.60 -20.14 -3.79
N TYR B 35 20.70 -20.78 -4.19
CA TYR B 35 21.06 -21.07 -5.60
C TYR B 35 21.02 -22.58 -5.83
N ALA B 36 20.00 -23.04 -6.54
CA ALA B 36 19.69 -24.47 -6.80
C ALA B 36 20.53 -25.01 -7.95
N ASP B 37 20.55 -26.33 -8.12
CA ASP B 37 21.29 -27.04 -9.19
C ASP B 37 20.26 -27.81 -10.03
N ASP B 38 20.14 -27.49 -11.32
CA ASP B 38 19.36 -28.26 -12.34
C ASP B 38 17.86 -28.16 -12.02
N ILE B 39 17.40 -27.11 -11.34
CA ILE B 39 15.96 -26.94 -10.99
C ILE B 39 15.31 -26.05 -12.05
N GLY B 40 14.38 -26.63 -12.82
CA GLY B 40 13.77 -26.02 -14.02
C GLY B 40 12.57 -25.13 -13.68
N TYR B 41 12.04 -24.43 -14.67
CA TYR B 41 10.96 -23.43 -14.53
C TYR B 41 9.74 -24.07 -13.89
N GLY B 42 9.43 -25.33 -14.24
CA GLY B 42 8.24 -26.06 -13.76
C GLY B 42 8.54 -27.03 -12.63
N ASP B 43 9.73 -26.98 -12.01
CA ASP B 43 10.16 -27.93 -10.94
C ASP B 43 9.70 -27.43 -9.55
N LEU B 44 9.35 -26.15 -9.40
CA LEU B 44 8.87 -25.58 -8.12
C LEU B 44 7.42 -25.10 -8.29
N SER B 45 6.60 -25.21 -7.23
CA SER B 45 5.13 -24.99 -7.30
C SER B 45 4.80 -23.49 -7.42
N CYS B 46 5.78 -22.60 -7.20
CA CYS B 46 5.60 -21.11 -7.28
C CYS B 46 5.23 -20.70 -8.71
N ASN B 47 5.63 -21.46 -9.73
CA ASN B 47 5.37 -21.17 -11.16
C ASN B 47 4.12 -21.91 -11.68
N GLY B 48 3.36 -22.55 -10.80
CA GLY B 48 2.00 -23.05 -11.10
C GLY B 48 1.86 -24.57 -11.02
N ALA B 49 2.99 -25.29 -10.98
CA ALA B 49 3.02 -26.78 -10.92
C ALA B 49 2.14 -27.29 -9.77
N LYS B 50 1.28 -28.26 -10.04
CA LYS B 50 0.40 -28.93 -9.04
C LYS B 50 0.90 -30.37 -8.80
N THR B 51 2.01 -30.77 -9.43
CA THR B 51 2.57 -32.15 -9.41
C THR B 51 3.59 -32.29 -8.27
N ILE B 52 4.06 -31.16 -7.73
CA ILE B 52 5.04 -31.09 -6.61
C ILE B 52 4.55 -29.97 -5.69
N HIS B 53 4.73 -30.13 -4.37
CA HIS B 53 4.37 -29.08 -3.38
C HIS B 53 5.63 -28.62 -2.65
N THR B 54 6.11 -27.42 -3.00
CA THR B 54 7.26 -26.71 -2.39
C THR B 54 6.71 -25.50 -1.61
N PRO B 55 6.24 -25.71 -0.36
CA PRO B 55 5.55 -24.66 0.39
C PRO B 55 6.41 -23.43 0.74
N ASN B 56 7.68 -23.64 1.11
CA ASN B 56 8.62 -22.56 1.49
C ASN B 56 8.95 -21.68 0.28
N VAL B 57 9.04 -22.27 -0.92
CA VAL B 57 9.31 -21.50 -2.17
C VAL B 57 8.06 -20.65 -2.47
N GLU B 58 6.86 -21.18 -2.23
CA GLU B 58 5.60 -20.40 -2.39
C GLU B 58 5.57 -19.25 -1.38
N ARG B 59 6.03 -19.50 -0.15
CA ARG B 59 6.14 -18.48 0.92
C ARG B 59 6.98 -17.32 0.38
N LEU B 60 8.18 -17.61 -0.13
CA LEU B 60 9.13 -16.62 -0.70
C LEU B 60 8.42 -15.83 -1.82
N ALA B 61 7.75 -16.51 -2.74
CA ALA B 61 7.04 -15.90 -3.89
C ALA B 61 5.97 -14.92 -3.40
N LYS B 62 5.13 -15.33 -2.45
CA LYS B 62 4.01 -14.52 -1.88
C LYS B 62 4.58 -13.45 -0.93
N MET B 63 5.89 -13.46 -0.71
CA MET B 63 6.64 -12.55 0.20
C MET B 63 7.48 -11.55 -0.60
N GLY B 64 7.65 -11.76 -1.92
CA GLY B 64 8.45 -10.90 -2.81
C GLY B 64 7.95 -10.88 -4.25
N VAL B 65 8.86 -10.81 -5.23
CA VAL B 65 8.53 -10.74 -6.69
C VAL B 65 9.08 -11.99 -7.39
N ARG B 66 8.23 -12.62 -8.20
CA ARG B 66 8.50 -13.87 -8.95
C ARG B 66 8.68 -13.50 -10.43
N PHE B 67 9.75 -14.00 -11.08
CA PHE B 67 10.14 -13.67 -12.47
C PHE B 67 9.79 -14.82 -13.42
N THR B 68 9.13 -14.49 -14.53
CA THR B 68 8.63 -15.45 -15.55
C THR B 68 9.55 -15.47 -16.77
N ASN B 69 10.56 -14.60 -16.83
CA ASN B 69 11.48 -14.48 -18.00
C ASN B 69 12.89 -14.10 -17.51
N ALA B 70 13.32 -14.65 -16.37
CA ALA B 70 14.68 -14.51 -15.82
C ALA B 70 15.52 -15.71 -16.26
N HIS B 71 16.77 -15.48 -16.65
CA HIS B 71 17.68 -16.49 -17.27
C HIS B 71 19.00 -16.57 -16.50
N SER B 72 19.54 -17.79 -16.38
CA SER B 72 20.99 -18.03 -16.14
C SER B 72 21.74 -17.70 -17.43
N ALA B 73 22.99 -17.28 -17.32
CA ALA B 73 23.83 -16.91 -18.48
C ALA B 73 23.98 -18.11 -19.43
N ALA B 74 24.02 -19.32 -18.86
CA ALA B 74 24.36 -20.59 -19.55
C ALA B 74 23.39 -21.70 -19.15
N ALA B 75 23.36 -22.77 -19.94
CA ALA B 75 22.52 -23.98 -19.72
C ALA B 75 23.34 -25.06 -19.02
N THR B 76 24.51 -24.72 -18.48
CA THR B 76 25.36 -25.61 -17.64
C THR B 76 25.91 -24.83 -16.45
N SER B 77 26.44 -25.53 -15.45
CA SER B 77 26.78 -25.01 -14.09
C SER B 77 27.89 -23.97 -14.15
N THR B 78 29.10 -24.40 -14.53
CA THR B 78 30.36 -23.63 -14.40
C THR B 78 30.27 -22.31 -15.15
N PRO B 79 29.80 -22.27 -16.42
CA PRO B 79 29.68 -20.99 -17.12
C PRO B 79 28.64 -20.05 -16.46
N SER B 80 27.48 -20.58 -16.06
CA SER B 80 26.43 -19.79 -15.38
C SER B 80 26.99 -19.14 -14.10
N ARG B 81 27.72 -19.92 -13.32
CA ARG B 81 28.29 -19.49 -12.00
C ARG B 81 29.43 -18.49 -12.25
N TYR B 82 30.27 -18.75 -13.25
CA TYR B 82 31.36 -17.83 -13.68
C TYR B 82 30.76 -16.49 -14.10
N ALA B 83 29.75 -16.51 -14.96
CA ALA B 83 29.03 -15.32 -15.48
C ALA B 83 28.52 -14.46 -14.31
N MET B 84 27.98 -15.12 -13.28
CA MET B 84 27.24 -14.47 -12.17
C MET B 84 28.24 -13.73 -11.27
N LEU B 85 29.32 -14.40 -10.86
CA LEU B 85 30.33 -13.86 -9.90
C LEU B 85 31.27 -12.85 -10.60
N THR B 86 31.47 -12.96 -11.92
CA THR B 86 32.42 -12.09 -12.69
C THR B 86 31.69 -10.97 -13.44
N GLY B 87 30.40 -11.14 -13.75
CA GLY B 87 29.61 -10.21 -14.58
C GLY B 87 30.09 -10.18 -16.02
N GLU B 88 30.77 -11.25 -16.45
CA GLU B 88 31.31 -11.41 -17.83
C GLU B 88 30.71 -12.69 -18.43
N TYR B 89 30.12 -12.60 -19.62
CA TYR B 89 29.66 -13.77 -20.41
C TYR B 89 30.75 -14.85 -20.33
N ALA B 90 30.39 -16.08 -19.94
CA ALA B 90 31.36 -17.20 -19.77
C ALA B 90 32.00 -17.54 -21.12
N TRP B 91 31.23 -17.45 -22.21
CA TRP B 91 31.67 -17.85 -23.57
C TRP B 91 32.80 -16.95 -24.10
N ARG B 92 33.09 -15.83 -23.43
CA ARG B 92 34.21 -14.92 -23.80
C ARG B 92 35.56 -15.57 -23.46
N LYS B 93 35.58 -16.61 -22.62
CA LYS B 93 36.84 -17.23 -22.12
C LYS B 93 36.80 -18.74 -22.32
N ALA B 94 37.86 -19.30 -22.90
CA ALA B 94 38.09 -20.77 -22.97
C ALA B 94 38.47 -21.24 -21.56
N GLY B 95 37.87 -22.34 -21.10
CA GLY B 95 38.13 -22.97 -19.79
C GLY B 95 37.03 -22.69 -18.77
N THR B 96 35.89 -22.11 -19.19
CA THR B 96 34.72 -21.77 -18.32
C THR B 96 33.60 -22.80 -18.50
N GLY B 97 33.86 -23.88 -19.24
CA GLY B 97 32.89 -25.00 -19.39
C GLY B 97 32.85 -25.86 -18.15
N ILE B 98 31.88 -26.77 -18.08
CA ILE B 98 31.70 -27.77 -16.97
C ILE B 98 33.08 -28.20 -16.48
N ALA B 99 33.46 -27.80 -15.27
CA ALA B 99 34.78 -28.05 -14.66
C ALA B 99 34.79 -29.44 -13.99
N ALA B 100 35.96 -30.08 -13.98
CA ALA B 100 36.24 -31.30 -13.19
C ALA B 100 36.46 -30.87 -11.73
N GLY B 101 36.40 -31.83 -10.81
CA GLY B 101 36.75 -31.63 -9.39
C GLY B 101 38.15 -31.08 -9.22
N ASP B 102 39.09 -31.55 -10.06
CA ASP B 102 40.54 -31.22 -9.97
C ASP B 102 40.86 -30.02 -10.86
N ALA B 103 39.84 -29.32 -11.37
CA ALA B 103 40.01 -28.10 -12.18
C ALA B 103 40.66 -27.02 -11.32
N ALA B 104 41.61 -26.29 -11.89
CA ALA B 104 42.29 -25.12 -11.26
C ALA B 104 41.32 -23.95 -11.21
N ALA B 105 41.56 -23.00 -10.30
CA ALA B 105 40.79 -21.75 -10.13
C ALA B 105 40.56 -21.10 -11.50
N ILE B 106 39.31 -21.07 -11.96
CA ILE B 106 38.88 -20.38 -13.21
C ILE B 106 38.87 -18.85 -12.96
N ILE B 107 38.44 -18.42 -11.76
CA ILE B 107 38.46 -16.99 -11.35
C ILE B 107 39.73 -16.75 -10.52
N ARG B 108 40.66 -15.96 -11.08
CA ARG B 108 41.98 -15.66 -10.47
C ARG B 108 41.85 -14.41 -9.61
N PRO B 109 42.66 -14.27 -8.54
CA PRO B 109 42.62 -13.09 -7.67
C PRO B 109 42.80 -11.74 -8.41
N GLU B 110 43.33 -11.73 -9.64
CA GLU B 110 43.44 -10.50 -10.48
C GLU B 110 42.05 -9.96 -10.82
N ARG B 111 41.02 -10.80 -10.79
CA ARG B 111 39.63 -10.48 -11.24
C ARG B 111 38.90 -9.75 -10.12
N TYR B 112 38.01 -8.82 -10.49
CA TYR B 112 37.06 -8.15 -9.56
C TYR B 112 35.74 -8.93 -9.54
N THR B 113 35.44 -9.50 -8.38
CA THR B 113 34.39 -10.52 -8.14
C THR B 113 33.21 -9.85 -7.44
N MET B 114 32.00 -10.40 -7.53
CA MET B 114 30.82 -9.91 -6.78
C MET B 114 31.15 -9.89 -5.28
N ALA B 115 31.81 -10.94 -4.79
CA ALA B 115 32.31 -11.05 -3.40
C ALA B 115 33.21 -9.86 -3.07
N ASN B 116 34.11 -9.48 -3.98
CA ASN B 116 35.02 -8.31 -3.83
C ASN B 116 34.19 -7.04 -3.67
N LEU B 117 33.15 -6.85 -4.51
CA LEU B 117 32.24 -5.67 -4.50
C LEU B 117 31.73 -5.48 -3.08
N PHE B 118 31.17 -6.54 -2.51
CA PHE B 118 30.50 -6.54 -1.19
C PHE B 118 31.55 -6.31 -0.10
N LYS B 119 32.63 -7.09 -0.08
CA LYS B 119 33.71 -7.00 0.94
C LYS B 119 34.26 -5.57 1.00
N ASP B 120 34.50 -4.97 -0.17
CA ASP B 120 35.04 -3.59 -0.32
C ASP B 120 34.01 -2.56 0.17
N ALA B 121 32.71 -2.87 0.06
CA ALA B 121 31.60 -2.02 0.57
C ALA B 121 31.32 -2.31 2.05
N GLY B 122 32.14 -3.14 2.69
CA GLY B 122 32.15 -3.36 4.15
C GLY B 122 31.29 -4.53 4.63
N TYR B 123 30.86 -5.41 3.72
CA TYR B 123 30.11 -6.64 4.07
C TYR B 123 31.08 -7.75 4.50
N ASN B 124 30.60 -8.66 5.35
CA ASN B 124 31.20 -10.00 5.56
C ASN B 124 30.69 -10.90 4.42
N THR B 125 31.54 -11.79 3.92
CA THR B 125 31.22 -12.62 2.74
C THR B 125 31.44 -14.09 3.06
N GLY B 126 30.52 -14.94 2.60
CA GLY B 126 30.56 -16.40 2.78
C GLY B 126 29.99 -17.11 1.58
N VAL B 127 30.58 -18.26 1.23
CA VAL B 127 30.03 -19.20 0.22
C VAL B 127 29.87 -20.55 0.88
N VAL B 128 28.71 -21.16 0.70
CA VAL B 128 28.34 -22.49 1.27
C VAL B 128 27.72 -23.33 0.16
N GLY B 129 28.24 -24.54 -0.03
CA GLY B 129 27.70 -25.56 -0.96
C GLY B 129 28.53 -25.66 -2.22
N LYS B 130 27.87 -25.88 -3.36
CA LYS B 130 28.53 -26.21 -4.65
C LYS B 130 29.33 -25.01 -5.11
N TRP B 131 30.60 -25.25 -5.45
CA TRP B 131 31.55 -24.22 -5.96
C TRP B 131 31.64 -24.32 -7.48
N HIS B 132 32.38 -25.32 -7.97
CA HIS B 132 32.42 -25.76 -9.38
C HIS B 132 33.05 -24.69 -10.29
N LEU B 133 33.96 -23.88 -9.74
CA LEU B 133 34.73 -22.84 -10.47
C LEU B 133 36.23 -23.04 -10.26
N GLY B 134 36.63 -24.21 -9.77
CA GLY B 134 38.04 -24.63 -9.68
C GLY B 134 38.72 -24.12 -8.42
N LEU B 135 39.76 -24.82 -7.98
CA LEU B 135 40.60 -24.47 -6.80
C LEU B 135 42.05 -24.81 -7.12
N GLY B 136 43.00 -24.08 -6.55
CA GLY B 136 44.45 -24.31 -6.73
C GLY B 136 44.94 -23.77 -8.05
N ASP B 137 46.24 -23.96 -8.31
CA ASP B 137 46.98 -23.21 -9.36
C ASP B 137 46.96 -23.97 -10.70
N LYS B 138 47.32 -25.26 -10.68
CA LYS B 138 47.42 -26.10 -11.91
C LYS B 138 46.54 -27.35 -11.73
N GLY B 139 45.61 -27.55 -12.66
CA GLY B 139 44.63 -28.65 -12.67
C GLY B 139 45.29 -30.02 -12.71
N GLY B 140 44.83 -30.95 -11.88
CA GLY B 140 45.32 -32.34 -11.80
C GLY B 140 46.59 -32.47 -10.98
N GLU B 141 47.10 -31.35 -10.42
CA GLU B 141 48.39 -31.30 -9.69
C GLU B 141 48.22 -30.81 -8.24
N GLN B 142 46.98 -30.56 -7.79
CA GLN B 142 46.70 -30.05 -6.43
C GLN B 142 47.04 -31.13 -5.39
N ASP B 143 47.60 -30.73 -4.24
CA ASP B 143 47.73 -31.58 -3.03
C ASP B 143 46.51 -31.31 -2.13
N TRP B 144 45.53 -32.22 -2.16
CA TRP B 144 44.21 -32.04 -1.49
C TRP B 144 44.32 -32.19 0.03
N ASN B 145 45.50 -32.55 0.53
CA ASN B 145 45.82 -32.65 1.98
C ASN B 145 46.33 -31.32 2.50
N LYS B 146 46.69 -30.39 1.60
CA LYS B 146 47.26 -29.07 1.95
C LYS B 146 46.24 -28.00 1.57
N PRO B 147 46.43 -26.75 2.04
CA PRO B 147 45.62 -25.60 1.61
C PRO B 147 45.61 -25.46 0.08
N LEU B 148 44.40 -25.31 -0.49
CA LEU B 148 44.20 -24.97 -1.93
C LEU B 148 44.52 -23.47 -2.11
N GLN B 149 45.46 -23.16 -2.99
CA GLN B 149 46.00 -21.78 -3.19
C GLN B 149 46.19 -21.54 -4.69
N PRO B 150 45.43 -20.65 -5.36
CA PRO B 150 44.36 -19.87 -4.73
C PRO B 150 42.98 -20.56 -4.74
N GLY B 151 42.08 -20.11 -3.86
CA GLY B 151 40.72 -20.66 -3.71
C GLY B 151 39.68 -19.57 -3.54
N THR B 152 38.60 -19.88 -2.84
CA THR B 152 37.43 -18.99 -2.61
C THR B 152 37.84 -17.78 -1.76
N ASN B 153 38.77 -17.99 -0.81
CA ASN B 153 39.17 -16.96 0.19
C ASN B 153 40.16 -15.94 -0.41
N ASP B 154 40.54 -16.09 -1.69
CA ASP B 154 41.49 -15.19 -2.38
C ASP B 154 40.73 -14.31 -3.37
N ILE B 155 39.43 -14.53 -3.57
CA ILE B 155 38.60 -13.81 -4.58
C ILE B 155 37.38 -13.16 -3.93
N GLY B 156 37.45 -12.88 -2.61
CA GLY B 156 36.54 -11.95 -1.92
C GLY B 156 35.68 -12.60 -0.84
N PHE B 157 35.78 -13.92 -0.62
CA PHE B 157 35.01 -14.67 0.41
C PHE B 157 35.83 -14.80 1.70
N GLU B 158 35.33 -14.28 2.81
CA GLU B 158 35.97 -14.40 4.16
C GLU B 158 35.75 -15.81 4.73
N TYR B 159 34.58 -16.40 4.47
CA TYR B 159 34.20 -17.76 4.93
C TYR B 159 33.81 -18.61 3.71
N SER B 160 34.31 -19.85 3.63
CA SER B 160 33.90 -20.83 2.61
C SER B 160 33.72 -22.20 3.26
N PHE B 161 32.58 -22.85 3.00
CA PHE B 161 32.32 -24.28 3.27
C PHE B 161 31.68 -24.88 2.01
N ILE B 162 32.46 -25.57 1.20
CA ILE B 162 32.09 -25.90 -0.21
C ILE B 162 32.35 -27.37 -0.53
N MET B 163 31.59 -27.89 -1.50
CA MET B 163 31.97 -29.06 -2.32
C MET B 163 32.88 -28.56 -3.45
N ALA B 164 34.01 -29.21 -3.68
CA ALA B 164 34.96 -28.90 -4.78
C ALA B 164 34.20 -28.64 -6.08
N ALA B 165 33.42 -29.61 -6.54
CA ALA B 165 32.58 -29.55 -7.76
C ALA B 165 31.18 -30.08 -7.45
N THR B 166 30.61 -30.91 -8.34
CA THR B 166 29.25 -31.47 -8.20
C THR B 166 29.29 -32.70 -7.27
N GLY B 167 28.11 -33.17 -6.88
CA GLY B 167 27.92 -34.36 -6.02
C GLY B 167 28.42 -35.63 -6.69
N ASP B 168 28.44 -35.66 -8.03
CA ASP B 168 28.84 -36.84 -8.84
C ASP B 168 30.31 -36.74 -9.26
N ARG B 169 31.07 -35.77 -8.76
CA ARG B 169 32.50 -35.56 -9.12
C ARG B 169 33.39 -35.64 -7.87
N VAL B 170 34.48 -36.43 -7.95
CA VAL B 170 35.57 -36.50 -6.92
C VAL B 170 36.34 -35.18 -6.95
N PRO B 171 36.95 -34.73 -5.82
CA PRO B 171 36.91 -35.43 -4.54
C PRO B 171 35.61 -35.16 -3.79
N CYS B 172 35.03 -36.21 -3.19
CA CYS B 172 33.73 -36.21 -2.47
C CYS B 172 33.96 -35.84 -1.01
N VAL B 173 34.60 -34.69 -0.78
CA VAL B 173 34.94 -34.14 0.56
C VAL B 173 34.45 -32.69 0.59
N PHE B 174 34.36 -32.10 1.79
CA PHE B 174 34.01 -30.68 2.02
C PHE B 174 35.32 -29.89 2.20
N VAL B 175 35.32 -28.62 1.78
CA VAL B 175 36.49 -27.71 1.89
C VAL B 175 36.06 -26.49 2.70
N GLU B 176 36.73 -26.24 3.83
CA GLU B 176 36.47 -25.08 4.71
C GLU B 176 37.66 -24.13 4.61
N ASN B 177 37.41 -22.88 4.20
CA ASN B 177 38.45 -21.82 3.98
C ASN B 177 39.64 -22.47 3.27
N ASP B 178 39.34 -23.12 2.13
CA ASP B 178 40.30 -23.64 1.13
C ASP B 178 41.16 -24.75 1.75
N GLN B 179 40.59 -25.53 2.69
CA GLN B 179 41.23 -26.73 3.31
C GLN B 179 40.19 -27.84 3.47
N VAL B 180 40.51 -29.05 3.05
CA VAL B 180 39.64 -30.26 3.18
C VAL B 180 39.53 -30.59 4.67
N ILE B 181 38.29 -30.77 5.18
CA ILE B 181 37.98 -31.06 6.62
C ILE B 181 37.95 -32.56 6.87
N ASN B 182 38.17 -32.96 8.13
CA ASN B 182 38.03 -34.35 8.66
C ASN B 182 39.03 -35.27 7.96
N LEU B 183 40.21 -34.77 7.61
CA LEU B 183 41.30 -35.54 6.99
C LEU B 183 42.09 -36.25 8.09
N ASP B 184 42.28 -37.56 7.95
CA ASP B 184 43.25 -38.35 8.77
C ASP B 184 44.55 -38.39 7.97
N PRO B 185 45.62 -37.74 8.46
CA PRO B 185 46.85 -37.59 7.69
C PRO B 185 47.60 -38.91 7.43
N ASN B 186 47.26 -39.98 8.16
CA ASN B 186 47.79 -41.35 7.94
C ASN B 186 47.07 -41.99 6.75
N ASP B 187 46.03 -41.36 6.19
CA ASP B 187 45.25 -41.84 5.02
C ASP B 187 44.97 -40.65 4.10
N PRO B 188 46.00 -40.12 3.40
CA PRO B 188 45.85 -38.92 2.60
C PRO B 188 45.06 -39.11 1.28
N ILE B 189 44.39 -38.04 0.84
CA ILE B 189 43.62 -37.97 -0.42
C ILE B 189 44.59 -37.92 -1.60
N GLN B 190 44.26 -38.65 -2.67
CA GLN B 190 44.81 -38.44 -4.03
C GLN B 190 43.63 -38.34 -5.00
N VAL B 191 43.80 -37.61 -6.11
CA VAL B 191 42.74 -37.40 -7.13
C VAL B 191 43.37 -37.43 -8.52
N SER B 192 42.81 -38.23 -9.42
CA SER B 192 43.15 -38.23 -10.87
C SER B 192 41.87 -38.37 -11.68
N TYR B 193 41.77 -37.61 -12.76
CA TYR B 193 40.75 -37.72 -13.83
C TYR B 193 41.40 -38.33 -15.06
N LYS B 194 42.64 -38.83 -14.92
CA LYS B 194 43.44 -39.43 -16.02
C LYS B 194 43.31 -40.97 -15.96
N ALA B 195 43.52 -41.57 -14.79
CA ALA B 195 43.57 -43.04 -14.59
C ALA B 195 43.20 -43.40 -13.14
N ASN B 196 42.70 -44.63 -12.94
CA ASN B 196 42.38 -45.20 -11.61
C ASN B 196 43.69 -45.44 -10.86
N PHE B 197 43.66 -45.31 -9.53
CA PHE B 197 44.78 -45.72 -8.63
C PHE B 197 44.72 -47.23 -8.50
N PRO B 198 45.81 -47.97 -8.80
CA PRO B 198 45.78 -49.44 -8.76
C PRO B 198 45.26 -49.93 -7.39
N GLY B 199 44.32 -50.89 -7.44
CA GLY B 199 43.72 -51.50 -6.24
C GLY B 199 42.35 -50.94 -5.91
N GLU B 200 42.03 -49.71 -6.34
CA GLU B 200 40.74 -49.03 -6.01
C GLU B 200 39.64 -49.54 -6.93
N PRO B 201 38.48 -49.97 -6.39
CA PRO B 201 37.39 -50.48 -7.21
C PRO B 201 36.65 -49.36 -7.94
N THR B 202 35.88 -49.74 -8.96
CA THR B 202 35.09 -48.81 -9.82
C THR B 202 33.67 -49.36 -9.98
N GLY B 203 32.71 -48.50 -10.30
CA GLY B 203 31.32 -48.88 -10.60
C GLY B 203 31.24 -49.76 -11.83
N LYS B 204 32.21 -49.62 -12.74
CA LYS B 204 32.29 -50.40 -14.00
C LYS B 204 32.70 -51.85 -13.69
N ASP B 205 33.81 -52.02 -12.94
CA ASP B 205 34.47 -53.33 -12.69
C ASP B 205 33.90 -54.02 -11.43
N ASN B 206 33.38 -53.26 -10.46
CA ASN B 206 32.94 -53.80 -9.15
C ASN B 206 31.51 -53.33 -8.86
N PRO B 207 30.53 -53.59 -9.78
CA PRO B 207 29.18 -53.06 -9.62
C PRO B 207 28.42 -53.63 -8.41
N GLU B 208 28.87 -54.77 -7.90
CA GLU B 208 28.31 -55.45 -6.71
C GLU B 208 28.48 -54.55 -5.47
N LEU B 209 29.37 -53.55 -5.50
CA LEU B 209 29.66 -52.65 -4.35
C LEU B 209 28.70 -51.44 -4.33
N LEU B 210 27.73 -51.39 -5.25
CA LEU B 210 26.89 -50.18 -5.55
C LEU B 210 25.50 -50.31 -4.92
N LYS B 211 24.99 -49.22 -4.32
CA LYS B 211 23.57 -49.07 -3.88
C LYS B 211 22.76 -48.43 -5.02
N MET B 212 23.45 -47.70 -5.91
CA MET B 212 22.84 -46.94 -7.04
C MET B 212 23.70 -47.17 -8.29
N HIS B 213 23.06 -47.66 -9.35
CA HIS B 213 23.73 -48.08 -10.61
C HIS B 213 23.77 -46.92 -11.60
N PRO B 214 24.87 -46.80 -12.38
CA PRO B 214 24.97 -45.75 -13.41
C PRO B 214 24.10 -46.10 -14.63
N SER B 215 23.55 -45.08 -15.30
CA SER B 215 22.79 -45.21 -16.58
C SER B 215 23.73 -44.92 -17.76
N HIS B 216 24.62 -43.93 -17.61
CA HIS B 216 25.67 -43.55 -18.60
C HIS B 216 26.81 -42.85 -17.86
N GLY B 217 28.05 -43.22 -18.17
CA GLY B 217 29.25 -42.77 -17.44
C GLY B 217 29.14 -43.10 -15.96
N HIS B 218 29.62 -42.20 -15.11
CA HIS B 218 29.49 -42.29 -13.63
C HIS B 218 29.89 -43.68 -13.14
N ASP B 219 30.98 -44.24 -13.68
CA ASP B 219 31.37 -45.66 -13.44
C ASP B 219 32.83 -45.73 -12.98
N GLN B 220 33.33 -44.68 -12.32
CA GLN B 220 34.75 -44.58 -11.86
C GLN B 220 34.77 -44.82 -10.35
N SER B 221 35.44 -44.00 -9.54
CA SER B 221 35.66 -44.25 -8.09
C SER B 221 34.32 -44.36 -7.33
N ILE B 222 34.30 -45.17 -6.27
CA ILE B 222 33.08 -45.45 -5.46
C ILE B 222 33.22 -44.72 -4.11
N VAL B 223 32.12 -44.10 -3.68
CA VAL B 223 32.00 -43.31 -2.43
C VAL B 223 30.59 -43.56 -1.90
N ASN B 224 30.47 -44.14 -0.70
CA ASN B 224 29.18 -44.51 -0.06
C ASN B 224 28.32 -45.26 -1.07
N GLY B 225 28.87 -46.27 -1.73
CA GLY B 225 28.15 -47.20 -2.61
C GLY B 225 27.63 -46.56 -3.89
N ILE B 226 28.14 -45.38 -4.26
CA ILE B 226 27.75 -44.67 -5.51
C ILE B 226 29.03 -44.33 -6.31
N SER B 227 29.15 -44.85 -7.53
CA SER B 227 30.29 -44.57 -8.46
C SER B 227 30.16 -43.13 -8.96
N ARG B 228 31.29 -42.48 -9.23
CA ARG B 228 31.38 -41.04 -9.56
C ARG B 228 32.09 -40.83 -10.90
N ILE B 229 32.24 -39.57 -11.31
CA ILE B 229 33.16 -39.13 -12.39
C ILE B 229 34.50 -38.79 -11.75
N GLY B 230 35.58 -39.39 -12.24
CA GLY B 230 36.95 -39.19 -11.74
C GLY B 230 37.33 -40.24 -10.71
N TYR B 231 38.63 -40.48 -10.54
CA TYR B 231 39.18 -41.49 -9.60
C TYR B 231 39.77 -40.76 -8.39
N MET B 232 39.67 -41.38 -7.21
CA MET B 232 40.35 -40.91 -5.96
C MET B 232 40.72 -42.11 -5.09
N LYS B 233 41.56 -41.85 -4.08
CA LYS B 233 42.09 -42.86 -3.13
C LYS B 233 42.35 -42.18 -1.77
N GLY B 234 42.07 -42.88 -0.68
CA GLY B 234 42.25 -42.36 0.70
C GLY B 234 41.17 -41.35 1.07
N GLY B 235 41.40 -40.59 2.15
CA GLY B 235 40.47 -39.58 2.67
C GLY B 235 39.21 -40.18 3.28
N LYS B 236 39.24 -41.46 3.68
CA LYS B 236 38.04 -42.23 4.12
C LYS B 236 37.24 -41.39 5.13
N SER B 237 37.92 -40.78 6.10
CA SER B 237 37.28 -40.00 7.19
C SER B 237 36.68 -38.70 6.62
N ALA B 238 37.22 -38.19 5.50
CA ALA B 238 36.83 -36.89 4.90
C ALA B 238 35.69 -37.07 3.90
N LEU B 239 35.40 -38.30 3.48
CA LEU B 239 34.33 -38.62 2.51
C LEU B 239 32.99 -38.19 3.11
N TRP B 240 32.20 -37.44 2.34
CA TRP B 240 30.81 -37.07 2.73
C TRP B 240 29.94 -38.32 2.64
N GLN B 241 28.75 -38.28 3.25
CA GLN B 241 27.65 -39.21 2.94
C GLN B 241 26.51 -38.36 2.33
N ASP B 242 26.03 -38.80 1.16
CA ASP B 242 25.13 -38.02 0.27
C ASP B 242 23.80 -37.77 0.99
N GLU B 243 23.36 -38.71 1.84
CA GLU B 243 22.12 -38.63 2.65
C GLU B 243 22.10 -37.34 3.48
N LYS B 244 23.26 -36.89 3.96
CA LYS B 244 23.42 -35.79 4.95
C LYS B 244 24.01 -34.52 4.33
N ILE B 245 24.13 -34.42 3.00
CA ILE B 245 24.76 -33.23 2.35
C ILE B 245 23.83 -32.01 2.53
N ALA B 246 22.58 -32.09 2.08
CA ALA B 246 21.58 -31.01 2.27
C ALA B 246 21.63 -30.52 3.72
N GLU B 247 21.63 -31.46 4.65
CA GLU B 247 21.60 -31.23 6.12
C GLU B 247 22.84 -30.44 6.55
N THR B 248 24.03 -30.89 6.14
CA THR B 248 25.35 -30.33 6.53
C THR B 248 25.50 -28.92 5.97
N LEU B 249 25.26 -28.76 4.65
CA LEU B 249 25.38 -27.47 3.93
C LEU B 249 24.41 -26.45 4.55
N THR B 250 23.13 -26.80 4.66
CA THR B 250 22.06 -25.91 5.18
C THR B 250 22.40 -25.53 6.63
N GLY B 251 22.97 -26.45 7.39
CA GLY B 251 23.43 -26.19 8.77
C GLY B 251 24.49 -25.09 8.80
N LYS B 252 25.47 -25.16 7.89
CA LYS B 252 26.60 -24.20 7.81
C LYS B 252 26.08 -22.84 7.31
N ALA B 253 25.11 -22.87 6.40
CA ALA B 253 24.41 -21.67 5.89
C ALA B 253 23.75 -20.93 7.06
N VAL B 254 22.97 -21.64 7.86
CA VAL B 254 22.22 -21.08 9.03
C VAL B 254 23.25 -20.59 10.06
N SER B 255 24.28 -21.40 10.37
CA SER B 255 25.40 -21.05 11.28
C SER B 255 26.03 -19.71 10.88
N PHE B 256 26.23 -19.49 9.57
CA PHE B 256 26.85 -18.25 9.02
C PHE B 256 25.92 -17.05 9.23
N ILE B 257 24.62 -17.22 9.01
CA ILE B 257 23.60 -16.15 9.21
C ILE B 257 23.56 -15.80 10.71
N GLU B 258 23.56 -16.81 11.58
CA GLU B 258 23.58 -16.67 13.06
C GLU B 258 24.86 -15.93 13.52
N GLY B 259 26.00 -16.26 12.91
CA GLY B 259 27.33 -15.73 13.25
C GLY B 259 27.49 -14.26 12.89
N HIS B 260 26.73 -13.77 11.91
CA HIS B 260 26.89 -12.41 11.30
C HIS B 260 25.56 -11.66 11.34
N LYS B 261 24.84 -11.71 12.47
CA LYS B 261 23.46 -11.14 12.58
C LYS B 261 23.52 -9.63 12.90
N SER B 262 24.72 -9.07 13.07
CA SER B 262 24.97 -7.72 13.65
C SER B 262 25.45 -6.72 12.60
N ALA B 263 25.96 -7.17 11.45
CA ALA B 263 26.57 -6.32 10.40
C ALA B 263 26.16 -6.84 9.02
N PRO B 264 26.20 -5.99 7.96
CA PRO B 264 25.86 -6.42 6.61
C PRO B 264 26.70 -7.63 6.18
N PHE B 265 26.05 -8.66 5.63
CA PHE B 265 26.73 -9.86 5.09
C PHE B 265 26.15 -10.22 3.72
N PHE B 266 27.02 -10.78 2.87
CA PHE B 266 26.68 -11.44 1.59
C PHE B 266 26.94 -12.95 1.73
N LEU B 267 25.89 -13.76 1.60
CA LEU B 267 25.96 -15.25 1.68
C LEU B 267 25.48 -15.86 0.35
N TYR B 268 26.39 -16.57 -0.32
CA TYR B 268 26.13 -17.33 -1.56
C TYR B 268 25.91 -18.80 -1.16
N PHE B 269 24.65 -19.15 -0.91
CA PHE B 269 24.23 -20.53 -0.54
C PHE B 269 23.84 -21.25 -1.83
N ALA B 270 24.65 -22.23 -2.24
CA ALA B 270 24.51 -23.01 -3.48
C ALA B 270 24.30 -24.49 -3.13
N THR B 271 23.09 -25.01 -3.35
CA THR B 271 22.69 -26.39 -2.95
C THR B 271 23.28 -27.41 -3.92
N GLN B 272 23.43 -28.65 -3.45
CA GLN B 272 23.65 -29.87 -4.28
C GLN B 272 22.31 -30.24 -4.93
N ASP B 273 21.20 -29.85 -4.31
CA ASP B 273 19.88 -30.49 -4.53
C ASP B 273 19.42 -30.33 -5.98
N ALA B 274 18.88 -31.46 -6.48
CA ALA B 274 18.28 -31.76 -7.79
C ALA B 274 19.37 -32.31 -8.73
N HIS B 275 20.63 -32.05 -8.42
CA HIS B 275 21.80 -32.60 -9.15
C HIS B 275 22.03 -34.05 -8.71
N VAL B 276 22.42 -34.90 -9.65
CA VAL B 276 22.83 -36.31 -9.39
C VAL B 276 24.11 -36.29 -8.56
N PRO B 277 24.41 -37.33 -7.76
CA PRO B 277 23.46 -38.41 -7.50
C PRO B 277 22.42 -37.85 -6.51
N ARG B 278 21.14 -38.15 -6.76
CA ARG B 278 20.01 -37.66 -5.94
C ARG B 278 19.83 -38.61 -4.75
N VAL B 279 20.37 -38.24 -3.59
CA VAL B 279 20.35 -39.07 -2.35
C VAL B 279 19.80 -38.18 -1.25
N PRO B 280 18.46 -38.02 -1.17
CA PRO B 280 17.85 -37.13 -0.18
C PRO B 280 17.92 -37.75 1.22
N SER B 281 17.88 -36.90 2.24
CA SER B 281 17.66 -37.28 3.66
C SER B 281 16.52 -38.31 3.74
N PRO B 282 16.63 -39.31 4.64
CA PRO B 282 15.53 -40.25 4.86
C PRO B 282 14.14 -39.60 5.06
N GLN B 283 14.09 -38.41 5.67
CA GLN B 283 12.80 -37.72 5.94
C GLN B 283 12.12 -37.33 4.62
N PHE B 284 12.78 -37.44 3.46
CA PHE B 284 12.22 -37.07 2.12
C PHE B 284 12.07 -38.27 1.17
N ALA B 285 12.74 -39.40 1.42
CA ALA B 285 12.66 -40.61 0.56
C ALA B 285 11.20 -41.06 0.45
N GLY B 286 10.65 -41.12 -0.77
CA GLY B 286 9.29 -41.59 -1.06
C GLY B 286 8.25 -40.46 -1.06
N LYS B 287 8.56 -39.30 -0.51
CA LYS B 287 7.54 -38.27 -0.12
C LYS B 287 6.93 -37.57 -1.35
N SER B 288 7.60 -37.54 -2.51
CA SER B 288 7.16 -36.79 -3.71
C SER B 288 6.41 -37.69 -4.72
N GLY B 289 6.67 -39.01 -4.71
CA GLY B 289 6.12 -39.96 -5.68
C GLY B 289 6.88 -40.00 -7.00
N MET B 290 7.84 -39.08 -7.20
CA MET B 290 8.64 -38.99 -8.45
C MET B 290 10.05 -39.56 -8.23
N GLY B 291 10.24 -40.32 -7.15
CA GLY B 291 11.54 -40.94 -6.81
C GLY B 291 12.54 -39.88 -6.35
N PRO B 292 13.82 -40.27 -6.16
CA PRO B 292 14.86 -39.37 -5.64
C PRO B 292 14.89 -37.96 -6.25
N ARG B 293 14.66 -37.82 -7.56
CA ARG B 293 14.71 -36.50 -8.26
C ARG B 293 13.67 -35.56 -7.62
N GLY B 294 12.40 -35.99 -7.57
CA GLY B 294 11.32 -35.20 -6.95
C GLY B 294 11.58 -34.99 -5.46
N ASP B 295 12.08 -36.03 -4.77
CA ASP B 295 12.37 -36.01 -3.32
C ASP B 295 13.41 -34.92 -3.03
N CYS B 296 14.31 -34.68 -3.98
CA CYS B 296 15.42 -33.70 -3.83
C CYS B 296 14.90 -32.27 -4.08
N LEU B 297 13.77 -32.11 -4.76
CA LEU B 297 13.06 -30.80 -4.87
C LEU B 297 12.42 -30.46 -3.52
N LEU B 298 11.84 -31.44 -2.83
CA LEU B 298 11.29 -31.26 -1.47
C LEU B 298 12.43 -30.96 -0.49
N GLU B 299 13.60 -31.60 -0.66
CA GLU B 299 14.81 -31.39 0.18
C GLU B 299 15.32 -29.96 -0.04
N PHE B 300 15.30 -29.48 -1.28
CA PHE B 300 15.58 -28.07 -1.63
C PHE B 300 14.60 -27.17 -0.87
N ASP B 301 13.30 -27.42 -1.02
CA ASP B 301 12.23 -26.62 -0.35
C ASP B 301 12.47 -26.60 1.16
N TRP B 302 12.97 -27.70 1.74
CA TRP B 302 13.33 -27.75 3.18
C TRP B 302 14.45 -26.74 3.47
N SER B 303 15.54 -26.80 2.71
CA SER B 303 16.71 -25.89 2.83
C SER B 303 16.25 -24.43 2.75
N VAL B 304 15.33 -24.13 1.83
CA VAL B 304 14.75 -22.75 1.69
C VAL B 304 14.10 -22.39 3.02
N GLY B 305 13.29 -23.31 3.58
CA GLY B 305 12.63 -23.15 4.89
C GLY B 305 13.64 -22.77 5.98
N GLU B 306 14.75 -23.49 6.07
CA GLU B 306 15.80 -23.29 7.10
C GLU B 306 16.35 -21.86 7.00
N ILE B 307 16.58 -21.34 5.79
CA ILE B 307 17.17 -19.99 5.57
C ILE B 307 16.14 -18.93 5.98
N LEU B 308 14.92 -19.00 5.42
CA LEU B 308 13.84 -18.02 5.71
C LEU B 308 13.58 -17.95 7.22
N ASN B 309 13.61 -19.09 7.91
CA ASN B 309 13.33 -19.20 9.37
C ASN B 309 14.47 -18.60 10.18
N ALA B 310 15.73 -18.83 9.79
CA ALA B 310 16.93 -18.27 10.43
C ALA B 310 16.82 -16.74 10.43
N LEU B 311 16.52 -16.15 9.27
CA LEU B 311 16.35 -14.69 9.09
C LEU B 311 15.18 -14.18 9.94
N GLU B 312 14.10 -14.96 10.07
CA GLU B 312 12.86 -14.53 10.79
C GLU B 312 13.10 -14.59 12.30
N ARG B 313 13.67 -15.69 12.80
CA ARG B 313 14.13 -15.88 14.20
C ARG B 313 14.89 -14.64 14.69
N LEU B 314 15.83 -14.14 13.88
CA LEU B 314 16.88 -13.16 14.30
C LEU B 314 16.45 -11.73 13.94
N GLY B 315 15.27 -11.56 13.34
CA GLY B 315 14.70 -10.26 12.92
C GLY B 315 15.44 -9.67 11.74
N LEU B 316 16.19 -10.50 11.00
CA LEU B 316 17.03 -10.10 9.85
C LEU B 316 16.17 -9.85 8.62
N ASP B 317 14.89 -10.22 8.65
CA ASP B 317 13.94 -10.05 7.51
C ASP B 317 13.58 -8.57 7.34
N LYS B 318 13.94 -7.70 8.30
CA LYS B 318 13.81 -6.21 8.22
C LYS B 318 14.75 -5.66 7.13
N ASN B 319 15.99 -6.17 7.04
CA ASN B 319 17.11 -5.57 6.25
C ASN B 319 17.85 -6.64 5.43
N THR B 320 17.13 -7.58 4.81
CA THR B 320 17.75 -8.69 4.01
C THR B 320 17.05 -8.84 2.65
N LEU B 321 17.83 -8.80 1.58
CA LEU B 321 17.43 -9.19 0.20
C LEU B 321 17.66 -10.70 0.06
N VAL B 322 16.61 -11.47 -0.19
CA VAL B 322 16.73 -12.95 -0.43
C VAL B 322 16.51 -13.19 -1.93
N ILE B 323 17.42 -13.91 -2.58
CA ILE B 323 17.37 -14.23 -4.02
C ILE B 323 17.39 -15.75 -4.17
N LEU B 324 16.31 -16.33 -4.72
CA LEU B 324 16.23 -17.78 -5.06
C LEU B 324 16.31 -17.93 -6.57
N SER B 325 17.13 -18.87 -7.05
CA SER B 325 17.29 -19.19 -8.49
C SER B 325 18.01 -20.53 -8.66
N SER B 326 18.27 -20.90 -9.91
CA SER B 326 18.92 -22.16 -10.34
C SER B 326 20.07 -21.82 -11.29
N ASP B 327 21.10 -22.67 -11.33
CA ASP B 327 22.31 -22.45 -12.16
C ASP B 327 21.97 -22.71 -13.63
N ASN B 328 21.00 -23.58 -13.90
CA ASN B 328 20.58 -23.92 -15.29
C ASN B 328 19.27 -24.73 -15.26
N GLY B 329 18.79 -25.13 -16.43
CA GLY B 329 17.51 -25.83 -16.61
C GLY B 329 17.54 -27.28 -16.14
N PRO B 330 16.43 -28.01 -16.32
CA PRO B 330 16.26 -29.36 -15.78
C PRO B 330 16.76 -30.50 -16.67
N VAL B 331 17.14 -31.62 -16.04
CA VAL B 331 17.45 -32.92 -16.72
C VAL B 331 16.74 -34.01 -15.92
N VAL B 332 16.18 -35.01 -16.62
CA VAL B 332 15.49 -36.17 -15.97
C VAL B 332 16.58 -37.21 -15.60
N ASP B 333 17.01 -38.04 -16.57
CA ASP B 333 18.15 -39.00 -16.40
C ASP B 333 19.45 -38.25 -16.72
N ASP B 334 20.28 -37.99 -15.72
CA ASP B 334 21.59 -37.31 -15.87
C ASP B 334 22.71 -38.25 -15.44
N GLY B 335 22.50 -39.56 -15.48
CA GLY B 335 23.60 -40.54 -15.47
C GLY B 335 23.48 -41.64 -14.42
N TYR B 336 22.36 -41.75 -13.69
CA TYR B 336 22.12 -42.85 -12.72
C TYR B 336 20.74 -43.49 -12.97
N LYS B 337 20.63 -44.79 -12.68
CA LYS B 337 19.34 -45.52 -12.67
C LYS B 337 18.63 -45.21 -11.35
N ASP B 338 17.89 -44.09 -11.30
CA ASP B 338 17.29 -43.50 -10.07
C ASP B 338 15.79 -43.22 -10.29
N GLN B 339 15.16 -43.95 -11.20
CA GLN B 339 13.69 -43.96 -11.42
C GLN B 339 13.18 -42.61 -11.94
N ALA B 340 14.05 -41.65 -12.26
CA ALA B 340 13.67 -40.27 -12.65
C ALA B 340 12.68 -40.30 -13.82
N VAL B 341 12.96 -41.12 -14.85
CA VAL B 341 12.10 -41.20 -16.08
C VAL B 341 10.80 -41.93 -15.73
N GLU B 342 10.90 -43.10 -15.09
CA GLU B 342 9.77 -44.03 -14.83
C GLU B 342 8.71 -43.36 -13.94
N LEU B 343 9.11 -42.47 -13.02
CA LEU B 343 8.21 -41.87 -11.99
C LEU B 343 7.94 -40.38 -12.26
N LEU B 344 8.35 -39.85 -13.40
CA LEU B 344 8.13 -38.42 -13.75
C LEU B 344 6.62 -38.13 -13.83
N GLY B 345 5.83 -39.07 -14.37
CA GLY B 345 4.40 -38.84 -14.66
C GLY B 345 4.23 -37.62 -15.54
N ASP B 346 3.27 -36.75 -15.22
CA ASP B 346 2.90 -35.56 -16.03
C ASP B 346 3.65 -34.32 -15.54
N HIS B 347 4.66 -34.50 -14.69
CA HIS B 347 5.53 -33.41 -14.17
C HIS B 347 6.40 -32.89 -15.31
N THR B 348 6.35 -31.58 -15.56
CA THR B 348 7.08 -30.87 -16.64
C THR B 348 8.15 -29.98 -16.01
N PRO B 349 9.41 -30.47 -15.86
CA PRO B 349 10.47 -29.72 -15.20
C PRO B 349 10.73 -28.36 -15.87
N GLY B 350 10.64 -28.31 -17.20
CA GLY B 350 10.89 -27.11 -18.02
C GLY B 350 9.65 -26.27 -18.22
N GLY B 351 8.58 -26.52 -17.46
CA GLY B 351 7.26 -25.91 -17.70
C GLY B 351 6.77 -26.23 -19.10
N ILE B 352 6.34 -25.22 -19.86
CA ILE B 352 5.86 -25.35 -21.28
C ILE B 352 7.05 -25.29 -22.25
N TYR B 353 8.25 -24.95 -21.75
CA TYR B 353 9.40 -24.52 -22.60
C TYR B 353 10.15 -25.76 -23.11
N ARG B 354 10.74 -25.62 -24.29
CA ARG B 354 11.40 -26.71 -25.05
C ARG B 354 12.83 -26.91 -24.54
N GLY B 355 13.32 -28.14 -24.69
CA GLY B 355 14.68 -28.55 -24.29
C GLY B 355 14.81 -28.72 -22.80
N GLY B 356 15.97 -28.38 -22.26
CA GLY B 356 16.30 -28.47 -20.82
C GLY B 356 17.77 -28.17 -20.61
N LYS B 357 18.40 -28.80 -19.61
CA LYS B 357 19.85 -28.71 -19.33
C LYS B 357 20.61 -28.94 -20.64
N TYR B 358 21.68 -28.16 -20.88
CA TYR B 358 22.63 -28.33 -22.01
C TYR B 358 22.12 -27.66 -23.29
N SER B 359 20.84 -27.30 -23.37
CA SER B 359 20.17 -26.90 -24.65
C SER B 359 20.22 -25.38 -24.87
N SER B 360 20.14 -24.96 -26.13
CA SER B 360 19.98 -23.56 -26.57
C SER B 360 18.54 -23.08 -26.35
N PHE B 361 17.58 -24.01 -26.27
CA PHE B 361 16.13 -23.70 -26.14
C PHE B 361 15.85 -23.15 -24.74
N GLU B 362 14.70 -22.48 -24.58
CA GLU B 362 14.37 -21.66 -23.39
C GLU B 362 14.56 -22.46 -22.09
N ALA B 363 14.13 -23.72 -22.05
CA ALA B 363 14.15 -24.54 -20.82
C ALA B 363 15.58 -24.70 -20.30
N GLY B 364 16.58 -24.51 -21.15
CA GLY B 364 18.01 -24.58 -20.78
C GLY B 364 18.41 -23.50 -19.80
N THR B 365 17.83 -22.29 -19.89
CA THR B 365 18.27 -21.10 -19.11
C THR B 365 17.12 -20.37 -18.42
N ARG B 366 15.85 -20.58 -18.81
CA ARG B 366 14.68 -19.93 -18.15
C ARG B 366 14.42 -20.68 -16.84
N ILE B 367 14.72 -20.05 -15.71
CA ILE B 367 14.80 -20.74 -14.39
C ILE B 367 13.85 -20.06 -13.42
N PRO B 368 13.46 -20.75 -12.32
CA PRO B 368 12.72 -20.11 -11.25
C PRO B 368 13.60 -18.99 -10.68
N CYS B 369 13.03 -17.81 -10.46
CA CYS B 369 13.73 -16.67 -9.82
C CYS B 369 12.73 -15.86 -8.97
N ILE B 370 13.10 -15.62 -7.72
CA ILE B 370 12.36 -14.74 -6.76
C ILE B 370 13.35 -13.79 -6.11
N TRP B 371 12.99 -12.50 -6.02
CA TRP B 371 13.63 -11.47 -5.17
C TRP B 371 12.64 -11.07 -4.09
N SER B 372 13.06 -11.11 -2.82
CA SER B 372 12.27 -10.70 -1.64
C SER B 372 13.08 -9.71 -0.81
N TRP B 373 12.52 -8.53 -0.56
CA TRP B 373 13.19 -7.43 0.17
C TRP B 373 12.11 -6.57 0.83
N GLN B 374 11.86 -6.85 2.12
CA GLN B 374 10.76 -6.27 2.93
C GLN B 374 10.85 -4.75 2.91
N GLY B 375 9.77 -4.07 2.51
CA GLY B 375 9.65 -2.60 2.52
C GLY B 375 10.17 -1.96 1.24
N VAL B 376 10.78 -2.75 0.35
CA VAL B 376 11.33 -2.30 -0.96
C VAL B 376 10.51 -2.94 -2.09
N ILE B 377 10.37 -4.27 -2.07
CA ILE B 377 9.69 -5.09 -3.11
C ILE B 377 8.26 -5.39 -2.65
N ARG B 378 7.26 -5.05 -3.48
CA ARG B 378 5.85 -5.35 -3.20
C ARG B 378 5.70 -6.88 -3.13
N PRO B 379 5.13 -7.44 -2.03
CA PRO B 379 4.93 -8.88 -1.93
C PRO B 379 3.86 -9.39 -2.90
N GLY B 380 3.99 -10.65 -3.35
CA GLY B 380 3.02 -11.33 -4.22
C GLY B 380 2.98 -10.75 -5.64
N THR B 381 4.08 -10.17 -6.09
CA THR B 381 4.23 -9.47 -7.40
C THR B 381 4.78 -10.43 -8.44
N VAL B 382 4.54 -10.17 -9.72
CA VAL B 382 5.06 -10.97 -10.87
C VAL B 382 5.63 -10.00 -11.91
N SER B 383 6.78 -10.33 -12.52
CA SER B 383 7.43 -9.52 -13.58
C SER B 383 7.79 -10.40 -14.79
N ASP B 384 7.42 -9.96 -16.00
CA ASP B 384 7.70 -10.62 -17.30
C ASP B 384 8.92 -9.96 -17.96
N ALA B 385 9.68 -9.15 -17.20
CA ALA B 385 10.91 -8.48 -17.66
C ALA B 385 11.93 -9.52 -18.11
N LEU B 386 12.62 -9.25 -19.22
CA LEU B 386 13.77 -10.05 -19.73
C LEU B 386 14.97 -9.77 -18.83
N LEU B 387 15.29 -10.70 -17.93
CA LEU B 387 16.35 -10.53 -16.90
C LEU B 387 17.35 -11.69 -17.01
N CYS B 388 18.56 -11.49 -16.48
CA CYS B 388 19.66 -12.49 -16.47
C CYS B 388 20.50 -12.34 -15.20
N GLN B 389 20.96 -13.46 -14.63
CA GLN B 389 21.74 -13.50 -13.38
C GLN B 389 23.06 -12.74 -13.53
N ILE B 390 23.51 -12.50 -14.77
CA ILE B 390 24.78 -11.79 -15.07
C ILE B 390 24.65 -10.31 -14.67
N ASP B 391 23.43 -9.80 -14.46
CA ASP B 391 23.18 -8.36 -14.19
C ASP B 391 23.18 -8.06 -12.69
N TRP B 392 23.20 -9.09 -11.85
CA TRP B 392 23.14 -8.93 -10.37
C TRP B 392 24.36 -8.11 -9.90
N PHE B 393 25.56 -8.46 -10.38
CA PHE B 393 26.84 -7.79 -10.05
C PHE B 393 26.67 -6.27 -10.16
N ALA B 394 26.33 -5.79 -11.35
CA ALA B 394 26.12 -4.35 -11.67
C ALA B 394 24.93 -3.81 -10.87
N THR B 395 23.85 -4.59 -10.76
CA THR B 395 22.62 -4.20 -10.03
C THR B 395 22.98 -3.95 -8.55
N PHE B 396 23.91 -4.71 -7.96
CA PHE B 396 24.33 -4.54 -6.55
C PHE B 396 25.25 -3.31 -6.41
N ALA B 397 26.01 -2.97 -7.46
CA ALA B 397 26.81 -1.73 -7.51
C ALA B 397 25.85 -0.54 -7.50
N GLU B 398 24.77 -0.59 -8.29
CA GLU B 398 23.71 0.44 -8.34
C GLU B 398 23.12 0.62 -6.94
N MET B 399 22.78 -0.50 -6.30
CA MET B 399 22.17 -0.57 -4.94
C MET B 399 23.13 0.05 -3.91
N LEU B 400 24.40 -0.38 -3.92
CA LEU B 400 25.45 0.06 -2.96
C LEU B 400 25.94 1.47 -3.33
N ASN B 401 25.54 1.97 -4.49
CA ASN B 401 25.98 3.27 -5.07
C ASN B 401 27.52 3.33 -5.07
N VAL B 402 28.16 2.26 -5.54
CA VAL B 402 29.64 2.25 -5.77
C VAL B 402 29.91 2.15 -7.28
N ARG B 403 30.92 2.89 -7.74
CA ARG B 403 31.44 2.86 -9.13
C ARG B 403 32.34 1.63 -9.27
N LEU B 404 32.05 0.77 -10.26
CA LEU B 404 32.82 -0.48 -10.52
C LEU B 404 34.17 -0.11 -11.13
N PRO B 405 35.27 -0.76 -10.68
CA PRO B 405 36.59 -0.56 -11.30
C PRO B 405 36.58 -0.75 -12.83
N GLU B 406 37.52 -0.12 -13.51
CA GLU B 406 37.72 -0.27 -14.98
C GLU B 406 37.85 -1.76 -15.29
N GLY B 407 37.04 -2.29 -16.22
CA GLY B 407 37.12 -3.69 -16.70
C GLY B 407 36.26 -4.67 -15.91
N ALA B 408 35.79 -4.29 -14.72
CA ALA B 408 34.97 -5.13 -13.81
C ALA B 408 33.56 -5.32 -14.39
N ALA B 409 33.00 -6.52 -14.22
CA ALA B 409 31.61 -6.88 -14.57
C ALA B 409 31.23 -6.28 -15.91
N PRO B 410 32.02 -6.54 -16.98
CA PRO B 410 31.90 -5.84 -18.26
C PRO B 410 30.57 -6.01 -19.00
N ASP B 411 29.95 -7.18 -18.90
CA ASP B 411 28.67 -7.53 -19.57
C ASP B 411 27.48 -7.37 -18.62
N SER B 412 27.71 -6.95 -17.37
CA SER B 412 26.68 -6.79 -16.32
C SER B 412 25.95 -5.44 -16.49
N GLU B 413 24.67 -5.48 -16.85
CA GLU B 413 23.83 -4.26 -17.07
C GLU B 413 23.02 -3.98 -15.80
N PRO B 414 23.20 -2.81 -15.14
CA PRO B 414 22.50 -2.54 -13.89
C PRO B 414 21.02 -2.26 -14.15
N MET B 415 20.14 -2.78 -13.30
CA MET B 415 18.67 -2.57 -13.41
C MET B 415 17.99 -2.99 -12.10
N LEU B 416 18.34 -2.30 -11.01
CA LEU B 416 17.71 -2.42 -9.67
C LEU B 416 16.20 -2.23 -9.78
N LYS B 417 15.74 -1.34 -10.67
CA LYS B 417 14.30 -0.99 -10.84
C LYS B 417 13.55 -2.24 -11.33
N ALA B 418 14.13 -2.97 -12.28
CA ALA B 418 13.52 -4.17 -12.89
C ALA B 418 13.55 -5.32 -11.86
N TRP B 419 14.69 -5.51 -11.20
CA TRP B 419 14.90 -6.64 -10.24
C TRP B 419 14.09 -6.44 -8.94
N THR B 420 13.58 -5.22 -8.68
CA THR B 420 12.75 -4.90 -7.49
C THR B 420 11.29 -4.74 -7.91
N GLY B 421 10.98 -5.06 -9.17
CA GLY B 421 9.60 -5.19 -9.67
C GLY B 421 8.94 -3.85 -9.89
N LYS B 422 9.72 -2.76 -9.97
CA LYS B 422 9.22 -1.36 -10.07
C LYS B 422 9.15 -0.93 -11.54
N GLN B 423 9.43 -1.83 -12.49
CA GLN B 423 9.60 -1.49 -13.94
C GLN B 423 9.42 -2.78 -14.78
N LYS B 424 8.53 -2.75 -15.77
CA LYS B 424 8.19 -3.92 -16.62
C LYS B 424 9.35 -4.27 -17.56
N LYS B 425 10.06 -3.27 -18.08
CA LYS B 425 11.12 -3.44 -19.11
C LYS B 425 12.44 -3.86 -18.44
N GLY B 426 12.98 -5.02 -18.83
CA GLY B 426 14.28 -5.54 -18.37
C GLY B 426 15.39 -5.18 -19.34
N ARG B 427 16.15 -6.18 -19.83
CA ARG B 427 17.21 -6.00 -20.85
C ARG B 427 16.55 -5.71 -22.21
N GLU B 428 17.30 -5.02 -23.07
CA GLU B 428 16.96 -4.77 -24.49
C GLU B 428 17.47 -5.94 -25.34
N TRP B 429 18.65 -6.47 -25.03
CA TRP B 429 19.28 -7.62 -25.72
C TRP B 429 19.93 -8.54 -24.68
N LEU B 430 19.85 -9.87 -24.88
CA LEU B 430 20.42 -10.89 -23.97
C LEU B 430 21.07 -12.00 -24.80
N VAL B 431 22.35 -12.28 -24.58
CA VAL B 431 23.06 -13.41 -25.23
C VAL B 431 23.09 -14.59 -24.25
N LEU B 432 22.51 -15.70 -24.66
CA LEU B 432 22.48 -16.99 -23.92
C LEU B 432 23.40 -17.99 -24.61
N GLN B 433 23.89 -18.97 -23.85
CA GLN B 433 24.91 -19.96 -24.26
C GLN B 433 24.40 -21.35 -23.91
N ASN B 434 24.81 -22.39 -24.67
CA ASN B 434 24.44 -23.80 -24.40
C ASN B 434 25.72 -24.62 -24.12
N ALA B 435 25.61 -25.94 -24.06
CA ALA B 435 26.68 -26.86 -23.63
C ALA B 435 27.82 -26.93 -24.67
N GLN B 436 27.51 -26.67 -25.95
N GLN B 436 27.51 -26.66 -25.94
CA GLN B 436 28.45 -26.64 -27.09
CA GLN B 436 28.46 -26.64 -27.08
C GLN B 436 28.94 -25.19 -27.33
C GLN B 436 28.94 -25.19 -27.33
N ASN B 437 28.59 -24.26 -26.43
CA ASN B 437 29.05 -22.84 -26.45
C ASN B 437 28.52 -22.11 -27.69
N ASN B 438 27.43 -22.59 -28.29
CA ASN B 438 26.68 -21.87 -29.34
C ASN B 438 25.82 -20.81 -28.66
N LEU B 439 25.62 -19.68 -29.31
CA LEU B 439 24.97 -18.48 -28.72
C LEU B 439 23.59 -18.31 -29.33
N SER B 440 22.69 -17.67 -28.58
CA SER B 440 21.40 -17.11 -29.05
C SER B 440 21.30 -15.66 -28.56
N VAL B 441 20.54 -14.81 -29.26
CA VAL B 441 20.23 -13.43 -28.80
C VAL B 441 18.71 -13.23 -28.82
N THR B 442 18.17 -12.55 -27.82
CA THR B 442 16.71 -12.25 -27.69
C THR B 442 16.53 -10.81 -27.21
N ASP B 443 15.43 -10.18 -27.64
CA ASP B 443 14.99 -8.83 -27.21
C ASP B 443 13.78 -8.97 -26.27
N GLY B 444 13.48 -10.21 -25.84
CA GLY B 444 12.31 -10.55 -25.01
C GLY B 444 11.16 -11.10 -25.84
N ARG B 445 11.24 -10.96 -27.16
CA ARG B 445 10.13 -11.27 -28.11
C ARG B 445 10.64 -12.24 -29.18
N TRP B 446 11.67 -11.84 -29.93
CA TRP B 446 12.36 -12.69 -30.93
C TRP B 446 13.59 -13.35 -30.29
N LYS B 447 13.91 -14.58 -30.70
CA LYS B 447 15.13 -15.32 -30.29
C LYS B 447 15.79 -15.91 -31.56
N TYR B 448 17.02 -15.51 -31.84
CA TYR B 448 17.85 -15.99 -32.98
C TYR B 448 18.96 -16.89 -32.41
N LEU B 449 19.01 -18.16 -32.86
CA LEU B 449 20.09 -19.11 -32.53
C LEU B 449 21.11 -19.09 -33.66
N ARG B 450 22.32 -18.64 -33.36
CA ARG B 450 23.44 -18.56 -34.33
C ARG B 450 23.84 -19.96 -34.76
N PRO B 451 23.96 -20.23 -36.07
CA PRO B 451 24.51 -21.49 -36.56
C PRO B 451 25.80 -21.92 -35.84
N GLY B 452 25.97 -23.22 -35.64
CA GLY B 452 27.16 -23.79 -34.97
C GLY B 452 27.19 -25.31 -35.00
N ASN B 453 28.31 -25.88 -34.57
CA ASN B 453 28.57 -27.34 -34.49
C ASN B 453 27.78 -27.94 -33.33
N GLY B 454 27.61 -29.26 -33.33
CA GLY B 454 27.04 -30.04 -32.21
C GLY B 454 25.82 -30.84 -32.65
N PRO B 455 25.50 -31.94 -31.94
CA PRO B 455 24.33 -32.77 -32.26
C PRO B 455 23.02 -32.04 -31.96
N ALA B 456 21.95 -32.39 -32.67
CA ALA B 456 20.59 -31.82 -32.53
C ALA B 456 19.93 -32.39 -31.26
N TYR B 457 20.35 -33.59 -30.84
CA TYR B 457 19.71 -34.41 -29.78
C TYR B 457 20.78 -35.21 -29.04
N LEU B 458 20.63 -35.35 -27.71
CA LEU B 458 21.43 -36.28 -26.87
C LEU B 458 20.48 -37.38 -26.36
N LYS B 459 20.65 -38.62 -26.81
CA LYS B 459 19.78 -39.78 -26.44
C LYS B 459 19.94 -40.09 -24.93
N ALA B 460 21.18 -40.14 -24.44
CA ALA B 460 21.55 -40.53 -23.06
C ALA B 460 20.74 -39.73 -22.03
N VAL B 461 20.51 -38.45 -22.35
CA VAL B 461 19.91 -37.42 -21.43
C VAL B 461 18.52 -37.02 -21.96
N ASN B 462 18.16 -37.46 -23.17
CA ASN B 462 16.86 -37.22 -23.86
C ASN B 462 16.54 -35.72 -23.85
N ILE B 463 17.46 -34.89 -24.37
CA ILE B 463 17.27 -33.42 -24.49
C ILE B 463 17.58 -32.97 -25.92
N GLU B 464 16.68 -32.18 -26.51
CA GLU B 464 16.89 -31.41 -27.77
C GLU B 464 17.82 -30.24 -27.45
N LEU B 465 18.99 -30.17 -28.10
CA LEU B 465 20.09 -29.21 -27.78
C LEU B 465 19.95 -27.92 -28.60
N GLY B 466 19.27 -27.97 -29.75
CA GLY B 466 19.00 -26.81 -30.62
C GLY B 466 20.18 -26.46 -31.53
N ASN B 467 21.28 -27.23 -31.46
CA ASN B 467 22.44 -27.05 -32.36
C ASN B 467 22.00 -27.30 -33.80
N SER B 468 22.38 -26.41 -34.72
CA SER B 468 21.99 -26.49 -36.14
C SER B 468 22.97 -25.68 -37.01
N LYS B 469 23.18 -26.14 -38.24
CA LYS B 469 24.00 -25.44 -39.25
C LYS B 469 23.14 -24.36 -39.91
N GLU B 470 21.81 -24.49 -39.81
CA GLU B 470 20.82 -23.50 -40.31
C GLU B 470 20.59 -22.42 -39.26
N PRO B 471 20.43 -21.14 -39.65
CA PRO B 471 19.95 -20.11 -38.74
C PRO B 471 18.55 -20.47 -38.22
N GLN B 472 18.26 -20.10 -36.97
CA GLN B 472 16.95 -20.35 -36.30
C GLN B 472 16.41 -19.03 -35.76
N LEU B 473 15.14 -18.73 -36.00
CA LEU B 473 14.41 -17.57 -35.42
C LEU B 473 13.05 -18.04 -34.88
N TYR B 474 12.73 -17.65 -33.64
CA TYR B 474 11.48 -18.03 -32.93
C TYR B 474 10.83 -16.76 -32.39
N ASP B 475 9.54 -16.56 -32.65
CA ASP B 475 8.68 -15.54 -31.98
C ASP B 475 8.19 -16.15 -30.65
N LEU B 476 8.86 -15.82 -29.56
CA LEU B 476 8.61 -16.42 -28.21
C LEU B 476 7.24 -16.00 -27.67
N LYS B 477 6.62 -14.94 -28.22
CA LYS B 477 5.28 -14.44 -27.79
C LYS B 477 4.20 -15.27 -28.49
N LYS B 478 4.29 -15.47 -29.81
CA LYS B 478 3.33 -16.28 -30.58
C LYS B 478 3.65 -17.78 -30.42
N ASP B 479 4.90 -18.13 -30.12
CA ASP B 479 5.42 -19.53 -30.15
C ASP B 479 6.47 -19.73 -29.06
N PRO B 480 6.07 -19.72 -27.77
CA PRO B 480 7.02 -19.85 -26.66
C PRO B 480 7.66 -21.24 -26.54
N LYS B 481 6.99 -22.25 -27.10
CA LYS B 481 7.45 -23.67 -27.12
C LYS B 481 8.55 -23.84 -28.18
N GLU B 482 8.88 -22.77 -28.92
CA GLU B 482 9.95 -22.78 -29.96
C GLU B 482 9.72 -23.96 -30.90
N LYS B 483 8.48 -24.18 -31.35
CA LYS B 483 8.08 -25.29 -32.27
C LYS B 483 8.38 -24.89 -33.72
N ASN B 484 8.20 -23.62 -34.07
CA ASN B 484 8.07 -23.15 -35.49
C ASN B 484 9.19 -22.16 -35.80
N ASN B 485 10.30 -22.65 -36.38
CA ASN B 485 11.44 -21.85 -36.89
C ASN B 485 10.98 -21.00 -38.08
N VAL B 486 11.05 -19.67 -37.95
CA VAL B 486 10.51 -18.70 -38.96
C VAL B 486 11.64 -17.79 -39.48
N ALA B 487 12.88 -18.28 -39.48
CA ALA B 487 14.06 -17.58 -40.06
C ALA B 487 13.80 -17.32 -41.55
N GLY B 488 13.32 -18.34 -42.26
CA GLY B 488 12.94 -18.30 -43.69
C GLY B 488 11.98 -17.17 -44.01
N GLN B 489 10.97 -16.96 -43.16
CA GLN B 489 9.87 -15.98 -43.37
C GLN B 489 10.25 -14.57 -42.90
N ASN B 490 11.47 -14.36 -42.38
CA ASN B 490 11.91 -13.06 -41.80
C ASN B 490 13.38 -12.82 -42.09
N PRO B 491 13.80 -12.72 -43.38
CA PRO B 491 15.21 -12.56 -43.70
C PRO B 491 15.83 -11.28 -43.11
N GLU B 492 15.13 -10.15 -43.22
CA GLU B 492 15.65 -8.82 -42.76
C GLU B 492 15.81 -8.85 -41.24
N LEU B 493 14.93 -9.55 -40.52
CA LEU B 493 14.96 -9.65 -39.03
C LEU B 493 16.12 -10.55 -38.60
N VAL B 494 16.34 -11.65 -39.32
CA VAL B 494 17.49 -12.58 -39.07
C VAL B 494 18.79 -11.77 -39.17
N LYS B 495 18.95 -10.97 -40.24
CA LYS B 495 20.14 -10.13 -40.50
C LYS B 495 20.34 -9.14 -39.34
N LYS B 496 19.30 -8.42 -38.96
CA LYS B 496 19.30 -7.40 -37.87
C LYS B 496 19.86 -8.03 -36.59
N MET B 497 19.44 -9.27 -36.29
CA MET B 497 19.70 -9.93 -34.98
C MET B 497 21.02 -10.72 -35.01
N ALA B 498 21.38 -11.30 -36.15
CA ALA B 498 22.72 -11.85 -36.40
C ALA B 498 23.76 -10.75 -36.13
N ALA B 499 23.54 -9.56 -36.69
CA ALA B 499 24.44 -8.38 -36.60
C ALA B 499 24.55 -7.92 -35.15
N GLN B 500 23.39 -7.83 -34.48
CA GLN B 500 23.28 -7.41 -33.06
C GLN B 500 24.05 -8.39 -32.15
N LEU B 501 23.97 -9.69 -32.43
CA LEU B 501 24.73 -10.74 -31.68
C LEU B 501 26.22 -10.47 -31.82
N GLU B 502 26.71 -10.25 -33.04
CA GLU B 502 28.15 -10.08 -33.32
C GLU B 502 28.63 -8.78 -32.68
N LYS B 503 27.80 -7.74 -32.70
CA LYS B 503 28.09 -6.43 -32.05
C LYS B 503 28.46 -6.70 -30.58
N ILE B 504 27.65 -7.50 -29.89
CA ILE B 504 27.85 -7.84 -28.45
C ILE B 504 29.02 -8.82 -28.30
N VAL B 505 29.24 -9.74 -29.25
CA VAL B 505 30.38 -10.70 -29.20
C VAL B 505 31.70 -9.92 -29.31
N ASP B 506 31.71 -8.81 -30.05
CA ASP B 506 32.93 -8.09 -30.48
C ASP B 506 33.74 -9.11 -31.30
N GLY B 507 35.04 -9.25 -31.03
CA GLY B 507 35.79 -10.46 -31.44
C GLY B 507 36.15 -11.33 -30.24
N ARG B 508 35.51 -11.07 -29.09
CA ARG B 508 35.95 -11.60 -27.77
C ARG B 508 35.10 -12.84 -27.47
N TYR B 509 35.53 -13.98 -28.04
CA TYR B 509 34.92 -15.33 -27.90
C TYR B 509 36.02 -16.36 -27.73
N GLY B 510 35.94 -17.19 -26.69
CA GLY B 510 36.88 -18.32 -26.43
C GLY B 510 38.31 -17.87 -26.27
N LEU B 511 38.54 -16.66 -25.75
CA LEU B 511 39.89 -16.08 -25.51
C LEU B 511 40.53 -16.74 -24.30
N PRO B 512 41.87 -16.65 -24.12
CA PRO B 512 42.53 -17.20 -22.94
C PRO B 512 42.14 -16.51 -21.62
N LEU B 513 41.97 -17.31 -20.55
CA LEU B 513 42.15 -16.89 -19.14
C LEU B 513 43.57 -16.33 -18.96
N GLN C 27 -18.62 47.42 8.07
CA GLN C 27 -18.39 46.02 7.56
C GLN C 27 -19.73 45.33 7.26
N ARG C 28 -20.03 45.15 5.97
CA ARG C 28 -21.16 44.32 5.47
C ARG C 28 -20.59 43.40 4.41
N PRO C 29 -19.72 42.41 4.79
CA PRO C 29 -19.16 41.47 3.83
C PRO C 29 -20.12 40.32 3.51
N ASN C 30 -19.90 39.60 2.41
CA ASN C 30 -20.64 38.35 2.12
C ASN C 30 -20.19 37.30 3.13
N VAL C 31 -21.09 36.40 3.52
CA VAL C 31 -20.79 35.27 4.43
C VAL C 31 -21.21 33.96 3.73
N VAL C 32 -20.23 33.09 3.52
CA VAL C 32 -20.41 31.74 2.91
C VAL C 32 -19.94 30.70 3.93
N PHE C 33 -20.86 29.86 4.38
CA PHE C 33 -20.56 28.66 5.20
C PHE C 33 -20.37 27.48 4.26
N ILE C 34 -19.25 26.77 4.38
CA ILE C 34 -19.09 25.40 3.81
C ILE C 34 -19.11 24.42 4.99
N TYR C 35 -20.26 23.78 5.21
CA TYR C 35 -20.59 23.05 6.46
C TYR C 35 -20.70 21.57 6.15
N ALA C 36 -19.70 20.80 6.60
CA ALA C 36 -19.54 19.36 6.32
C ALA C 36 -20.40 18.52 7.26
N ASP C 37 -20.55 17.24 6.97
CA ASP C 37 -21.30 16.24 7.78
C ASP C 37 -20.33 15.15 8.23
N ASP C 38 -20.13 14.99 9.54
CA ASP C 38 -19.40 13.87 10.17
C ASP C 38 -17.91 13.93 9.80
N ILE C 39 -17.37 15.11 9.50
CA ILE C 39 -15.93 15.27 9.13
C ILE C 39 -15.15 15.68 10.39
N GLY C 40 -14.27 14.78 10.85
CA GLY C 40 -13.56 14.90 12.15
C GLY C 40 -12.29 15.73 12.05
N TYR C 41 -11.66 15.99 13.19
CA TYR C 41 -10.50 16.89 13.34
C TYR C 41 -9.36 16.42 12.43
N GLY C 42 -9.17 15.11 12.29
CA GLY C 42 -8.07 14.50 11.51
C GLY C 42 -8.49 14.01 10.12
N ASP C 43 -9.68 14.39 9.64
CA ASP C 43 -10.25 13.89 8.34
C ASP C 43 -9.78 14.79 7.18
N LEU C 44 -9.31 16.01 7.46
CA LEU C 44 -8.83 16.97 6.41
C LEU C 44 -7.34 17.25 6.66
N SER C 45 -6.56 17.46 5.60
CA SER C 45 -5.07 17.52 5.65
C SER C 45 -4.59 18.84 6.27
N CYS C 46 -5.49 19.82 6.44
CA CYS C 46 -5.18 21.16 7.03
C CYS C 46 -4.72 21.02 8.49
N ASN C 47 -5.17 19.97 9.20
CA ASN C 47 -4.84 19.74 10.63
C ASN C 47 -3.66 18.75 10.78
N GLY C 48 -2.97 18.40 9.68
CA GLY C 48 -1.67 17.71 9.73
C GLY C 48 -1.66 16.32 9.12
N ALA C 49 -2.85 15.74 8.90
CA ALA C 49 -3.03 14.39 8.32
C ALA C 49 -2.25 14.26 7.01
N LYS C 50 -1.46 13.19 6.86
CA LYS C 50 -0.69 12.87 5.62
C LYS C 50 -1.34 11.66 4.92
N THR C 51 -2.45 11.14 5.45
CA THR C 51 -3.15 9.91 4.99
C THR C 51 -4.22 10.25 3.95
N ILE C 52 -4.59 11.53 3.86
CA ILE C 52 -5.58 12.06 2.88
C ILE C 52 -4.99 13.38 2.36
N HIS C 53 -5.22 13.70 1.09
CA HIS C 53 -4.82 15.01 0.52
C HIS C 53 -6.08 15.77 0.10
N THR C 54 -6.42 16.81 0.87
CA THR C 54 -7.51 17.80 0.60
C THR C 54 -6.86 19.14 0.26
N PRO C 55 -6.45 19.36 -1.02
CA PRO C 55 -5.67 20.54 -1.39
C PRO C 55 -6.42 21.88 -1.23
N ASN C 56 -7.71 21.92 -1.57
CA ASN C 56 -8.56 23.15 -1.49
C ASN C 56 -8.75 23.56 -0.03
N VAL C 57 -8.86 22.60 0.89
CA VAL C 57 -9.02 22.89 2.35
C VAL C 57 -7.68 23.46 2.86
N GLU C 58 -6.55 22.96 2.36
CA GLU C 58 -5.20 23.51 2.70
C GLU C 58 -5.09 24.94 2.16
N ARG C 59 -5.60 25.18 0.95
CA ARG C 59 -5.65 26.53 0.32
C ARG C 59 -6.37 27.48 1.29
N LEU C 60 -7.56 27.13 1.74
CA LEU C 60 -8.39 27.94 2.67
C LEU C 60 -7.59 28.23 3.94
N ALA C 61 -6.95 27.21 4.53
CA ALA C 61 -6.17 27.31 5.78
C ALA C 61 -5.02 28.32 5.59
N LYS C 62 -4.24 28.18 4.51
CA LYS C 62 -3.07 29.05 4.21
C LYS C 62 -3.54 30.42 3.72
N MET C 63 -4.86 30.61 3.58
CA MET C 63 -5.53 31.83 3.06
C MET C 63 -6.26 32.58 4.21
N GLY C 64 -6.40 31.94 5.38
CA GLY C 64 -7.11 32.52 6.54
C GLY C 64 -6.57 32.00 7.87
N VAL C 65 -7.46 31.77 8.85
CA VAL C 65 -7.09 31.29 10.21
C VAL C 65 -7.73 29.92 10.46
N ARG C 66 -6.91 28.98 10.94
CA ARG C 66 -7.28 27.58 11.26
C ARG C 66 -7.38 27.43 12.78
N PHE C 67 -8.47 26.83 13.28
CA PHE C 67 -8.78 26.66 14.71
C PHE C 67 -8.49 25.22 15.19
N THR C 68 -7.79 25.09 16.30
CA THR C 68 -7.35 23.80 16.89
C THR C 68 -8.21 23.42 18.10
N ASN C 69 -9.14 24.29 18.52
CA ASN C 69 -9.99 24.05 19.71
C ASN C 69 -11.38 24.69 19.48
N ALA C 70 -11.89 24.62 18.25
CA ALA C 70 -13.25 25.06 17.88
C ALA C 70 -14.18 23.86 17.92
N HIS C 71 -15.40 24.05 18.45
CA HIS C 71 -16.37 22.97 18.74
C HIS C 71 -17.73 23.26 18.08
N SER C 72 -18.39 22.22 17.59
CA SER C 72 -19.86 22.19 17.39
C SER C 72 -20.52 22.11 18.77
N ALA C 73 -21.73 22.64 18.91
CA ALA C 73 -22.47 22.65 20.20
C ALA C 73 -22.72 21.21 20.65
N ALA C 74 -22.90 20.29 19.69
CA ALA C 74 -23.35 18.88 19.94
C ALA C 74 -22.50 17.91 19.11
N ALA C 75 -22.56 16.62 19.48
CA ALA C 75 -21.86 15.52 18.79
C ALA C 75 -22.80 14.83 17.81
N THR C 76 -23.95 15.43 17.50
CA THR C 76 -24.91 14.95 16.47
C THR C 76 -25.43 16.14 15.67
N SER C 77 -26.05 15.88 14.52
CA SER C 77 -26.40 16.88 13.46
C SER C 77 -27.42 17.90 13.96
N THR C 78 -28.64 17.45 14.26
CA THR C 78 -29.83 18.30 14.49
C THR C 78 -29.58 19.27 15.66
N PRO C 79 -29.05 18.84 16.82
CA PRO C 79 -28.78 19.78 17.90
C PRO C 79 -27.68 20.78 17.55
N SER C 80 -26.60 20.35 16.90
CA SER C 80 -25.49 21.24 16.46
C SER C 80 -26.03 22.33 15.53
N ARG C 81 -26.87 21.95 14.58
CA ARG C 81 -27.44 22.85 13.54
C ARG C 81 -28.46 23.79 14.20
N TYR C 82 -29.28 23.27 15.11
CA TYR C 82 -30.26 24.07 15.91
C TYR C 82 -29.51 25.13 16.71
N ALA C 83 -28.46 24.72 17.43
CA ALA C 83 -27.60 25.60 18.27
C ALA C 83 -27.04 26.76 17.42
N MET C 84 -26.61 26.47 16.20
CA MET C 84 -25.86 27.40 15.33
C MET C 84 -26.81 28.47 14.79
N LEU C 85 -27.96 28.07 14.26
CA LEU C 85 -28.95 28.97 13.60
C LEU C 85 -29.76 29.76 14.65
N THR C 86 -29.91 29.23 15.88
CA THR C 86 -30.76 29.82 16.95
C THR C 86 -29.90 30.56 18.00
N GLY C 87 -28.61 30.21 18.13
CA GLY C 87 -27.72 30.72 19.19
C GLY C 87 -28.15 30.27 20.58
N GLU C 88 -28.91 29.17 20.67
CA GLU C 88 -29.40 28.59 21.96
C GLU C 88 -28.89 27.15 22.05
N TYR C 89 -28.26 26.77 23.16
CA TYR C 89 -27.88 25.37 23.47
C TYR C 89 -29.08 24.46 23.13
N ALA C 90 -28.86 23.43 22.32
CA ALA C 90 -29.94 22.51 21.85
C ALA C 90 -30.55 21.76 23.04
N TRP C 91 -29.72 21.41 24.02
CA TRP C 91 -30.11 20.59 25.21
C TRP C 91 -31.12 21.33 26.10
N ARG C 92 -31.33 22.64 25.88
CA ARG C 92 -32.34 23.44 26.64
C ARG C 92 -33.76 23.04 26.23
N LYS C 93 -33.92 22.38 25.09
CA LYS C 93 -35.26 22.05 24.53
C LYS C 93 -35.33 20.55 24.21
N ALA C 94 -36.39 19.88 24.67
CA ALA C 94 -36.77 18.52 24.22
C ALA C 94 -37.28 18.61 22.79
N GLY C 95 -36.82 17.73 21.89
CA GLY C 95 -37.22 17.63 20.48
C GLY C 95 -36.19 18.19 19.51
N THR C 96 -34.97 18.49 19.99
CA THR C 96 -33.83 19.01 19.16
C THR C 96 -32.82 17.90 18.87
N GLY C 97 -33.15 16.65 19.20
CA GLY C 97 -32.32 15.47 18.87
C GLY C 97 -32.42 15.11 17.40
N ILE C 98 -31.54 14.20 16.96
CA ILE C 98 -31.49 13.65 15.57
C ILE C 98 -32.93 13.54 15.04
N ALA C 99 -33.30 14.37 14.06
CA ALA C 99 -34.66 14.42 13.47
C ALA C 99 -34.81 13.36 12.38
N ALA C 100 -36.04 12.86 12.20
CA ALA C 100 -36.44 12.02 11.04
C ALA C 100 -36.68 12.93 9.84
N GLY C 101 -36.74 12.37 8.63
CA GLY C 101 -37.09 13.10 7.40
C GLY C 101 -38.46 13.77 7.53
N ASP C 102 -39.41 13.11 8.20
CA ASP C 102 -40.82 13.56 8.32
C ASP C 102 -41.00 14.38 9.60
N ALA C 103 -39.91 14.76 10.27
CA ALA C 103 -39.93 15.63 11.47
C ALA C 103 -40.49 17.00 11.10
N ALA C 104 -41.36 17.54 11.95
CA ALA C 104 -41.95 18.89 11.83
C ALA C 104 -40.87 19.93 12.14
N ALA C 105 -41.05 21.17 11.64
CA ALA C 105 -40.17 22.33 11.87
C ALA C 105 -39.85 22.43 13.37
N ILE C 106 -38.60 22.21 13.74
CA ILE C 106 -38.07 22.44 15.12
C ILE C 106 -37.93 23.95 15.36
N ILE C 107 -37.51 24.72 14.35
CA ILE C 107 -37.40 26.20 14.46
C ILE C 107 -38.66 26.82 13.84
N ARG C 108 -39.49 27.44 14.69
CA ARG C 108 -40.79 28.04 14.30
C ARG C 108 -40.57 29.51 13.94
N PRO C 109 -41.39 30.09 13.04
CA PRO C 109 -41.22 31.47 12.60
C PRO C 109 -41.20 32.53 13.71
N GLU C 110 -41.69 32.20 14.91
CA GLU C 110 -41.66 33.11 16.09
C GLU C 110 -40.20 33.36 16.52
N ARG C 111 -39.28 32.44 16.17
CA ARG C 111 -37.87 32.46 16.62
C ARG C 111 -37.06 33.43 15.76
N TYR C 112 -36.07 34.10 16.36
CA TYR C 112 -35.12 34.99 15.65
C TYR C 112 -33.87 34.16 15.29
N THR C 113 -33.66 33.99 13.99
CA THR C 113 -32.72 33.06 13.33
C THR C 113 -31.50 33.84 12.83
N MET C 114 -30.36 33.19 12.66
CA MET C 114 -29.15 33.81 12.04
C MET C 114 -29.53 34.37 10.66
N ALA C 115 -30.32 33.61 9.88
CA ALA C 115 -30.88 34.04 8.58
C ALA C 115 -31.66 35.35 8.74
N ASN C 116 -32.48 35.46 9.79
CA ASN C 116 -33.28 36.68 10.08
C ASN C 116 -32.32 37.85 10.32
N LEU C 117 -31.24 37.64 11.10
CA LEU C 117 -30.23 38.67 11.43
C LEU C 117 -29.74 39.30 10.12
N PHE C 118 -29.31 38.45 9.19
CA PHE C 118 -28.71 38.87 7.89
C PHE C 118 -29.77 39.56 7.03
N LYS C 119 -30.93 38.93 6.84
CA LYS C 119 -32.05 39.46 6.00
C LYS C 119 -32.42 40.88 6.48
N ASP C 120 -32.53 41.07 7.81
CA ASP C 120 -32.89 42.35 8.46
C ASP C 120 -31.76 43.37 8.27
N ALA C 121 -30.51 42.93 8.15
CA ALA C 121 -29.32 43.78 7.88
C ALA C 121 -29.16 44.02 6.37
N GLY C 122 -30.11 43.53 5.55
CA GLY C 122 -30.23 43.84 4.12
C GLY C 122 -29.53 42.85 3.19
N TYR C 123 -29.14 41.68 3.71
CA TYR C 123 -28.51 40.60 2.91
C TYR C 123 -29.60 39.78 2.20
N ASN C 124 -29.23 39.19 1.08
CA ASN C 124 -29.97 38.05 0.47
C ASN C 124 -29.51 36.79 1.19
N THR C 125 -30.43 35.87 1.43
CA THR C 125 -30.16 34.65 2.24
C THR C 125 -30.53 33.40 1.44
N GLY C 126 -29.67 32.38 1.52
CA GLY C 126 -29.86 31.09 0.84
C GLY C 126 -29.33 29.96 1.71
N VAL C 127 -30.01 28.82 1.68
CA VAL C 127 -29.53 27.55 2.28
C VAL C 127 -29.52 26.51 1.16
N VAL C 128 -28.41 25.81 1.03
CA VAL C 128 -28.20 24.73 0.02
C VAL C 128 -27.63 23.50 0.73
N GLY C 129 -28.28 22.36 0.55
CA GLY C 129 -27.83 21.04 1.03
C GLY C 129 -28.61 20.58 2.26
N LYS C 130 -27.92 19.93 3.20
CA LYS C 130 -28.57 19.23 4.33
C LYS C 130 -29.24 20.24 5.26
N TRP C 131 -30.51 20.00 5.58
CA TRP C 131 -31.34 20.85 6.47
C TRP C 131 -31.40 20.21 7.87
N HIS C 132 -32.21 19.18 8.03
CA HIS C 132 -32.23 18.27 9.22
C HIS C 132 -32.72 19.00 10.46
N LEU C 133 -33.58 20.02 10.29
CA LEU C 133 -34.22 20.79 11.40
C LEU C 133 -35.75 20.77 11.25
N GLY C 134 -36.27 19.88 10.39
CA GLY C 134 -37.71 19.62 10.26
C GLY C 134 -38.38 20.60 9.31
N LEU C 135 -39.49 20.17 8.71
CA LEU C 135 -40.33 20.97 7.78
C LEU C 135 -41.80 20.65 8.05
N GLY C 136 -42.70 21.62 7.85
CA GLY C 136 -44.15 21.42 8.02
C GLY C 136 -44.54 21.48 9.48
N ASP C 137 -45.85 21.33 9.74
CA ASP C 137 -46.50 21.69 11.04
C ASP C 137 -46.49 20.49 11.99
N LYS C 138 -46.96 19.34 11.55
CA LYS C 138 -47.12 18.11 12.39
C LYS C 138 -46.37 16.97 11.71
N GLY C 139 -45.41 16.37 12.44
CA GLY C 139 -44.55 15.27 12.00
C GLY C 139 -45.34 14.04 11.58
N GLY C 140 -45.00 13.45 10.45
CA GLY C 140 -45.61 12.22 9.92
C GLY C 140 -46.91 12.50 9.17
N GLU C 141 -47.34 13.76 9.08
CA GLU C 141 -48.66 14.16 8.51
C GLU C 141 -48.49 15.12 7.33
N GLN C 142 -47.25 15.44 6.92
CA GLN C 142 -46.96 16.39 5.82
C GLN C 142 -47.47 15.81 4.49
N ASP C 143 -48.02 16.65 3.60
CA ASP C 143 -48.27 16.30 2.18
C ASP C 143 -47.05 16.78 1.36
N TRP C 144 -46.17 15.87 0.99
CA TRP C 144 -44.86 16.17 0.33
C TRP C 144 -45.07 16.58 -1.14
N ASN C 145 -46.30 16.50 -1.64
CA ASN C 145 -46.70 16.99 -2.99
C ASN C 145 -47.12 18.46 -2.94
N LYS C 146 -47.32 19.00 -1.75
CA LYS C 146 -47.75 20.41 -1.55
C LYS C 146 -46.60 21.19 -0.91
N PRO C 147 -46.68 22.54 -0.90
CA PRO C 147 -45.74 23.38 -0.14
C PRO C 147 -45.66 22.96 1.33
N LEU C 148 -44.42 22.78 1.83
CA LEU C 148 -44.13 22.56 3.27
C LEU C 148 -44.28 23.89 4.01
N GLN C 149 -45.16 23.94 5.02
CA GLN C 149 -45.56 25.17 5.73
C GLN C 149 -45.67 24.85 7.22
N PRO C 150 -44.81 25.40 8.10
CA PRO C 150 -43.69 26.28 7.74
C PRO C 150 -42.38 25.54 7.42
N GLY C 151 -41.48 26.22 6.70
CA GLY C 151 -40.18 25.66 6.27
C GLY C 151 -39.05 26.66 6.42
N THR C 152 -38.03 26.53 5.57
CA THR C 152 -36.79 27.36 5.56
C THR C 152 -37.12 28.83 5.22
N ASN C 153 -38.09 29.05 4.33
CA ASN C 153 -38.44 30.38 3.77
C ASN C 153 -39.33 31.17 4.74
N ASP C 154 -39.67 30.61 5.90
CA ASP C 154 -40.49 31.29 6.95
C ASP C 154 -39.60 31.73 8.11
N ILE C 155 -38.32 31.35 8.12
CA ILE C 155 -37.39 31.62 9.25
C ILE C 155 -36.13 32.35 8.75
N GLY C 156 -36.23 33.06 7.63
CA GLY C 156 -35.26 34.10 7.21
C GLY C 156 -34.49 33.80 5.92
N PHE C 157 -34.74 32.65 5.27
CA PHE C 157 -34.07 32.24 4.01
C PHE C 157 -34.95 32.63 2.81
N GLU C 158 -34.43 33.46 1.91
CA GLU C 158 -35.13 33.90 0.67
C GLU C 158 -35.08 32.77 -0.37
N TYR C 159 -33.97 32.02 -0.40
CA TYR C 159 -33.73 30.89 -1.32
C TYR C 159 -33.37 29.66 -0.48
N SER C 160 -33.99 28.52 -0.79
CA SER C 160 -33.63 27.20 -0.20
C SER C 160 -33.63 26.14 -1.29
N PHE C 161 -32.55 25.37 -1.37
CA PHE C 161 -32.43 24.10 -2.15
C PHE C 161 -31.82 23.04 -1.23
N ILE C 162 -32.64 22.16 -0.67
CA ILE C 162 -32.25 21.35 0.52
C ILE C 162 -32.65 19.89 0.35
N MET C 163 -31.91 19.01 1.02
CA MET C 163 -32.35 17.66 1.41
C MET C 163 -33.16 17.80 2.71
N ALA C 164 -34.34 17.19 2.79
CA ALA C 164 -35.21 17.19 3.98
C ALA C 164 -34.39 16.89 5.23
N ALA C 165 -33.69 15.76 5.25
CA ALA C 165 -32.81 15.32 6.36
C ALA C 165 -31.48 14.83 5.80
N THR C 166 -30.96 13.71 6.28
CA THR C 166 -29.67 13.11 5.87
C THR C 166 -29.85 12.31 4.59
N GLY C 167 -28.73 11.92 3.96
CA GLY C 167 -28.71 11.10 2.73
C GLY C 167 -29.29 9.73 2.94
N ASP C 168 -29.28 9.23 4.19
CA ASP C 168 -29.76 7.87 4.55
C ASP C 168 -31.20 7.93 5.09
N ARG C 169 -31.88 9.08 5.01
CA ARG C 169 -33.29 9.25 5.49
C ARG C 169 -34.20 9.69 4.34
N VAL C 170 -35.35 9.01 4.18
CA VAL C 170 -36.45 9.40 3.25
C VAL C 170 -37.11 10.67 3.79
N PRO C 171 -37.69 11.55 2.92
CA PRO C 171 -37.75 11.33 1.47
C PRO C 171 -36.43 11.73 0.79
N CYS C 172 -36.00 10.94 -0.18
CA CYS C 172 -34.75 11.11 -0.95
C CYS C 172 -34.99 12.03 -2.15
N VAL C 173 -35.53 13.22 -1.89
CA VAL C 173 -35.87 14.26 -2.91
C VAL C 173 -35.24 15.58 -2.47
N PHE C 174 -35.17 16.55 -3.39
CA PHE C 174 -34.71 17.93 -3.13
C PHE C 174 -35.95 18.81 -2.90
N VAL C 175 -35.82 19.82 -2.03
CA VAL C 175 -36.90 20.80 -1.72
C VAL C 175 -36.39 22.20 -2.06
N GLU C 176 -37.05 22.88 -3.00
CA GLU C 176 -36.70 24.25 -3.45
C GLU C 176 -37.79 25.20 -2.95
N ASN C 177 -37.41 26.19 -2.15
CA ASN C 177 -38.32 27.17 -1.53
C ASN C 177 -39.53 26.43 -0.96
N ASP C 178 -39.26 25.40 -0.15
CA ASP C 178 -40.25 24.65 0.65
C ASP C 178 -41.25 23.91 -0.27
N GLN C 179 -40.79 23.48 -1.45
CA GLN C 179 -41.56 22.62 -2.39
C GLN C 179 -40.64 21.56 -2.99
N VAL C 180 -41.07 20.31 -2.98
CA VAL C 180 -40.35 19.18 -3.63
C VAL C 180 -40.32 19.42 -5.14
N ILE C 181 -39.14 19.37 -5.78
CA ILE C 181 -38.96 19.64 -7.24
C ILE C 181 -39.06 18.33 -8.03
N ASN C 182 -39.39 18.46 -9.32
CA ASN C 182 -39.38 17.39 -10.34
C ASN C 182 -40.39 16.30 -9.94
N LEU C 183 -41.52 16.72 -9.38
CA LEU C 183 -42.64 15.85 -8.99
C LEU C 183 -43.52 15.64 -10.24
N ASP C 184 -43.82 14.39 -10.56
CA ASP C 184 -44.85 14.01 -11.56
C ASP C 184 -46.14 13.77 -10.80
N PRO C 185 -47.19 14.61 -10.97
CA PRO C 185 -48.40 14.53 -10.15
C PRO C 185 -49.21 13.25 -10.37
N ASN C 186 -48.94 12.49 -11.45
CA ASN C 186 -49.54 11.15 -11.69
C ASN C 186 -48.85 10.09 -10.83
N ASP C 187 -47.75 10.45 -10.15
CA ASP C 187 -46.94 9.55 -9.30
C ASP C 187 -46.54 10.29 -8.03
N PRO C 188 -47.50 10.58 -7.11
CA PRO C 188 -47.22 11.42 -5.94
C PRO C 188 -46.39 10.74 -4.84
N ILE C 189 -45.62 11.54 -4.10
CA ILE C 189 -44.79 11.09 -2.94
C ILE C 189 -45.71 10.76 -1.76
N GLN C 190 -45.41 9.65 -1.08
CA GLN C 190 -45.88 9.37 0.30
C GLN C 190 -44.66 9.03 1.17
N VAL C 191 -44.76 9.31 2.46
CA VAL C 191 -43.68 9.06 3.45
C VAL C 191 -44.31 8.57 4.75
N SER C 192 -43.81 7.45 5.27
CA SER C 192 -44.13 6.95 6.63
C SER C 192 -42.84 6.44 7.27
N TYR C 193 -42.65 6.73 8.56
CA TYR C 193 -41.60 6.12 9.43
C TYR C 193 -42.23 5.04 10.30
N LYS C 194 -43.52 4.76 10.10
CA LYS C 194 -44.33 3.82 10.93
C LYS C 194 -44.43 2.46 10.24
N ALA C 195 -44.79 2.42 8.95
CA ALA C 195 -44.98 1.16 8.19
C ALA C 195 -44.63 1.33 6.70
N ASN C 196 -44.22 0.23 6.05
CA ASN C 196 -43.93 0.17 4.60
C ASN C 196 -45.24 0.31 3.81
N PHE C 197 -45.17 0.93 2.64
CA PHE C 197 -46.28 0.98 1.66
C PHE C 197 -46.31 -0.36 0.94
N PRO C 198 -47.46 -1.06 0.89
CA PRO C 198 -47.58 -2.30 0.12
C PRO C 198 -47.05 -2.12 -1.31
N GLY C 199 -46.24 -3.07 -1.76
CA GLY C 199 -45.64 -3.10 -3.11
C GLY C 199 -44.19 -2.70 -3.07
N GLU C 200 -43.78 -1.81 -2.14
CA GLU C 200 -42.39 -1.25 -2.10
C GLU C 200 -41.47 -2.26 -1.42
N PRO C 201 -40.31 -2.59 -2.03
CA PRO C 201 -39.37 -3.53 -1.41
C PRO C 201 -38.57 -2.83 -0.28
N THR C 202 -37.87 -3.61 0.52
CA THR C 202 -36.99 -3.13 1.62
C THR C 202 -35.63 -3.82 1.53
N GLY C 203 -34.59 -3.21 2.10
CA GLY C 203 -33.25 -3.82 2.23
C GLY C 203 -33.28 -5.07 3.09
N LYS C 204 -34.23 -5.16 4.02
CA LYS C 204 -34.41 -6.30 4.96
C LYS C 204 -34.98 -7.49 4.18
N ASP C 205 -36.07 -7.30 3.43
CA ASP C 205 -36.85 -8.37 2.76
C ASP C 205 -36.34 -8.64 1.34
N ASN C 206 -35.74 -7.66 0.67
CA ASN C 206 -35.32 -7.78 -0.75
C ASN C 206 -33.85 -7.36 -0.88
N PRO C 207 -32.91 -7.96 -0.11
CA PRO C 207 -31.51 -7.54 -0.13
C PRO C 207 -30.79 -7.75 -1.47
N GLU C 208 -31.34 -8.62 -2.31
CA GLU C 208 -30.83 -8.91 -3.68
C GLU C 208 -30.95 -7.66 -4.56
N LEU C 209 -31.78 -6.68 -4.18
CA LEU C 209 -32.01 -5.42 -4.97
C LEU C 209 -30.99 -4.33 -4.61
N LEU C 210 -30.01 -4.64 -3.75
CA LEU C 210 -29.06 -3.67 -3.14
C LEU C 210 -27.72 -3.71 -3.86
N LYS C 211 -27.12 -2.54 -4.12
CA LYS C 211 -25.73 -2.41 -4.61
C LYS C 211 -24.80 -2.12 -3.42
N MET C 212 -25.36 -1.73 -2.26
CA MET C 212 -24.66 -1.45 -0.98
C MET C 212 -25.53 -2.00 0.15
N HIS C 213 -24.95 -2.89 0.96
CA HIS C 213 -25.67 -3.65 2.01
C HIS C 213 -25.58 -2.90 3.34
N PRO C 214 -26.65 -2.95 4.17
CA PRO C 214 -26.63 -2.36 5.51
C PRO C 214 -25.76 -3.18 6.47
N SER C 215 -25.10 -2.50 7.42
CA SER C 215 -24.34 -3.12 8.53
C SER C 215 -25.22 -3.17 9.79
N HIS C 216 -26.02 -2.12 10.03
CA HIS C 216 -27.01 -2.03 11.14
C HIS C 216 -28.10 -1.04 10.75
N GLY C 217 -29.37 -1.40 10.99
CA GLY C 217 -30.54 -0.61 10.56
C GLY C 217 -30.52 -0.41 9.06
N HIS C 218 -30.92 0.77 8.59
CA HIS C 218 -30.83 1.19 7.16
C HIS C 218 -31.36 0.07 6.27
N ASP C 219 -32.51 -0.51 6.63
CA ASP C 219 -33.03 -1.74 5.95
C ASP C 219 -34.48 -1.51 5.54
N GLN C 220 -34.89 -0.26 5.29
CA GLN C 220 -36.29 0.10 4.94
C GLN C 220 -36.34 0.39 3.44
N SER C 221 -36.95 1.50 2.99
CA SER C 221 -37.21 1.79 1.56
C SER C 221 -35.91 1.84 0.76
N ILE C 222 -35.96 1.44 -0.52
CA ILE C 222 -34.78 1.36 -1.44
C ILE C 222 -34.87 2.52 -2.43
N VAL C 223 -33.73 3.15 -2.67
CA VAL C 223 -33.54 4.31 -3.58
C VAL C 223 -32.15 4.13 -4.22
N ASN C 224 -32.06 4.03 -5.55
CA ASN C 224 -30.80 3.80 -6.29
C ASN C 224 -30.03 2.63 -5.65
N GLY C 225 -30.70 1.51 -5.38
CA GLY C 225 -30.08 0.25 -4.91
C GLY C 225 -29.48 0.37 -3.50
N ILE C 226 -29.87 1.39 -2.73
CA ILE C 226 -29.41 1.60 -1.33
C ILE C 226 -30.65 1.75 -0.42
N SER C 227 -30.80 0.87 0.56
CA SER C 227 -31.90 0.90 1.57
C SER C 227 -31.63 2.06 2.53
N ARG C 228 -32.69 2.68 3.05
CA ARG C 228 -32.65 3.92 3.87
C ARG C 228 -33.33 3.69 5.23
N ILE C 229 -33.37 4.72 6.06
CA ILE C 229 -34.22 4.81 7.27
C ILE C 229 -35.53 5.46 6.86
N GLY C 230 -36.66 4.81 7.15
CA GLY C 230 -38.01 5.27 6.81
C GLY C 230 -38.49 4.71 5.49
N TYR C 231 -39.81 4.66 5.29
CA TYR C 231 -40.46 4.12 4.07
C TYR C 231 -41.00 5.28 3.22
N MET C 232 -40.95 5.14 1.90
CA MET C 232 -41.57 6.08 0.93
C MET C 232 -42.07 5.33 -0.32
N LYS C 233 -42.89 6.02 -1.13
CA LYS C 233 -43.52 5.47 -2.34
C LYS C 233 -43.80 6.62 -3.32
N GLY C 234 -43.62 6.36 -4.62
CA GLY C 234 -43.84 7.36 -5.69
C GLY C 234 -42.68 8.34 -5.74
N GLY C 235 -42.89 9.46 -6.44
CA GLY C 235 -41.89 10.52 -6.62
C GLY C 235 -40.69 10.08 -7.46
N LYS C 236 -40.85 9.06 -8.29
CA LYS C 236 -39.72 8.41 -9.02
C LYS C 236 -38.88 9.49 -9.71
N SER C 237 -39.55 10.47 -10.35
CA SER C 237 -38.91 11.58 -11.09
C SER C 237 -38.20 12.54 -10.13
N ALA C 238 -38.63 12.60 -8.87
CA ALA C 238 -38.13 13.56 -7.84
C ALA C 238 -36.98 12.93 -7.05
N LEU C 239 -36.77 11.62 -7.14
CA LEU C 239 -35.69 10.90 -6.42
C LEU C 239 -34.34 11.45 -6.88
N TRP C 240 -33.46 11.78 -5.93
CA TRP C 240 -32.05 12.13 -6.22
C TRP C 240 -31.31 10.87 -6.66
N GLN C 241 -30.14 11.02 -7.27
CA GLN C 241 -29.17 9.91 -7.44
C GLN C 241 -27.91 10.29 -6.63
N ASP C 242 -27.47 9.41 -5.75
CA ASP C 242 -26.46 9.72 -4.69
C ASP C 242 -25.12 10.09 -5.34
N GLU C 243 -24.80 9.48 -6.49
CA GLU C 243 -23.56 9.73 -7.29
C GLU C 243 -23.42 11.23 -7.58
N LYS C 244 -24.55 11.92 -7.82
CA LYS C 244 -24.63 13.30 -8.38
C LYS C 244 -25.08 14.32 -7.32
N ILE C 245 -25.15 13.96 -6.03
CA ILE C 245 -25.65 14.89 -4.97
C ILE C 245 -24.63 16.03 -4.78
N ALA C 246 -23.37 15.70 -4.47
CA ALA C 246 -22.28 16.69 -4.33
C ALA C 246 -22.33 17.64 -5.53
N GLU C 247 -22.44 17.07 -6.73
CA GLU C 247 -22.43 17.81 -8.03
C GLU C 247 -23.60 18.80 -8.08
N THR C 248 -24.82 18.33 -7.78
CA THR C 248 -26.09 19.09 -7.88
C THR C 248 -26.07 20.22 -6.84
N LEU C 249 -25.80 19.89 -5.57
CA LEU C 249 -25.75 20.87 -4.44
C LEU C 249 -24.71 21.95 -4.73
N THR C 250 -23.48 21.56 -5.05
CA THR C 250 -22.34 22.47 -5.30
C THR C 250 -22.67 23.37 -6.50
N GLY C 251 -23.36 22.82 -7.51
CA GLY C 251 -23.87 23.59 -8.67
C GLY C 251 -24.82 24.70 -8.23
N LYS C 252 -25.76 24.39 -7.34
CA LYS C 252 -26.78 25.34 -6.84
C LYS C 252 -26.12 26.39 -5.95
N ALA C 253 -25.12 25.98 -5.16
CA ALA C 253 -24.28 26.86 -4.32
C ALA C 253 -23.60 27.91 -5.21
N VAL C 254 -22.93 27.46 -6.27
CA VAL C 254 -22.18 28.34 -7.21
C VAL C 254 -23.19 29.24 -7.94
N SER C 255 -24.29 28.67 -8.45
CA SER C 255 -25.41 29.42 -9.11
C SER C 255 -25.89 30.57 -8.22
N PHE C 256 -26.01 30.33 -6.90
CA PHE C 256 -26.50 31.34 -5.92
C PHE C 256 -25.47 32.46 -5.75
N ILE C 257 -24.19 32.11 -5.68
CA ILE C 257 -23.07 33.11 -5.57
C ILE C 257 -23.04 33.97 -6.85
N GLU C 258 -23.17 33.33 -8.02
CA GLU C 258 -23.20 34.01 -9.35
C GLU C 258 -24.44 34.94 -9.43
N GLY C 259 -25.58 34.48 -8.91
CA GLY C 259 -26.87 35.20 -8.97
C GLY C 259 -26.90 36.45 -8.10
N HIS C 260 -26.08 36.51 -7.07
CA HIS C 260 -26.10 37.57 -6.02
C HIS C 260 -24.70 38.20 -5.88
N LYS C 261 -24.01 38.48 -6.99
CA LYS C 261 -22.60 38.97 -6.99
C LYS C 261 -22.55 40.50 -6.79
N SER C 262 -23.71 41.16 -6.69
CA SER C 262 -23.87 42.64 -6.74
C SER C 262 -24.25 43.23 -5.39
N ALA C 263 -24.78 42.42 -4.45
CA ALA C 263 -25.22 42.87 -3.12
C ALA C 263 -24.78 41.87 -2.04
N PRO C 264 -24.68 42.30 -0.76
CA PRO C 264 -24.35 41.39 0.33
C PRO C 264 -25.27 40.17 0.37
N PHE C 265 -24.70 38.96 0.48
CA PHE C 265 -25.48 37.70 0.61
C PHE C 265 -24.90 36.83 1.73
N PHE C 266 -25.78 36.08 2.38
CA PHE C 266 -25.45 34.99 3.34
C PHE C 266 -25.88 33.66 2.71
N LEU C 267 -24.90 32.77 2.47
CA LEU C 267 -25.13 31.41 1.92
C LEU C 267 -24.66 30.36 2.91
N TYR C 268 -25.60 29.53 3.37
CA TYR C 268 -25.37 28.37 4.27
C TYR C 268 -25.32 27.12 3.39
N PHE C 269 -24.13 26.77 2.93
CA PHE C 269 -23.85 25.58 2.09
C PHE C 269 -23.49 24.42 3.02
N ALA C 270 -24.38 23.44 3.12
CA ALA C 270 -24.28 22.28 4.03
C ALA C 270 -24.23 21.01 3.18
N THR C 271 -23.07 20.36 3.13
CA THR C 271 -22.83 19.19 2.23
C THR C 271 -23.47 17.94 2.84
N GLN C 272 -23.77 16.96 1.97
CA GLN C 272 -24.07 15.56 2.35
C GLN C 272 -22.76 14.87 2.74
N ASP C 273 -21.64 15.37 2.23
CA ASP C 273 -20.38 14.59 2.12
C ASP C 273 -19.86 14.19 3.51
N ALA C 274 -19.42 12.92 3.54
CA ALA C 274 -18.81 12.11 4.62
C ALA C 274 -19.91 11.38 5.39
N HIS C 275 -21.15 11.83 5.26
CA HIS C 275 -22.34 11.15 5.84
C HIS C 275 -22.72 9.97 4.94
N VAL C 276 -23.16 8.87 5.55
CA VAL C 276 -23.71 7.68 4.84
C VAL C 276 -25.01 8.10 4.17
N PRO C 277 -25.43 7.44 3.06
CA PRO C 277 -24.59 6.47 2.38
C PRO C 277 -23.55 7.25 1.57
N ARG C 278 -22.29 6.81 1.61
CA ARG C 278 -21.15 7.44 0.93
C ARG C 278 -21.10 6.94 -0.52
N VAL C 279 -21.65 7.72 -1.44
CA VAL C 279 -21.72 7.40 -2.90
C VAL C 279 -21.12 8.58 -3.65
N PRO C 280 -19.78 8.66 -3.74
CA PRO C 280 -19.12 9.78 -4.39
C PRO C 280 -19.28 9.70 -5.92
N SER C 281 -19.17 10.84 -6.59
CA SER C 281 -19.05 10.96 -8.07
C SER C 281 -18.03 9.94 -8.57
N PRO C 282 -18.27 9.32 -9.76
CA PRO C 282 -17.27 8.42 -10.35
C PRO C 282 -15.85 8.99 -10.43
N GLN C 283 -15.70 10.31 -10.57
CA GLN C 283 -14.35 10.95 -10.66
C GLN C 283 -13.59 10.80 -9.34
N PHE C 284 -14.24 10.35 -8.24
CA PHE C 284 -13.60 10.18 -6.91
C PHE C 284 -13.54 8.70 -6.44
N ALA C 285 -14.33 7.80 -7.04
CA ALA C 285 -14.36 6.36 -6.66
C ALA C 285 -12.94 5.78 -6.79
N GLY C 286 -12.39 5.24 -5.69
CA GLY C 286 -11.08 4.58 -5.65
C GLY C 286 -9.92 5.52 -5.32
N LYS C 287 -10.11 6.84 -5.42
CA LYS C 287 -9.00 7.83 -5.48
C LYS C 287 -8.28 8.00 -4.14
N SER C 288 -8.91 7.67 -3.00
CA SER C 288 -8.36 7.92 -1.63
C SER C 288 -7.68 6.67 -1.06
N GLY C 289 -8.06 5.47 -1.50
CA GLY C 289 -7.57 4.19 -0.95
C GLY C 289 -8.32 3.75 0.29
N MET C 290 -9.18 4.60 0.85
CA MET C 290 -9.93 4.32 2.11
C MET C 290 -11.39 3.99 1.79
N GLY C 291 -11.69 3.67 0.54
CA GLY C 291 -13.05 3.33 0.07
C GLY C 291 -13.95 4.56 0.07
N PRO C 292 -15.27 4.37 -0.14
CA PRO C 292 -16.22 5.48 -0.25
C PRO C 292 -16.09 6.59 0.82
N ARG C 293 -15.81 6.25 2.07
CA ARG C 293 -15.70 7.25 3.18
C ARG C 293 -14.59 8.25 2.84
N GLY C 294 -13.38 7.76 2.55
CA GLY C 294 -12.23 8.63 2.17
C GLY C 294 -12.52 9.37 0.87
N ASP C 295 -13.15 8.69 -0.08
CA ASP C 295 -13.47 9.24 -1.43
C ASP C 295 -14.41 10.44 -1.26
N CYS C 296 -15.26 10.41 -0.23
CA CYS C 296 -16.27 11.47 0.04
C CYS C 296 -15.61 12.66 0.74
N LEU C 297 -14.44 12.48 1.36
CA LEU C 297 -13.60 13.60 1.88
C LEU C 297 -12.99 14.35 0.69
N LEU C 298 -12.53 13.63 -0.33
CA LEU C 298 -12.00 14.21 -1.59
C LEU C 298 -13.13 14.94 -2.33
N GLU C 299 -14.35 14.39 -2.31
CA GLU C 299 -15.56 14.97 -2.95
C GLU C 299 -15.92 16.28 -2.22
N PHE C 300 -15.81 16.28 -0.89
CA PHE C 300 -15.95 17.50 -0.07
C PHE C 300 -14.90 18.53 -0.51
N ASP C 301 -13.63 18.14 -0.54
CA ASP C 301 -12.50 19.02 -0.96
C ASP C 301 -12.79 19.60 -2.35
N TRP C 302 -13.41 18.81 -3.25
CA TRP C 302 -13.79 19.31 -4.59
C TRP C 302 -14.81 20.43 -4.45
N SER C 303 -15.90 20.20 -3.69
CA SER C 303 -16.96 21.20 -3.43
C SER C 303 -16.35 22.50 -2.88
N VAL C 304 -15.38 22.38 -1.96
CA VAL C 304 -14.67 23.56 -1.38
C VAL C 304 -14.02 24.31 -2.54
N GLY C 305 -13.32 23.58 -3.43
CA GLY C 305 -12.69 24.13 -4.64
C GLY C 305 -13.67 24.97 -5.46
N GLU C 306 -14.85 24.41 -5.74
CA GLU C 306 -15.91 25.05 -6.55
C GLU C 306 -16.31 26.40 -5.95
N ILE C 307 -16.46 26.47 -4.63
CA ILE C 307 -16.91 27.70 -3.92
C ILE C 307 -15.80 28.75 -4.01
N LEU C 308 -14.58 28.39 -3.58
CA LEU C 308 -13.42 29.31 -3.56
C LEU C 308 -13.19 29.89 -4.96
N ASN C 309 -13.34 29.06 -6.01
CA ASN C 309 -13.09 29.45 -7.42
C ASN C 309 -14.18 30.41 -7.92
N ALA C 310 -15.44 30.14 -7.58
CA ALA C 310 -16.59 31.00 -7.94
C ALA C 310 -16.35 32.42 -7.41
N LEU C 311 -15.97 32.53 -6.13
CA LEU C 311 -15.67 33.82 -5.45
C LEU C 311 -14.47 34.49 -6.14
N GLU C 312 -13.46 33.73 -6.57
CA GLU C 312 -12.21 34.27 -7.17
C GLU C 312 -12.48 34.78 -8.60
N ARG C 313 -13.16 33.97 -9.42
CA ARG C 313 -13.69 34.34 -10.76
C ARG C 313 -14.33 35.74 -10.74
N LEU C 314 -15.20 36.00 -9.76
CA LEU C 314 -16.15 37.14 -9.74
C LEU C 314 -15.57 38.31 -8.95
N GLY C 315 -14.37 38.15 -8.39
CA GLY C 315 -13.68 39.18 -7.57
C GLY C 315 -14.33 39.35 -6.21
N LEU C 316 -15.15 38.37 -5.79
CA LEU C 316 -15.93 38.39 -4.52
C LEU C 316 -15.02 38.10 -3.33
N ASP C 317 -13.79 37.67 -3.56
CA ASP C 317 -12.78 37.33 -2.51
C ASP C 317 -12.28 38.63 -1.83
N LYS C 318 -12.57 39.80 -2.40
CA LYS C 318 -12.29 41.14 -1.80
C LYS C 318 -13.17 41.36 -0.56
N ASN C 319 -14.45 40.95 -0.59
CA ASN C 319 -15.48 41.33 0.42
C ASN C 319 -16.31 40.11 0.86
N THR C 320 -15.68 38.96 1.09
CA THR C 320 -16.38 37.69 1.47
C THR C 320 -15.66 37.01 2.63
N LEU C 321 -16.41 36.73 3.71
CA LEU C 321 -16.00 35.86 4.83
C LEU C 321 -16.38 34.43 4.45
N VAL C 322 -15.41 33.52 4.36
CA VAL C 322 -15.65 32.07 4.09
C VAL C 322 -15.41 31.30 5.39
N ILE C 323 -16.38 30.47 5.81
CA ILE C 323 -16.31 29.67 7.05
C ILE C 323 -16.49 28.20 6.69
N LEU C 324 -15.46 27.38 6.95
CA LEU C 324 -15.50 25.91 6.77
C LEU C 324 -15.55 25.25 8.15
N SER C 325 -16.43 24.27 8.31
CA SER C 325 -16.55 23.47 9.55
C SER C 325 -17.41 22.22 9.29
N SER C 326 -17.66 21.46 10.35
CA SER C 326 -18.41 20.19 10.37
C SER C 326 -19.49 20.28 11.45
N ASP C 327 -20.61 19.57 11.28
CA ASP C 327 -21.75 19.59 12.22
C ASP C 327 -21.38 18.80 13.49
N ASN C 328 -20.49 17.82 13.37
CA ASN C 328 -20.07 16.98 14.53
C ASN C 328 -18.86 16.12 14.13
N GLY C 329 -18.38 15.30 15.06
CA GLY C 329 -17.16 14.49 14.89
C GLY C 329 -17.36 13.30 13.96
N PRO C 330 -16.31 12.46 13.80
CA PRO C 330 -16.30 11.38 12.82
C PRO C 330 -16.89 10.05 13.30
N VAL C 331 -17.38 9.26 12.35
CA VAL C 331 -17.81 7.86 12.53
C VAL C 331 -17.23 7.06 11.37
N VAL C 332 -16.75 5.85 11.62
CA VAL C 332 -16.21 4.92 10.57
C VAL C 332 -17.41 4.17 9.96
N ASP C 333 -17.91 3.11 10.62
CA ASP C 333 -19.14 2.38 10.20
C ASP C 333 -20.35 3.08 10.82
N ASP C 334 -21.18 3.74 10.00
CA ASP C 334 -22.40 4.45 10.46
C ASP C 334 -23.63 3.82 9.80
N GLY C 335 -23.54 2.56 9.38
CA GLY C 335 -24.74 1.73 9.11
C GLY C 335 -24.75 1.04 7.76
N TYR C 336 -23.66 1.08 6.98
CA TYR C 336 -23.54 0.37 5.68
C TYR C 336 -22.22 -0.41 5.63
N LYS C 337 -22.24 -1.54 4.92
CA LYS C 337 -21.02 -2.33 4.58
C LYS C 337 -20.36 -1.64 3.38
N ASP C 338 -19.52 -0.63 3.67
CA ASP C 338 -18.89 0.28 2.67
C ASP C 338 -17.37 0.31 2.87
N GLN C 339 -16.81 -0.73 3.51
CA GLN C 339 -15.34 -0.96 3.62
C GLN C 339 -14.66 0.14 4.44
N ALA C 340 -15.41 1.00 5.12
CA ALA C 340 -14.89 2.11 5.95
C ALA C 340 -13.87 1.57 6.96
N VAL C 341 -14.19 0.47 7.65
CA VAL C 341 -13.33 -0.11 8.72
C VAL C 341 -12.11 -0.80 8.07
N GLU C 342 -12.36 -1.63 7.06
CA GLU C 342 -11.35 -2.50 6.40
C GLU C 342 -10.26 -1.66 5.74
N LEU C 343 -10.59 -0.47 5.23
CA LEU C 343 -9.65 0.35 4.39
C LEU C 343 -9.22 1.63 5.14
N LEU C 344 -9.54 1.76 6.43
CA LEU C 344 -9.15 2.94 7.23
C LEU C 344 -7.63 3.06 7.29
N GLY C 345 -6.92 1.94 7.43
CA GLY C 345 -5.46 1.93 7.67
C GLY C 345 -5.09 2.77 8.88
N ASP C 346 -4.09 3.62 8.76
CA ASP C 346 -3.51 4.45 9.85
C ASP C 346 -4.20 5.82 9.92
N HIS C 347 -5.28 6.02 9.15
CA HIS C 347 -6.06 7.28 9.13
C HIS C 347 -6.82 7.41 10.44
N THR C 348 -6.63 8.54 11.13
CA THR C 348 -7.26 8.88 12.43
C THR C 348 -8.26 10.02 12.21
N PRO C 349 -9.57 9.71 11.98
CA PRO C 349 -10.57 10.74 11.73
C PRO C 349 -10.68 11.79 12.84
N GLY C 350 -10.51 11.35 14.09
CA GLY C 350 -10.63 12.19 15.29
C GLY C 350 -9.30 12.82 15.67
N GLY C 351 -8.28 12.77 14.81
CA GLY C 351 -6.90 13.16 15.15
C GLY C 351 -6.41 12.35 16.33
N ILE C 352 -5.87 13.01 17.37
CA ILE C 352 -5.35 12.36 18.61
C ILE C 352 -6.50 12.17 19.62
N TYR C 353 -7.69 12.73 19.36
CA TYR C 353 -8.76 12.93 20.35
C TYR C 353 -9.60 11.66 20.46
N ARG C 354 -10.15 11.43 21.66
CA ARG C 354 -10.86 10.19 22.04
C ARG C 354 -12.33 10.28 21.60
N GLY C 355 -12.92 9.12 21.34
CA GLY C 355 -14.35 8.99 20.96
C GLY C 355 -14.55 9.36 19.50
N GLY C 356 -15.71 9.95 19.20
CA GLY C 356 -16.11 10.39 17.85
C GLY C 356 -17.54 10.87 17.86
N LYS C 357 -18.25 10.73 16.74
CA LYS C 357 -19.70 11.05 16.62
C LYS C 357 -20.45 10.43 17.82
N TYR C 358 -21.41 11.16 18.39
CA TYR C 358 -22.34 10.68 19.45
C TYR C 358 -21.71 10.81 20.85
N SER C 359 -20.39 11.00 20.98
CA SER C 359 -19.63 10.87 22.26
C SER C 359 -19.51 12.22 22.99
N SER C 360 -19.34 12.15 24.32
CA SER C 360 -19.00 13.30 25.21
C SER C 360 -17.53 13.69 25.04
N PHE C 361 -16.69 12.77 24.58
CA PHE C 361 -15.22 12.97 24.46
C PHE C 361 -14.93 13.95 23.31
N GLU C 362 -13.73 14.53 23.31
CA GLU C 362 -13.37 15.69 22.46
C GLU C 362 -13.69 15.42 20.97
N ALA C 363 -13.39 14.23 20.46
CA ALA C 363 -13.56 13.89 19.03
C ALA C 363 -15.02 14.02 18.61
N GLY C 364 -15.96 13.99 19.55
CA GLY C 364 -17.39 14.19 19.27
C GLY C 364 -17.72 15.58 18.75
N THR C 365 -17.00 16.62 19.19
CA THR C 365 -17.35 18.05 18.91
C THR C 365 -16.16 18.88 18.44
N ARG C 366 -14.91 18.44 18.63
CA ARG C 366 -13.71 19.19 18.17
C ARG C 366 -13.56 18.92 16.68
N ILE C 367 -13.84 19.92 15.85
CA ILE C 367 -14.03 19.75 14.38
C ILE C 367 -13.06 20.66 13.63
N PRO C 368 -12.79 20.36 12.35
CA PRO C 368 -12.03 21.28 11.51
C PRO C 368 -12.80 22.59 11.41
N CYS C 369 -12.11 23.72 11.55
CA CYS C 369 -12.72 25.06 11.43
C CYS C 369 -11.70 26.04 10.86
N ILE C 370 -12.10 26.73 9.78
CA ILE C 370 -11.30 27.82 9.16
C ILE C 370 -12.22 29.02 8.92
N TRP C 371 -11.71 30.22 9.25
CA TRP C 371 -12.28 31.54 8.85
C TRP C 371 -11.28 32.21 7.90
N SER C 372 -11.76 32.65 6.73
CA SER C 372 -10.95 33.39 5.73
C SER C 372 -11.69 34.66 5.34
N TRP C 373 -11.02 35.81 5.45
CA TRP C 373 -11.60 37.15 5.19
C TRP C 373 -10.47 38.10 4.80
N GLN C 374 -10.27 38.26 3.50
CA GLN C 374 -9.13 38.98 2.87
C GLN C 374 -9.07 40.42 3.41
N GLY C 375 -7.93 40.82 3.98
CA GLY C 375 -7.68 42.19 4.47
C GLY C 375 -8.13 42.38 5.91
N VAL C 376 -8.78 41.37 6.50
CA VAL C 376 -9.23 41.38 7.92
C VAL C 376 -8.45 40.31 8.69
N ILE C 377 -8.42 39.08 8.19
CA ILE C 377 -7.79 37.89 8.83
C ILE C 377 -6.41 37.66 8.23
N ARG C 378 -5.38 37.62 9.07
CA ARG C 378 -3.99 37.33 8.65
C ARG C 378 -3.98 35.92 8.05
N PRO C 379 -3.48 35.73 6.79
CA PRO C 379 -3.41 34.40 6.20
C PRO C 379 -2.38 33.50 6.89
N GLY C 380 -2.62 32.18 6.90
CA GLY C 380 -1.70 31.15 7.43
C GLY C 380 -1.58 31.21 8.95
N THR C 381 -2.62 31.71 9.63
CA THR C 381 -2.68 31.92 11.10
C THR C 381 -3.29 30.68 11.76
N VAL C 382 -2.97 30.45 13.03
CA VAL C 382 -3.50 29.30 13.84
C VAL C 382 -3.92 29.86 15.20
N SER C 383 -5.07 29.42 15.73
CA SER C 383 -5.63 29.88 17.03
C SER C 383 -6.03 28.68 17.89
N ASP C 384 -5.57 28.63 19.15
CA ASP C 384 -5.87 27.58 20.15
C ASP C 384 -7.00 28.05 21.07
N ALA C 385 -7.70 29.13 20.68
CA ALA C 385 -8.83 29.72 21.42
C ALA C 385 -9.94 28.68 21.55
N LEU C 386 -10.56 28.62 22.74
CA LEU C 386 -11.77 27.79 23.00
C LEU C 386 -12.97 28.46 22.34
N LEU C 387 -13.41 27.94 21.20
CA LEU C 387 -14.48 28.54 20.37
C LEU C 387 -15.58 27.51 20.13
N CYS C 388 -16.78 27.98 19.78
CA CYS C 388 -17.98 27.15 19.50
C CYS C 388 -18.83 27.80 18.41
N GLN C 389 -19.42 26.98 17.54
CA GLN C 389 -20.26 27.43 16.41
C GLN C 389 -21.48 28.19 16.90
N ILE C 390 -21.87 28.01 18.17
CA ILE C 390 -23.04 28.70 18.78
C ILE C 390 -22.79 30.21 18.89
N ASP C 391 -21.54 30.67 18.78
CA ASP C 391 -21.15 32.09 19.00
C ASP C 391 -21.20 32.87 17.68
N TRP C 392 -21.36 32.19 16.55
CA TRP C 392 -21.34 32.84 15.21
C TRP C 392 -22.48 33.86 15.10
N PHE C 393 -23.68 33.47 15.53
CA PHE C 393 -24.91 34.33 15.52
C PHE C 393 -24.58 35.70 16.12
N ALA C 394 -24.14 35.72 17.38
CA ALA C 394 -23.77 36.94 18.15
C ALA C 394 -22.57 37.62 17.49
N THR C 395 -21.58 36.83 17.05
CA THR C 395 -20.34 37.35 16.41
C THR C 395 -20.72 38.10 15.13
N PHE C 396 -21.75 37.67 14.40
CA PHE C 396 -22.21 38.35 13.15
C PHE C 396 -22.99 39.62 13.47
N ALA C 397 -23.68 39.66 14.62
CA ALA C 397 -24.35 40.87 15.12
C ALA C 397 -23.28 41.93 15.43
N GLU C 398 -22.19 41.51 16.09
CA GLU C 398 -21.03 42.38 16.42
C GLU C 398 -20.46 42.95 15.12
N MET C 399 -20.25 42.08 14.13
CA MET C 399 -19.68 42.40 12.80
C MET C 399 -20.59 43.41 12.08
N LEU C 400 -21.90 43.12 12.03
CA LEU C 400 -22.92 43.95 11.32
C LEU C 400 -23.22 45.21 12.14
N ASN C 401 -22.75 45.26 13.39
CA ASN C 401 -23.00 46.36 14.36
C ASN C 401 -24.51 46.56 14.51
N VAL C 402 -25.27 45.47 14.61
CA VAL C 402 -26.76 45.47 14.73
C VAL C 402 -27.15 44.88 16.09
N ARG C 403 -28.16 45.47 16.73
CA ARG C 403 -28.66 45.09 18.07
C ARG C 403 -29.63 43.91 17.91
N LEU C 404 -29.38 42.80 18.61
CA LEU C 404 -30.24 41.60 18.61
C LEU C 404 -31.52 41.87 19.40
N PRO C 405 -32.70 41.46 18.88
CA PRO C 405 -33.95 41.50 19.65
C PRO C 405 -33.86 40.79 21.02
N GLU C 406 -34.70 41.23 21.95
CA GLU C 406 -34.97 40.58 23.27
C GLU C 406 -35.18 39.08 23.02
N GLY C 407 -34.41 38.23 23.70
CA GLY C 407 -34.59 36.75 23.72
C GLY C 407 -33.77 36.02 22.67
N ALA C 408 -33.29 36.74 21.64
CA ALA C 408 -32.59 36.17 20.47
C ALA C 408 -31.20 35.68 20.87
N ALA C 409 -30.76 34.54 20.29
CA ALA C 409 -29.39 33.99 20.41
C ALA C 409 -28.90 34.07 21.86
N PRO C 410 -29.67 33.51 22.82
CA PRO C 410 -29.43 33.75 24.25
C PRO C 410 -28.09 33.21 24.79
N ASP C 411 -27.60 32.09 24.25
CA ASP C 411 -26.33 31.44 24.68
C ASP C 411 -25.17 31.83 23.75
N SER C 412 -25.40 32.68 22.75
CA SER C 412 -24.40 33.11 21.74
C SER C 412 -23.53 34.24 22.31
N GLU C 413 -22.24 33.98 22.54
CA GLU C 413 -21.27 34.97 23.09
C GLU C 413 -20.49 35.62 21.94
N PRO C 414 -20.59 36.94 21.71
CA PRO C 414 -19.92 37.59 20.59
C PRO C 414 -18.41 37.64 20.82
N MET C 415 -17.60 37.37 19.80
CA MET C 415 -16.11 37.42 19.89
C MET C 415 -15.50 37.43 18.47
N LEU C 416 -15.83 38.46 17.70
CA LEU C 416 -15.25 38.74 16.35
C LEU C 416 -13.72 38.78 16.43
N LYS C 417 -13.14 39.28 17.52
CA LYS C 417 -11.66 39.41 17.67
C LYS C 417 -11.03 38.02 17.69
N ALA C 418 -11.65 37.07 18.39
CA ALA C 418 -11.14 35.68 18.51
C ALA C 418 -11.32 34.96 17.17
N TRP C 419 -12.50 35.09 16.56
CA TRP C 419 -12.86 34.39 15.30
C TRP C 419 -12.08 34.95 14.10
N THR C 420 -11.46 36.13 14.21
CA THR C 420 -10.64 36.76 13.15
C THR C 420 -9.16 36.65 13.50
N GLY C 421 -8.82 35.88 14.53
CA GLY C 421 -7.44 35.48 14.88
C GLY C 421 -6.64 36.61 15.48
N LYS C 422 -7.31 37.67 15.96
CA LYS C 422 -6.67 38.91 16.50
C LYS C 422 -6.52 38.83 18.02
N GLN C 423 -6.84 37.68 18.63
CA GLN C 423 -6.91 37.48 20.10
C GLN C 423 -6.84 35.98 20.43
N LYS C 424 -5.92 35.57 21.31
CA LYS C 424 -5.68 34.15 21.68
C LYS C 424 -6.86 33.58 22.50
N LYS C 425 -7.45 34.39 23.38
CA LYS C 425 -8.46 33.93 24.38
C LYS C 425 -9.86 33.89 23.71
N GLY C 426 -10.52 32.73 23.74
CA GLY C 426 -11.88 32.53 23.23
C GLY C 426 -12.93 32.66 24.32
N ARG C 427 -13.75 31.62 24.51
CA ARG C 427 -14.75 31.51 25.61
C ARG C 427 -14.00 31.27 26.92
N GLU C 428 -14.64 31.63 28.03
CA GLU C 428 -14.16 31.29 29.39
C GLU C 428 -14.74 29.94 29.83
N TRP C 429 -15.99 29.67 29.46
CA TRP C 429 -16.72 28.41 29.76
C TRP C 429 -17.50 27.96 28.52
N LEU C 430 -17.55 26.65 28.26
CA LEU C 430 -18.29 26.05 27.12
C LEU C 430 -18.99 24.78 27.58
N VAL C 431 -20.29 24.68 27.39
CA VAL C 431 -21.08 23.45 27.65
C VAL C 431 -21.28 22.71 26.33
N LEU C 432 -20.79 21.47 26.29
CA LEU C 432 -20.95 20.54 25.15
C LEU C 432 -21.93 19.43 25.53
N GLN C 433 -22.57 18.86 24.51
CA GLN C 433 -23.66 17.87 24.64
C GLN C 433 -23.29 16.63 23.81
N ASN C 434 -23.77 15.46 24.20
CA ASN C 434 -23.56 14.19 23.45
C ASN C 434 -24.91 13.64 23.00
N ALA C 435 -24.95 12.40 22.49
CA ALA C 435 -26.14 11.80 21.85
C ALA C 435 -27.24 11.48 22.88
N GLN C 436 -26.84 11.25 24.14
CA GLN C 436 -27.74 10.97 25.30
C GLN C 436 -28.04 12.26 26.07
N ASN C 437 -27.63 13.41 25.53
CA ASN C 437 -27.93 14.78 26.05
C ASN C 437 -27.29 14.98 27.44
N ASN C 438 -26.23 14.23 27.75
CA ASN C 438 -25.37 14.48 28.94
C ASN C 438 -24.42 15.61 28.59
N LEU C 439 -24.09 16.43 29.58
CA LEU C 439 -23.33 17.68 29.38
C LEU C 439 -21.92 17.52 29.91
N SER C 440 -20.99 18.28 29.33
CA SER C 440 -19.62 18.52 29.85
C SER C 440 -19.38 20.03 29.84
N VAL C 441 -18.51 20.51 30.73
CA VAL C 441 -18.11 21.94 30.78
C VAL C 441 -16.58 22.01 30.74
N THR C 442 -16.03 22.96 29.98
CA THR C 442 -14.57 23.16 29.85
C THR C 442 -14.24 24.66 29.87
N ASP C 443 -13.06 25.01 30.38
CA ASP C 443 -12.51 26.38 30.41
C ASP C 443 -11.37 26.47 29.39
N GLY C 444 -11.22 25.44 28.55
CA GLY C 444 -10.14 25.33 27.56
C GLY C 444 -9.02 24.43 28.05
N ARG C 445 -9.01 24.09 29.35
CA ARG C 445 -7.90 23.39 30.04
C ARG C 445 -8.47 22.17 30.76
N TRP C 446 -9.40 22.36 31.70
CA TRP C 446 -10.13 21.29 32.41
C TRP C 446 -11.46 21.00 31.68
N LYS C 447 -11.86 19.72 31.68
CA LYS C 447 -13.17 19.26 31.15
C LYS C 447 -13.81 18.32 32.18
N TYR C 448 -15.00 18.69 32.68
CA TYR C 448 -15.82 17.90 33.63
C TYR C 448 -17.02 17.33 32.87
N LEU C 449 -17.18 16.01 32.87
CA LEU C 449 -18.37 15.32 32.32
C LEU C 449 -19.31 15.01 33.48
N ARG C 450 -20.50 15.63 33.48
CA ARG C 450 -21.52 15.45 34.54
C ARG C 450 -22.04 14.01 34.48
N PRO C 451 -22.09 13.29 35.63
CA PRO C 451 -22.72 11.98 35.68
C PRO C 451 -24.11 11.96 35.02
N GLY C 452 -24.46 10.84 34.39
CA GLY C 452 -25.70 10.71 33.59
C GLY C 452 -25.92 9.29 33.10
N ASN C 453 -27.15 9.02 32.65
CA ASN C 453 -27.54 7.69 32.11
C ASN C 453 -27.02 7.53 30.69
N GLY C 454 -27.02 6.30 30.19
CA GLY C 454 -26.57 5.94 28.84
C GLY C 454 -25.43 4.93 28.87
N PRO C 455 -25.28 4.13 27.79
CA PRO C 455 -24.21 3.14 27.72
C PRO C 455 -22.83 3.80 27.57
N ALA C 456 -21.79 3.10 28.01
CA ALA C 456 -20.38 3.54 27.95
C ALA C 456 -19.86 3.42 26.50
N TYR C 457 -20.49 2.56 25.71
CA TYR C 457 -20.03 2.15 24.36
C TYR C 457 -21.24 1.88 23.45
N LEU C 458 -21.11 2.18 22.15
CA LEU C 458 -22.04 1.75 21.06
C LEU C 458 -21.30 0.74 20.18
N LYS C 459 -21.70 -0.53 20.21
CA LYS C 459 -21.02 -1.64 19.47
C LYS C 459 -21.14 -1.41 17.96
N ALA C 460 -22.37 -1.11 17.50
CA ALA C 460 -22.78 -0.97 16.10
C ALA C 460 -21.81 -0.02 15.37
N VAL C 461 -21.41 1.04 16.07
CA VAL C 461 -20.69 2.23 15.53
C VAL C 461 -19.26 2.25 16.09
N ASN C 462 -18.97 1.38 17.07
CA ASN C 462 -17.64 1.22 17.72
C ASN C 462 -17.12 2.59 18.19
N ILE C 463 -17.90 3.29 19.02
CA ILE C 463 -17.51 4.59 19.63
C ILE C 463 -17.73 4.55 21.14
N GLU C 464 -16.72 4.97 21.91
CA GLU C 464 -16.84 5.25 23.38
C GLU C 464 -17.62 6.56 23.54
N LEU C 465 -18.74 6.52 24.26
CA LEU C 465 -19.72 7.63 24.39
C LEU C 465 -19.38 8.52 25.59
N GLY C 466 -18.68 7.99 26.60
CA GLY C 466 -18.24 8.75 27.79
C GLY C 466 -19.33 8.87 28.84
N ASN C 467 -20.53 8.31 28.62
CA ASN C 467 -21.61 8.24 29.63
C ASN C 467 -21.10 7.43 30.82
N SER C 468 -21.31 7.95 32.04
CA SER C 468 -20.85 7.30 33.29
C SER C 468 -21.68 7.79 34.48
N LYS C 469 -21.83 6.91 35.47
CA LYS C 469 -22.50 7.21 36.77
C LYS C 469 -21.49 7.94 37.67
N GLU C 470 -20.20 7.77 37.39
CA GLU C 470 -19.06 8.41 38.11
C GLU C 470 -18.79 9.78 37.50
N PRO C 471 -18.46 10.81 38.31
CA PRO C 471 -17.96 12.08 37.79
C PRO C 471 -16.65 11.84 37.03
N GLN C 472 -16.40 12.61 35.97
CA GLN C 472 -15.17 12.54 35.14
C GLN C 472 -14.55 13.93 35.06
N LEU C 473 -13.23 14.03 35.30
CA LEU C 473 -12.42 15.27 35.12
C LEU C 473 -11.14 14.93 34.35
N TYR C 474 -10.85 15.69 33.30
CA TYR C 474 -9.69 15.49 32.41
C TYR C 474 -8.96 16.82 32.26
N ASP C 475 -7.63 16.82 32.45
CA ASP C 475 -6.73 17.95 32.09
C ASP C 475 -6.38 17.81 30.61
N LEU C 476 -7.07 18.55 29.74
CA LEU C 476 -6.96 18.45 28.26
C LEU C 476 -5.57 18.92 27.78
N LYS C 477 -4.84 19.68 28.59
CA LYS C 477 -3.48 20.20 28.25
C LYS C 477 -2.45 19.10 28.54
N LYS C 478 -2.49 18.46 29.71
CA LYS C 478 -1.55 17.36 30.08
C LYS C 478 -2.04 16.04 29.46
N ASP C 479 -3.34 15.91 29.17
CA ASP C 479 -3.99 14.63 28.78
C ASP C 479 -5.11 14.90 27.77
N PRO C 480 -4.78 15.31 26.52
CA PRO C 480 -5.80 15.63 25.51
C PRO C 480 -6.55 14.40 24.99
N LYS C 481 -5.95 13.21 25.12
CA LYS C 481 -6.54 11.91 24.72
C LYS C 481 -7.60 11.47 25.74
N GLU C 482 -7.80 12.24 26.82
CA GLU C 482 -8.80 11.96 27.88
C GLU C 482 -8.64 10.51 28.35
N LYS C 483 -7.39 10.07 28.59
CA LYS C 483 -7.04 8.70 29.07
C LYS C 483 -7.20 8.61 30.60
N ASN C 484 -6.90 9.68 31.32
CA ASN C 484 -6.63 9.65 32.79
C ASN C 484 -7.64 10.54 33.51
N ASN C 485 -8.73 9.94 34.00
CA ASN C 485 -9.79 10.58 34.83
C ASN C 485 -9.20 10.92 36.21
N VAL C 486 -9.17 12.21 36.57
CA VAL C 486 -8.51 12.71 37.81
C VAL C 486 -9.54 13.44 38.70
N ALA C 487 -10.83 13.08 38.60
CA ALA C 487 -11.92 13.64 39.45
C ALA C 487 -11.61 13.36 40.93
N GLY C 488 -11.24 12.11 41.23
CA GLY C 488 -10.87 11.63 42.59
C GLY C 488 -9.79 12.47 43.22
N GLN C 489 -8.76 12.86 42.46
CA GLN C 489 -7.55 13.58 42.93
C GLN C 489 -7.78 15.10 42.99
N ASN C 490 -8.97 15.59 42.64
CA ASN C 490 -9.27 17.06 42.55
C ASN C 490 -10.70 17.32 43.00
N PRO C 491 -11.07 16.99 44.26
CA PRO C 491 -12.45 17.19 44.73
C PRO C 491 -12.91 18.65 44.63
N GLU C 492 -12.08 19.60 45.06
CA GLU C 492 -12.43 21.05 45.11
C GLU C 492 -12.71 21.56 43.69
N LEU C 493 -11.93 21.08 42.71
CA LEU C 493 -12.03 21.51 41.28
C LEU C 493 -13.31 20.91 40.67
N VAL C 494 -13.62 19.65 40.98
CA VAL C 494 -14.85 18.96 40.52
C VAL C 494 -16.05 19.77 40.99
N LYS C 495 -16.09 20.17 42.27
CA LYS C 495 -17.19 20.96 42.89
C LYS C 495 -17.35 22.29 42.15
N LYS C 496 -16.24 23.03 41.97
CA LYS C 496 -16.20 24.35 41.30
C LYS C 496 -16.85 24.24 39.93
N MET C 497 -16.57 23.16 39.18
CA MET C 497 -16.95 23.02 37.76
C MET C 497 -18.32 22.37 37.60
N ALA C 498 -18.71 21.46 38.50
CA ALA C 498 -20.09 20.97 38.63
C ALA C 498 -21.02 22.18 38.82
N ALA C 499 -20.66 23.08 39.73
CA ALA C 499 -21.44 24.29 40.11
C ALA C 499 -21.53 25.24 38.91
N GLN C 500 -20.40 25.45 38.22
CA GLN C 500 -20.30 26.33 37.02
C GLN C 500 -21.20 25.79 35.90
N LEU C 501 -21.25 24.46 35.72
CA LEU C 501 -22.14 23.81 34.72
C LEU C 501 -23.59 24.15 35.05
N GLU C 502 -24.00 23.98 36.30
CA GLU C 502 -25.41 24.16 36.73
C GLU C 502 -25.78 25.64 36.60
N LYS C 503 -24.82 26.54 36.91
CA LYS C 503 -25.01 28.01 36.75
C LYS C 503 -25.46 28.30 35.32
N ILE C 504 -24.77 27.71 34.33
CA ILE C 504 -25.05 27.90 32.87
C ILE C 504 -26.33 27.14 32.49
N VAL C 505 -26.60 25.98 33.09
CA VAL C 505 -27.83 25.18 32.80
C VAL C 505 -29.05 25.98 33.26
N ASP C 506 -28.93 26.75 34.36
CA ASP C 506 -30.00 27.59 34.93
C ASP C 506 -31.35 26.84 35.02
N GLY C 507 -31.38 25.51 35.17
CA GLY C 507 -32.64 24.76 35.31
C GLY C 507 -33.44 24.71 34.02
N ARG C 508 -32.93 25.36 32.97
CA ARG C 508 -33.48 25.34 31.59
C ARG C 508 -32.80 24.21 30.81
N TYR C 509 -33.29 22.98 31.03
CA TYR C 509 -32.82 21.71 30.41
C TYR C 509 -34.03 20.87 30.01
N GLY C 510 -34.10 20.44 28.75
CA GLY C 510 -35.15 19.53 28.22
C GLY C 510 -36.55 20.11 28.37
N LEU C 511 -36.68 21.44 28.30
CA LEU C 511 -37.97 22.15 28.39
C LEU C 511 -38.73 21.99 27.09
N PRO C 512 -40.06 22.25 27.05
CA PRO C 512 -40.84 22.15 25.82
C PRO C 512 -40.44 23.16 24.73
N LEU C 513 -40.41 22.68 23.49
CA LEU C 513 -40.32 23.43 22.19
C LEU C 513 -38.91 23.29 21.59
N GLN D 27 -4.47 49.64 -16.50
CA GLN D 27 -3.21 50.44 -16.55
C GLN D 27 -2.36 50.09 -15.34
N ARG D 28 -1.11 49.67 -15.57
CA ARG D 28 -0.08 49.37 -14.54
C ARG D 28 -0.48 48.20 -13.63
N PRO D 29 -0.99 47.07 -14.16
CA PRO D 29 -1.21 45.85 -13.37
C PRO D 29 0.07 45.04 -13.21
N ASN D 30 0.09 44.12 -12.23
CA ASN D 30 1.20 43.14 -12.10
C ASN D 30 1.09 42.16 -13.27
N VAL D 31 2.22 41.66 -13.75
CA VAL D 31 2.29 40.65 -14.84
C VAL D 31 3.10 39.46 -14.33
N VAL D 32 2.47 38.29 -14.28
CA VAL D 32 3.07 37.00 -13.88
C VAL D 32 2.94 36.03 -15.06
N PHE D 33 4.07 35.60 -15.61
CA PHE D 33 4.16 34.50 -16.60
C PHE D 33 4.36 33.20 -15.83
N ILE D 34 3.53 32.19 -16.08
CA ILE D 34 3.83 30.77 -15.70
C ILE D 34 4.10 30.03 -17.01
N TYR D 35 5.39 29.84 -17.31
CA TYR D 35 5.89 29.45 -18.66
C TYR D 35 6.47 28.04 -18.59
N ALA D 36 5.75 27.08 -19.17
CA ALA D 36 6.04 25.63 -19.09
C ALA D 36 7.10 25.25 -20.14
N ASP D 37 7.65 24.04 -20.01
CA ASP D 37 8.65 23.48 -20.96
C ASP D 37 8.06 22.22 -21.60
N ASP D 38 7.89 22.20 -22.92
CA ASP D 38 7.54 21.01 -23.73
C ASP D 38 6.10 20.54 -23.41
N ILE D 39 5.23 21.43 -22.95
CA ILE D 39 3.83 21.08 -22.60
C ILE D 39 2.92 21.41 -23.80
N GLY D 40 2.35 20.36 -24.40
CA GLY D 40 1.61 20.43 -25.69
C GLY D 40 0.16 20.82 -25.50
N TYR D 41 -0.53 21.04 -26.62
CA TYR D 41 -1.94 21.53 -26.67
C TYR D 41 -2.86 20.59 -25.87
N GLY D 42 -2.61 19.27 -25.94
CA GLY D 42 -3.45 18.25 -25.28
C GLY D 42 -2.87 17.72 -23.98
N ASP D 43 -1.84 18.37 -23.41
CA ASP D 43 -1.13 17.88 -22.19
C ASP D 43 -1.81 18.44 -20.92
N LEU D 44 -2.65 19.47 -21.03
CA LEU D 44 -3.39 20.06 -19.89
C LEU D 44 -4.89 19.86 -20.12
N SER D 45 -5.66 19.65 -19.05
CA SER D 45 -7.09 19.25 -19.11
C SER D 45 -7.98 20.44 -19.51
N CYS D 46 -7.44 21.66 -19.52
CA CYS D 46 -8.15 22.90 -19.92
C CYS D 46 -8.59 22.85 -21.40
N ASN D 47 -7.86 22.10 -22.24
CA ASN D 47 -8.15 21.98 -23.70
C ASN D 47 -8.96 20.71 -24.00
N GLY D 48 -9.47 20.01 -22.97
CA GLY D 48 -10.51 18.97 -23.12
C GLY D 48 -10.03 17.58 -22.75
N ALA D 49 -8.71 17.37 -22.58
CA ALA D 49 -8.11 16.07 -22.23
C ALA D 49 -8.78 15.49 -20.99
N LYS D 50 -9.18 14.21 -21.03
CA LYS D 50 -9.77 13.48 -19.87
C LYS D 50 -8.74 12.47 -19.32
N THR D 51 -7.55 12.40 -19.93
CA THR D 51 -6.50 11.39 -19.65
C THR D 51 -5.52 11.89 -18.58
N ILE D 52 -5.56 13.19 -18.28
CA ILE D 52 -4.78 13.86 -17.20
C ILE D 52 -5.73 14.83 -16.50
N HIS D 53 -5.59 15.02 -15.18
CA HIS D 53 -6.34 16.03 -14.43
C HIS D 53 -5.37 17.08 -13.87
N THR D 54 -5.39 18.27 -14.47
CA THR D 54 -4.68 19.51 -14.03
C THR D 54 -5.72 20.50 -13.51
N PRO D 55 -6.13 20.38 -12.23
CA PRO D 55 -7.23 21.19 -11.70
C PRO D 55 -6.96 22.70 -11.63
N ASN D 56 -5.74 23.10 -11.28
CA ASN D 56 -5.33 24.52 -11.15
C ASN D 56 -5.31 25.20 -12.53
N VAL D 57 -4.92 24.47 -13.57
CA VAL D 57 -4.91 25.01 -14.97
C VAL D 57 -6.36 25.19 -15.41
N GLU D 58 -7.26 24.29 -15.03
CA GLU D 58 -8.72 24.43 -15.32
C GLU D 58 -9.28 25.65 -14.57
N ARG D 59 -8.83 25.86 -13.34
CA ARG D 59 -9.20 27.03 -12.50
C ARG D 59 -8.87 28.29 -13.30
N LEU D 60 -7.61 28.42 -13.76
CA LEU D 60 -7.12 29.58 -14.54
C LEU D 60 -8.01 29.78 -15.78
N ALA D 61 -8.30 28.72 -16.53
CA ALA D 61 -9.11 28.76 -17.77
C ALA D 61 -10.50 29.30 -17.47
N LYS D 62 -11.17 28.76 -16.44
CA LYS D 62 -12.56 29.15 -16.04
C LYS D 62 -12.54 30.52 -15.34
N MET D 63 -11.34 31.09 -15.13
CA MET D 63 -11.09 32.37 -14.42
C MET D 63 -10.64 33.46 -15.41
N GLY D 64 -10.32 33.10 -16.65
CA GLY D 64 -9.85 34.04 -17.69
C GLY D 64 -10.22 33.58 -19.10
N VAL D 65 -9.33 33.81 -20.08
CA VAL D 65 -9.57 33.48 -21.52
C VAL D 65 -8.54 32.45 -21.97
N ARG D 66 -9.03 31.38 -22.61
CA ARG D 66 -8.26 30.23 -23.13
C ARG D 66 -8.16 30.37 -24.65
N PHE D 67 -6.93 30.23 -25.20
CA PHE D 67 -6.61 30.40 -26.64
C PHE D 67 -6.43 29.03 -27.31
N THR D 68 -7.11 28.84 -28.45
CA THR D 68 -7.13 27.58 -29.23
C THR D 68 -6.22 27.69 -30.46
N ASN D 69 -5.66 28.88 -30.72
CA ASN D 69 -4.79 29.10 -31.92
C ASN D 69 -3.66 30.10 -31.57
N ALA D 70 -3.13 30.01 -30.35
CA ALA D 70 -1.95 30.79 -29.87
C ALA D 70 -0.69 29.95 -30.10
N HIS D 71 0.38 30.58 -30.57
CA HIS D 71 1.64 29.90 -30.97
C HIS D 71 2.85 30.50 -30.25
N SER D 72 3.81 29.65 -29.90
CA SER D 72 5.22 30.05 -29.65
C SER D 72 5.85 30.38 -31.01
N ALA D 73 6.84 31.26 -31.04
CA ALA D 73 7.51 31.70 -32.28
C ALA D 73 8.19 30.49 -32.93
N ALA D 74 8.67 29.54 -32.10
CA ALA D 74 9.51 28.40 -32.52
C ALA D 74 9.03 27.09 -31.87
N ALA D 75 9.47 25.96 -32.40
CA ALA D 75 9.16 24.60 -31.92
C ALA D 75 10.30 24.10 -31.02
N THR D 76 11.20 24.97 -30.60
CA THR D 76 12.28 24.67 -29.61
C THR D 76 12.41 25.83 -28.62
N SER D 77 13.11 25.61 -27.51
CA SER D 77 13.15 26.48 -26.32
C SER D 77 13.77 27.85 -26.62
N THR D 78 15.07 27.86 -26.94
CA THR D 78 15.92 29.08 -27.01
C THR D 78 15.34 30.08 -28.02
N PRO D 79 14.95 29.67 -29.25
CA PRO D 79 14.38 30.63 -30.19
C PRO D 79 13.02 31.18 -29.71
N SER D 80 12.16 30.33 -29.17
CA SER D 80 10.83 30.76 -28.65
C SER D 80 11.01 31.81 -27.55
N ARG D 81 11.95 31.57 -26.64
CA ARG D 81 12.22 32.45 -25.47
C ARG D 81 12.88 33.75 -25.95
N TYR D 82 13.81 33.66 -26.91
CA TYR D 82 14.48 34.82 -27.55
C TYR D 82 13.41 35.71 -28.21
N ALA D 83 12.54 35.10 -29.01
CA ALA D 83 11.45 35.78 -29.76
C ALA D 83 10.58 36.58 -28.79
N MET D 84 10.27 35.99 -27.63
CA MET D 84 9.29 36.52 -26.65
C MET D 84 9.87 37.75 -25.96
N LEU D 85 11.10 37.66 -25.46
CA LEU D 85 11.76 38.72 -24.64
C LEU D 85 12.28 39.85 -25.55
N THR D 86 12.56 39.59 -26.84
CA THR D 86 13.15 40.59 -27.77
C THR D 86 12.09 41.15 -28.73
N GLY D 87 10.98 40.44 -28.95
CA GLY D 87 9.94 40.80 -29.93
C GLY D 87 10.45 40.72 -31.36
N GLU D 88 11.51 39.94 -31.59
CA GLU D 88 12.12 39.73 -32.92
C GLU D 88 12.11 38.23 -33.23
N TYR D 89 11.61 37.85 -34.41
CA TYR D 89 11.68 36.45 -34.91
C TYR D 89 13.09 35.92 -34.64
N ALA D 90 13.21 34.75 -34.01
CA ALA D 90 14.52 34.16 -33.64
C ALA D 90 15.33 33.83 -34.89
N TRP D 91 14.67 33.39 -35.95
CA TRP D 91 15.30 32.93 -37.23
C TRP D 91 16.00 34.10 -37.95
N ARG D 92 15.77 35.35 -37.53
CA ARG D 92 16.45 36.54 -38.11
C ARG D 92 17.92 36.57 -37.68
N LYS D 93 18.30 35.83 -36.64
CA LYS D 93 19.66 35.88 -36.06
C LYS D 93 20.24 34.46 -35.96
N ALA D 94 21.47 34.27 -36.44
CA ALA D 94 22.27 33.04 -36.24
C ALA D 94 22.72 33.02 -34.78
N GLY D 95 22.57 31.87 -34.10
CA GLY D 95 23.00 31.64 -32.71
C GLY D 95 21.86 31.68 -31.71
N THR D 96 20.60 31.69 -32.18
CA THR D 96 19.36 31.70 -31.36
C THR D 96 18.75 30.29 -31.29
N GLY D 97 19.45 29.27 -31.80
CA GLY D 97 19.05 27.86 -31.70
C GLY D 97 19.30 27.33 -30.29
N ILE D 98 18.77 26.12 -30.01
CA ILE D 98 18.94 25.40 -28.72
C ILE D 98 20.36 25.66 -28.20
N ALA D 99 20.47 26.42 -27.12
CA ALA D 99 21.76 26.82 -26.50
C ALA D 99 22.29 25.72 -25.57
N ALA D 100 23.61 25.59 -25.48
CA ALA D 100 24.29 24.75 -24.46
C ALA D 100 24.27 25.49 -23.14
N GLY D 101 24.55 24.79 -22.04
CA GLY D 101 24.71 25.41 -20.70
C GLY D 101 25.78 26.47 -20.69
N ASP D 102 26.86 26.26 -21.46
CA ASP D 102 28.05 27.15 -21.48
C ASP D 102 27.92 28.17 -22.61
N ALA D 103 26.73 28.30 -23.21
CA ALA D 103 26.43 29.31 -24.25
C ALA D 103 26.55 30.71 -23.63
N ALA D 104 27.17 31.63 -24.38
CA ALA D 104 27.31 33.05 -24.02
C ALA D 104 25.94 33.74 -24.18
N ALA D 105 25.76 34.87 -23.50
CA ALA D 105 24.55 35.73 -23.56
C ALA D 105 24.18 35.97 -25.03
N ILE D 106 23.04 35.42 -25.45
CA ILE D 106 22.43 35.65 -26.79
C ILE D 106 21.81 37.06 -26.83
N ILE D 107 21.20 37.51 -25.73
CA ILE D 107 20.65 38.89 -25.62
C ILE D 107 21.69 39.76 -24.90
N ARG D 108 22.27 40.71 -25.62
CA ARG D 108 23.33 41.62 -25.13
C ARG D 108 22.67 42.87 -24.54
N PRO D 109 23.31 43.52 -23.54
CA PRO D 109 22.74 44.70 -22.89
C PRO D 109 22.36 45.87 -23.83
N GLU D 110 22.88 45.90 -25.04
CA GLU D 110 22.53 46.94 -26.05
C GLU D 110 21.06 46.77 -26.47
N ARG D 111 20.48 45.58 -26.30
CA ARG D 111 19.12 45.23 -26.78
C ARG D 111 18.07 45.76 -25.80
N TYR D 112 16.92 46.17 -26.33
CA TYR D 112 15.74 46.58 -25.54
C TYR D 112 14.82 45.36 -25.36
N THR D 113 14.68 44.94 -24.10
CA THR D 113 14.10 43.66 -23.64
C THR D 113 12.71 43.93 -23.05
N MET D 114 11.82 42.95 -23.03
CA MET D 114 10.50 43.05 -22.35
C MET D 114 10.72 43.50 -20.89
N ALA D 115 11.70 42.92 -20.21
CA ALA D 115 12.13 43.29 -18.84
C ALA D 115 12.47 44.78 -18.78
N ASN D 116 13.19 45.30 -19.77
CA ASN D 116 13.56 46.75 -19.87
C ASN D 116 12.28 47.58 -19.95
N LEU D 117 11.30 47.16 -20.77
CA LEU D 117 10.02 47.87 -20.99
C LEU D 117 9.38 48.11 -19.62
N PHE D 118 9.24 47.04 -18.84
CA PHE D 118 8.58 47.04 -17.51
C PHE D 118 9.38 47.88 -16.52
N LYS D 119 10.69 47.62 -16.39
CA LYS D 119 11.57 48.34 -15.43
C LYS D 119 11.49 49.86 -15.68
N ASP D 120 11.53 50.27 -16.96
CA ASP D 120 11.46 51.69 -17.41
C ASP D 120 10.07 52.28 -17.10
N ALA D 121 9.02 51.45 -17.09
CA ALA D 121 7.63 51.85 -16.73
C ALA D 121 7.43 51.78 -15.21
N GLY D 122 8.49 51.50 -14.44
CA GLY D 122 8.53 51.61 -12.97
C GLY D 122 8.19 50.32 -12.25
N TYR D 123 8.19 49.18 -12.94
CA TYR D 123 7.95 47.84 -12.34
C TYR D 123 9.24 47.33 -11.71
N ASN D 124 9.10 46.50 -10.68
CA ASN D 124 10.16 45.57 -10.22
C ASN D 124 10.12 44.35 -11.15
N THR D 125 11.29 43.80 -11.50
CA THR D 125 11.40 42.70 -12.47
C THR D 125 12.16 41.54 -11.85
N GLY D 126 11.68 40.33 -12.11
CA GLY D 126 12.30 39.07 -11.65
C GLY D 126 12.13 37.97 -12.68
N VAL D 127 13.14 37.12 -12.81
CA VAL D 127 13.06 35.86 -13.60
C VAL D 127 13.43 34.71 -12.66
N VAL D 128 12.60 33.66 -12.68
CA VAL D 128 12.75 32.45 -11.83
C VAL D 128 12.58 31.22 -12.73
N GLY D 129 13.56 30.31 -12.68
CA GLY D 129 13.52 29.02 -13.38
C GLY D 129 14.39 29.01 -14.63
N LYS D 130 13.92 28.34 -15.67
CA LYS D 130 14.73 28.03 -16.88
C LYS D 130 15.02 29.32 -17.62
N TRP D 131 16.30 29.54 -17.94
CA TRP D 131 16.79 30.75 -18.67
C TRP D 131 17.00 30.38 -20.14
N HIS D 132 18.10 29.68 -20.44
CA HIS D 132 18.37 29.02 -21.74
C HIS D 132 18.57 30.05 -22.86
N LEU D 133 19.07 31.26 -22.51
CA LEU D 133 19.40 32.34 -23.47
C LEU D 133 20.85 32.79 -23.28
N GLY D 134 21.65 31.99 -22.57
CA GLY D 134 23.11 32.17 -22.45
C GLY D 134 23.48 33.14 -21.33
N LEU D 135 24.68 33.00 -20.78
CA LEU D 135 25.26 33.87 -19.72
C LEU D 135 26.74 34.07 -20.01
N GLY D 136 27.29 35.22 -19.63
CA GLY D 136 28.72 35.54 -19.80
C GLY D 136 29.04 35.93 -21.24
N ASP D 137 30.32 36.22 -21.49
CA ASP D 137 30.79 36.96 -22.69
C ASP D 137 31.13 35.99 -23.84
N LYS D 138 31.95 34.98 -23.58
CA LYS D 138 32.45 34.03 -24.63
C LYS D 138 32.12 32.60 -24.19
N GLY D 139 31.38 31.88 -25.03
CA GLY D 139 30.90 30.50 -24.80
C GLY D 139 32.05 29.52 -24.60
N GLY D 140 31.94 28.67 -23.57
CA GLY D 140 32.94 27.63 -23.24
C GLY D 140 34.09 28.17 -22.42
N GLU D 141 34.12 29.47 -22.13
CA GLU D 141 35.26 30.17 -21.47
C GLU D 141 34.86 30.84 -20.15
N GLN D 142 33.59 30.70 -19.72
CA GLN D 142 33.06 31.35 -18.49
C GLN D 142 33.76 30.78 -17.25
N ASP D 143 34.04 31.62 -16.26
CA ASP D 143 34.42 31.18 -14.89
C ASP D 143 33.15 31.12 -14.03
N TRP D 144 32.61 29.92 -13.82
CA TRP D 144 31.31 29.67 -13.14
C TRP D 144 31.42 29.90 -11.64
N ASN D 145 32.63 30.13 -11.13
CA ASN D 145 32.92 30.46 -9.71
C ASN D 145 32.86 31.98 -9.49
N LYS D 146 32.84 32.76 -10.57
CA LYS D 146 32.80 34.24 -10.51
C LYS D 146 31.45 34.74 -11.03
N PRO D 147 31.08 36.01 -10.79
CA PRO D 147 29.89 36.61 -11.39
C PRO D 147 29.88 36.48 -12.93
N LEU D 148 28.77 36.01 -13.48
CA LEU D 148 28.53 35.94 -14.95
C LEU D 148 28.22 37.35 -15.45
N GLN D 149 28.99 37.82 -16.44
CA GLN D 149 28.95 39.20 -16.96
C GLN D 149 29.11 39.14 -18.48
N PRO D 150 28.07 39.49 -19.29
CA PRO D 150 26.76 39.91 -18.81
C PRO D 150 25.77 38.75 -18.62
N GLY D 151 24.70 39.00 -17.84
CA GLY D 151 23.65 38.02 -17.54
C GLY D 151 22.27 38.63 -17.56
N THR D 152 21.36 38.05 -16.76
CA THR D 152 19.92 38.44 -16.67
C THR D 152 19.78 39.86 -16.11
N ASN D 153 20.66 40.24 -15.17
CA ASN D 153 20.57 41.52 -14.41
C ASN D 153 21.16 42.69 -15.22
N ASP D 154 21.63 42.45 -16.45
CA ASP D 154 22.17 43.49 -17.36
C ASP D 154 21.15 43.80 -18.46
N ILE D 155 20.06 43.04 -18.56
CA ILE D 155 19.07 43.16 -19.66
C ILE D 155 17.65 43.37 -19.09
N GLY D 156 17.55 43.91 -17.86
CA GLY D 156 16.29 44.52 -17.34
C GLY D 156 15.69 43.81 -16.14
N PHE D 157 16.30 42.72 -15.65
CA PHE D 157 15.83 41.93 -14.48
C PHE D 157 16.57 42.39 -13.22
N GLU D 158 15.83 42.88 -12.21
CA GLU D 158 16.39 43.32 -10.90
C GLU D 158 16.72 42.10 -10.05
N TYR D 159 15.90 41.04 -10.15
CA TYR D 159 16.06 39.75 -9.42
C TYR D 159 16.11 38.61 -10.43
N SER D 160 17.07 37.69 -10.27
CA SER D 160 17.14 36.44 -11.06
C SER D 160 17.49 35.28 -10.13
N PHE D 161 16.72 34.19 -10.22
CA PHE D 161 17.03 32.86 -9.65
C PHE D 161 16.76 31.81 -10.73
N ILE D 162 17.81 31.34 -11.41
CA ILE D 162 17.66 30.63 -12.71
C ILE D 162 18.53 29.37 -12.75
N MET D 163 18.07 28.42 -13.57
CA MET D 163 18.92 27.34 -14.14
C MET D 163 19.62 27.92 -15.38
N ALA D 164 20.93 27.72 -15.51
CA ALA D 164 21.73 28.16 -16.68
C ALA D 164 20.99 27.82 -17.99
N ALA D 165 20.68 26.53 -18.19
CA ALA D 165 19.96 26.03 -19.38
C ALA D 165 18.84 25.08 -18.95
N THR D 166 18.70 23.95 -19.63
CA THR D 166 17.68 22.91 -19.33
C THR D 166 18.15 22.04 -18.17
N GLY D 167 17.24 21.23 -17.64
CA GLY D 167 17.48 20.28 -16.55
C GLY D 167 18.47 19.20 -16.95
N ASP D 168 18.57 18.90 -18.25
CA ASP D 168 19.45 17.82 -18.79
C ASP D 168 20.79 18.38 -19.28
N ARG D 169 21.08 19.66 -19.03
CA ARG D 169 22.34 20.32 -19.46
C ARG D 169 23.12 20.85 -18.24
N VAL D 170 24.43 20.55 -18.18
CA VAL D 170 25.40 21.14 -17.20
C VAL D 170 25.60 22.62 -17.55
N PRO D 171 25.91 23.51 -16.58
CA PRO D 171 26.09 23.15 -15.18
C PRO D 171 24.74 23.05 -14.45
N CYS D 172 24.61 22.04 -13.60
CA CYS D 172 23.37 21.69 -12.86
C CYS D 172 23.36 22.43 -11.52
N VAL D 173 23.50 23.76 -11.58
CA VAL D 173 23.53 24.66 -10.39
C VAL D 173 22.50 25.77 -10.61
N PHE D 174 22.13 26.47 -9.54
CA PHE D 174 21.23 27.65 -9.58
C PHE D 174 22.11 28.92 -9.62
N VAL D 175 21.64 29.95 -10.33
CA VAL D 175 22.34 31.25 -10.46
C VAL D 175 21.40 32.33 -9.91
N GLU D 176 21.85 33.04 -8.87
CA GLU D 176 21.09 34.15 -8.23
C GLU D 176 21.81 35.45 -8.56
N ASN D 177 21.09 36.38 -9.21
CA ASN D 177 21.63 37.69 -9.66
C ASN D 177 23.01 37.47 -10.29
N ASP D 178 23.07 36.54 -11.25
CA ASP D 178 24.22 36.28 -12.15
C ASP D 178 25.41 35.76 -11.34
N GLN D 179 25.15 35.03 -10.26
CA GLN D 179 26.19 34.36 -9.40
C GLN D 179 25.68 32.98 -9.00
N VAL D 180 26.51 31.95 -9.17
CA VAL D 180 26.19 30.55 -8.77
C VAL D 180 26.15 30.51 -7.24
N ILE D 181 25.06 29.96 -6.66
CA ILE D 181 24.83 29.89 -5.17
C ILE D 181 25.40 28.59 -4.61
N ASN D 182 25.73 28.60 -3.31
CA ASN D 182 26.15 27.43 -2.48
C ASN D 182 27.44 26.82 -3.04
N LEU D 183 28.34 27.68 -3.53
CA LEU D 183 29.66 27.27 -4.06
C LEU D 183 30.63 27.16 -2.88
N ASP D 184 31.32 26.03 -2.74
CA ASP D 184 32.49 25.87 -1.86
C ASP D 184 33.74 26.14 -2.71
N PRO D 185 34.48 27.24 -2.44
CA PRO D 185 35.60 27.64 -3.29
C PRO D 185 36.80 26.67 -3.28
N ASN D 186 36.85 25.77 -2.31
CA ASN D 186 37.86 24.67 -2.23
C ASN D 186 37.47 23.54 -3.19
N ASP D 187 36.28 23.61 -3.80
CA ASP D 187 35.77 22.61 -4.79
C ASP D 187 35.10 23.37 -5.93
N PRO D 188 35.89 24.05 -6.79
CA PRO D 188 35.32 24.95 -7.79
C PRO D 188 34.69 24.22 -8.98
N ILE D 189 33.68 24.84 -9.60
CA ILE D 189 32.99 24.34 -10.82
C ILE D 189 33.91 24.51 -12.03
N GLN D 190 33.96 23.49 -12.89
CA GLN D 190 34.48 23.57 -14.27
C GLN D 190 33.41 23.01 -15.21
N VAL D 191 33.36 23.49 -16.44
CA VAL D 191 32.35 23.05 -17.45
C VAL D 191 33.04 22.97 -18.82
N SER D 192 32.87 21.84 -19.51
CA SER D 192 33.28 21.65 -20.93
C SER D 192 32.18 20.87 -21.64
N TYR D 193 31.85 21.27 -22.86
CA TYR D 193 30.99 20.53 -23.82
C TYR D 193 31.88 19.84 -24.87
N LYS D 194 33.21 19.92 -24.70
CA LYS D 194 34.21 19.45 -25.68
C LYS D 194 34.74 18.08 -25.26
N ALA D 195 35.13 17.90 -23.99
CA ALA D 195 35.73 16.67 -23.45
C ALA D 195 35.45 16.51 -21.95
N ASN D 196 35.44 15.26 -21.46
CA ASN D 196 35.29 14.92 -20.02
C ASN D 196 36.54 15.39 -19.28
N PHE D 197 36.38 15.77 -18.01
CA PHE D 197 37.50 16.04 -17.09
C PHE D 197 38.04 14.71 -16.61
N PRO D 198 39.35 14.41 -16.78
CA PRO D 198 39.86 13.07 -16.46
C PRO D 198 39.51 12.67 -15.03
N GLY D 199 39.00 11.44 -14.86
CA GLY D 199 38.63 10.87 -13.55
C GLY D 199 37.13 10.98 -13.24
N GLU D 200 36.40 11.88 -13.89
CA GLU D 200 34.93 12.07 -13.65
C GLU D 200 34.15 10.99 -14.39
N PRO D 201 33.21 10.29 -13.71
CA PRO D 201 32.44 9.22 -14.35
C PRO D 201 31.37 9.79 -15.29
N THR D 202 30.87 8.93 -16.17
CA THR D 202 29.84 9.27 -17.19
C THR D 202 28.74 8.21 -17.15
N GLY D 203 27.55 8.56 -17.63
CA GLY D 203 26.41 7.62 -17.78
C GLY D 203 26.73 6.52 -18.77
N LYS D 204 27.61 6.79 -19.73
CA LYS D 204 28.05 5.83 -20.77
C LYS D 204 28.95 4.75 -20.14
N ASP D 205 29.99 5.17 -19.41
CA ASP D 205 31.08 4.29 -18.88
C ASP D 205 30.73 3.76 -17.48
N ASN D 206 29.93 4.48 -16.69
CA ASN D 206 29.66 4.13 -15.28
C ASN D 206 28.15 4.11 -15.04
N PRO D 207 27.36 3.35 -15.84
CA PRO D 207 25.91 3.37 -15.75
C PRO D 207 25.35 2.84 -14.42
N GLU D 208 26.17 2.09 -13.68
CA GLU D 208 25.82 1.54 -12.35
C GLU D 208 25.60 2.69 -11.34
N LEU D 209 26.07 3.90 -11.64
CA LEU D 209 25.93 5.10 -10.75
C LEU D 209 24.58 5.83 -10.98
N LEU D 210 23.72 5.30 -11.85
CA LEU D 210 22.52 5.98 -12.40
C LEU D 210 21.25 5.47 -11.70
N LYS D 211 20.31 6.37 -11.40
CA LYS D 211 18.93 6.04 -10.96
C LYS D 211 17.98 6.17 -12.16
N MET D 212 18.43 6.79 -13.25
CA MET D 212 17.64 6.99 -14.51
C MET D 212 18.59 6.78 -15.70
N HIS D 213 18.25 5.86 -16.62
CA HIS D 213 19.12 5.46 -17.76
C HIS D 213 18.78 6.28 -19.01
N PRO D 214 19.79 6.65 -19.82
CA PRO D 214 19.56 7.38 -21.06
C PRO D 214 18.99 6.48 -22.16
N SER D 215 18.15 7.04 -23.04
CA SER D 215 17.60 6.36 -24.25
C SER D 215 18.43 6.74 -25.47
N HIS D 216 18.83 8.00 -25.58
CA HIS D 216 19.72 8.51 -26.67
C HIS D 216 20.47 9.75 -26.16
N GLY D 217 21.76 9.83 -26.41
CA GLY D 217 22.67 10.83 -25.81
C GLY D 217 22.58 10.80 -24.30
N HIS D 218 22.63 11.99 -23.67
CA HIS D 218 22.44 12.18 -22.22
C HIS D 218 23.30 11.17 -21.44
N ASP D 219 24.55 10.96 -21.87
CA ASP D 219 25.42 9.89 -21.33
C ASP D 219 26.77 10.48 -20.90
N GLN D 220 26.80 11.76 -20.52
CA GLN D 220 28.05 12.49 -20.17
C GLN D 220 28.09 12.61 -18.64
N SER D 221 28.35 13.80 -18.07
CA SER D 221 28.58 13.95 -16.60
C SER D 221 27.35 13.55 -15.81
N ILE D 222 27.57 13.06 -14.58
CA ILE D 222 26.50 12.56 -13.67
C ILE D 222 26.29 13.61 -12.57
N VAL D 223 25.02 13.84 -12.27
CA VAL D 223 24.54 14.77 -11.21
C VAL D 223 23.33 14.11 -10.55
N ASN D 224 23.44 13.79 -9.26
CA ASN D 224 22.40 13.11 -8.47
C ASN D 224 21.84 11.92 -9.25
N GLY D 225 22.75 11.06 -9.69
CA GLY D 225 22.43 9.75 -10.29
C GLY D 225 21.76 9.85 -11.64
N ILE D 226 21.83 11.00 -12.32
CA ILE D 226 21.30 11.18 -13.70
C ILE D 226 22.39 11.78 -14.60
N SER D 227 22.79 11.09 -15.67
CA SER D 227 23.76 11.58 -16.68
C SER D 227 23.11 12.70 -17.50
N ARG D 228 23.92 13.65 -17.96
CA ARG D 228 23.46 14.90 -18.61
C ARG D 228 24.12 15.06 -19.99
N ILE D 229 23.79 16.14 -20.69
CA ILE D 229 24.52 16.64 -21.88
C ILE D 229 25.59 17.61 -21.37
N GLY D 230 26.85 17.38 -21.75
CA GLY D 230 27.99 18.21 -21.35
C GLY D 230 28.68 17.63 -20.13
N TYR D 231 29.96 17.96 -19.95
CA TYR D 231 30.80 17.48 -18.82
C TYR D 231 30.99 18.62 -17.83
N MET D 232 31.07 18.27 -16.54
CA MET D 232 31.42 19.22 -15.45
C MET D 232 32.20 18.49 -14.33
N LYS D 233 32.81 19.27 -13.44
CA LYS D 233 33.63 18.79 -12.31
C LYS D 233 33.51 19.79 -11.16
N GLY D 234 33.46 19.31 -9.92
CA GLY D 234 33.36 20.13 -8.71
C GLY D 234 31.96 20.69 -8.52
N GLY D 235 31.83 21.68 -7.65
CA GLY D 235 30.57 22.36 -7.29
C GLY D 235 29.60 21.45 -6.55
N LYS D 236 30.10 20.39 -5.89
CA LYS D 236 29.25 19.35 -5.23
C LYS D 236 28.15 20.03 -4.40
N SER D 237 28.51 21.05 -3.62
CA SER D 237 27.59 21.76 -2.70
C SER D 237 26.58 22.58 -3.50
N ALA D 238 26.92 22.99 -4.74
CA ALA D 238 26.09 23.88 -5.59
C ALA D 238 25.14 23.07 -6.48
N LEU D 239 25.36 21.76 -6.61
CA LEU D 239 24.53 20.88 -7.48
C LEU D 239 23.09 20.87 -6.96
N TRP D 240 22.12 21.07 -7.84
CA TRP D 240 20.67 20.91 -7.53
C TRP D 240 20.36 19.42 -7.34
N GLN D 241 19.23 19.09 -6.74
CA GLN D 241 18.63 17.73 -6.85
C GLN D 241 17.26 17.90 -7.54
N ASP D 242 17.04 17.11 -8.58
CA ASP D 242 15.95 17.22 -9.57
C ASP D 242 14.60 17.03 -8.86
N GLU D 243 14.54 16.18 -7.83
CA GLU D 243 13.33 15.90 -7.01
C GLU D 243 12.75 17.21 -6.46
N LYS D 244 13.62 18.17 -6.11
CA LYS D 244 13.30 19.40 -5.34
C LYS D 244 13.36 20.66 -6.22
N ILE D 245 13.48 20.53 -7.55
CA ILE D 245 13.62 21.71 -8.46
C ILE D 245 12.26 22.43 -8.49
N ALA D 246 11.17 21.75 -8.86
CA ALA D 246 9.82 22.36 -8.88
C ALA D 246 9.59 23.10 -7.57
N GLU D 247 9.92 22.44 -6.45
CA GLU D 247 9.70 22.94 -5.07
C GLU D 247 10.51 24.23 -4.85
N THR D 248 11.79 24.23 -5.20
CA THR D 248 12.76 25.34 -4.98
C THR D 248 12.35 26.54 -5.84
N LEU D 249 12.15 26.32 -7.15
CA LEU D 249 11.79 27.38 -8.13
C LEU D 249 10.46 28.02 -7.72
N THR D 250 9.42 27.20 -7.50
CA THR D 250 8.06 27.67 -7.15
C THR D 250 8.12 28.44 -5.82
N GLY D 251 8.96 27.98 -4.88
CA GLY D 251 9.21 28.67 -3.60
C GLY D 251 9.74 30.08 -3.83
N LYS D 252 10.72 30.23 -4.73
CA LYS D 252 11.37 31.53 -5.03
C LYS D 252 10.39 32.45 -5.76
N ALA D 253 9.56 31.87 -6.64
CA ALA D 253 8.48 32.55 -7.37
C ALA D 253 7.50 33.17 -6.36
N VAL D 254 7.01 32.37 -5.42
CA VAL D 254 6.03 32.79 -4.37
C VAL D 254 6.71 33.84 -3.48
N SER D 255 7.94 33.58 -3.02
CA SER D 255 8.77 34.52 -2.21
C SER D 255 8.85 35.89 -2.89
N PHE D 256 9.04 35.92 -4.22
CA PHE D 256 9.17 37.16 -5.02
C PHE D 256 7.82 37.92 -5.04
N ILE D 257 6.71 37.20 -5.22
CA ILE D 257 5.35 37.80 -5.21
C ILE D 257 5.08 38.39 -3.83
N GLU D 258 5.40 37.65 -2.76
CA GLU D 258 5.24 38.08 -1.34
C GLU D 258 6.10 39.32 -1.07
N GLY D 259 7.33 39.35 -1.61
CA GLY D 259 8.31 40.43 -1.40
C GLY D 259 7.94 41.74 -2.06
N HIS D 260 7.11 41.70 -3.12
CA HIS D 260 6.80 42.87 -3.99
C HIS D 260 5.27 43.07 -4.07
N LYS D 261 4.55 42.96 -2.96
CA LYS D 261 3.06 42.92 -2.94
C LYS D 261 2.47 44.34 -2.98
N SER D 262 3.30 45.38 -2.93
CA SER D 262 2.89 46.81 -2.69
C SER D 262 3.03 47.68 -3.94
N ALA D 263 3.82 47.25 -4.93
CA ALA D 263 4.12 48.04 -6.15
C ALA D 263 4.09 47.13 -7.39
N PRO D 264 3.84 47.70 -8.58
CA PRO D 264 3.78 46.90 -9.81
C PRO D 264 5.05 46.05 -10.00
N PHE D 265 4.89 44.76 -10.29
CA PHE D 265 6.02 43.84 -10.57
C PHE D 265 5.72 43.00 -11.82
N PHE D 266 6.79 42.67 -12.56
CA PHE D 266 6.81 41.70 -13.68
C PHE D 266 7.65 40.50 -13.25
N LEU D 267 7.02 39.33 -13.18
CA LEU D 267 7.68 38.04 -12.80
C LEU D 267 7.56 37.05 -13.96
N TYR D 268 8.70 36.65 -14.50
CA TYR D 268 8.84 35.63 -15.58
C TYR D 268 9.21 34.31 -14.89
N PHE D 269 8.18 33.54 -14.53
CA PHE D 269 8.32 32.21 -13.88
C PHE D 269 8.30 31.15 -14.99
N ALA D 270 9.46 30.54 -15.22
CA ALA D 270 9.72 29.54 -16.30
C ALA D 270 10.08 28.21 -15.66
N THR D 271 9.18 27.22 -15.72
CA THR D 271 9.34 25.92 -15.03
C THR D 271 10.33 25.04 -15.79
N GLN D 272 10.96 24.10 -15.09
CA GLN D 272 11.68 22.93 -15.65
C GLN D 272 10.64 21.93 -16.15
N ASP D 273 9.44 21.95 -15.58
CA ASP D 273 8.49 20.82 -15.63
C ASP D 273 8.08 20.49 -17.07
N ALA D 274 8.04 19.17 -17.30
CA ALA D 274 7.69 18.37 -18.51
C ALA D 274 8.95 18.13 -19.35
N HIS D 275 10.00 18.94 -19.13
CA HIS D 275 11.32 18.75 -19.77
C HIS D 275 12.08 17.64 -19.04
N VAL D 276 12.82 16.84 -19.79
CA VAL D 276 13.75 15.80 -19.25
C VAL D 276 14.86 16.51 -18.49
N PRO D 277 15.49 15.87 -17.48
CA PRO D 277 15.03 14.59 -16.96
C PRO D 277 13.79 14.86 -16.10
N ARG D 278 12.76 14.04 -16.26
CA ARG D 278 11.47 14.18 -15.52
C ARG D 278 11.61 13.48 -14.16
N VAL D 279 11.90 14.26 -13.12
CA VAL D 279 12.14 13.79 -11.73
C VAL D 279 11.23 14.60 -10.83
N PRO D 280 9.93 14.21 -10.73
CA PRO D 280 8.98 14.95 -9.93
C PRO D 280 9.22 14.71 -8.43
N SER D 281 8.77 15.65 -7.60
CA SER D 281 8.65 15.49 -6.12
C SER D 281 8.01 14.13 -5.81
N PRO D 282 8.45 13.44 -4.72
CA PRO D 282 7.81 12.19 -4.30
C PRO D 282 6.27 12.25 -4.22
N GLN D 283 5.71 13.41 -3.87
CA GLN D 283 4.23 13.57 -3.72
C GLN D 283 3.54 13.40 -5.09
N PHE D 284 4.27 13.33 -6.22
CA PHE D 284 3.70 13.18 -7.58
C PHE D 284 4.10 11.87 -8.27
N ALA D 285 5.17 11.18 -7.82
CA ALA D 285 5.62 9.90 -8.40
C ALA D 285 4.46 8.89 -8.37
N GLY D 286 4.05 8.36 -9.53
CA GLY D 286 3.00 7.34 -9.68
C GLY D 286 1.60 7.93 -9.88
N LYS D 287 1.38 9.21 -9.57
CA LYS D 287 0.02 9.79 -9.38
C LYS D 287 -0.76 9.91 -10.71
N SER D 288 -0.09 9.97 -11.86
CA SER D 288 -0.75 10.23 -13.19
C SER D 288 -1.04 8.92 -13.96
N GLY D 289 -0.29 7.84 -13.69
CA GLY D 289 -0.37 6.56 -14.41
C GLY D 289 0.43 6.56 -15.71
N MET D 290 0.96 7.72 -16.13
CA MET D 290 1.71 7.88 -17.40
C MET D 290 3.22 7.98 -17.12
N GLY D 291 3.65 7.60 -15.93
CA GLY D 291 5.08 7.64 -15.53
C GLY D 291 5.55 9.07 -15.32
N PRO D 292 6.87 9.28 -15.09
CA PRO D 292 7.43 10.60 -14.81
C PRO D 292 6.94 11.76 -15.69
N ARG D 293 6.72 11.52 -16.99
CA ARG D 293 6.29 12.59 -17.93
C ARG D 293 4.92 13.13 -17.48
N GLY D 294 3.94 12.27 -17.29
CA GLY D 294 2.60 12.64 -16.80
C GLY D 294 2.68 13.24 -15.40
N ASP D 295 3.51 12.65 -14.54
CA ASP D 295 3.69 13.07 -13.12
C ASP D 295 4.20 14.51 -13.10
N CYS D 296 4.98 14.91 -14.10
CA CYS D 296 5.60 16.27 -14.19
C CYS D 296 4.59 17.28 -14.73
N LEU D 297 3.53 16.84 -15.38
CA LEU D 297 2.37 17.70 -15.75
C LEU D 297 1.58 18.03 -14.47
N LEU D 298 1.40 17.06 -13.58
CA LEU D 298 0.75 17.26 -12.26
C LEU D 298 1.61 18.17 -11.40
N GLU D 299 2.95 18.03 -11.46
CA GLU D 299 3.93 18.88 -10.72
C GLU D 299 3.83 20.31 -11.24
N PHE D 300 3.69 20.48 -12.56
CA PHE D 300 3.43 21.80 -13.20
C PHE D 300 2.12 22.37 -12.61
N ASP D 301 1.04 21.58 -12.67
CA ASP D 301 -0.30 22.00 -12.16
C ASP D 301 -0.18 22.40 -10.69
N TRP D 302 0.67 21.74 -9.91
CA TRP D 302 0.92 22.12 -8.50
C TRP D 302 1.54 23.53 -8.45
N SER D 303 2.62 23.77 -9.21
CA SER D 303 3.31 25.08 -9.31
C SER D 303 2.31 26.18 -9.67
N VAL D 304 1.40 25.90 -10.61
CA VAL D 304 0.34 26.86 -11.02
C VAL D 304 -0.49 27.18 -9.78
N GLY D 305 -0.90 26.15 -9.02
CA GLY D 305 -1.64 26.28 -7.75
C GLY D 305 -0.96 27.23 -6.79
N GLU D 306 0.35 27.05 -6.57
CA GLU D 306 1.16 27.86 -5.63
C GLU D 306 1.10 29.34 -6.02
N ILE D 307 1.19 29.66 -7.30
CA ILE D 307 1.20 31.06 -7.81
C ILE D 307 -0.18 31.67 -7.61
N LEU D 308 -1.22 31.01 -8.12
CA LEU D 308 -2.63 31.49 -8.03
C LEU D 308 -3.01 31.74 -6.56
N ASN D 309 -2.57 30.87 -5.65
CA ASN D 309 -2.87 30.93 -4.20
C ASN D 309 -2.13 32.10 -3.55
N ALA D 310 -0.86 32.32 -3.90
CA ALA D 310 -0.04 33.44 -3.40
C ALA D 310 -0.75 34.77 -3.72
N LEU D 311 -1.18 34.93 -4.97
CA LEU D 311 -1.91 36.13 -5.44
C LEU D 311 -3.24 36.27 -4.69
N GLU D 312 -3.94 35.17 -4.40
CA GLU D 312 -5.28 35.18 -3.76
C GLU D 312 -5.15 35.51 -2.26
N ARG D 313 -4.22 34.86 -1.57
CA ARG D 313 -3.80 35.17 -0.16
C ARG D 313 -3.66 36.67 0.05
N LEU D 314 -2.94 37.35 -0.85
CA LEU D 314 -2.43 38.74 -0.68
C LEU D 314 -3.40 39.77 -1.29
N GLY D 315 -4.49 39.31 -1.89
CA GLY D 315 -5.48 40.15 -2.58
C GLY D 315 -4.95 40.75 -3.88
N LEU D 316 -3.86 40.16 -4.42
CA LEU D 316 -3.15 40.64 -5.64
C LEU D 316 -3.93 40.26 -6.89
N ASP D 317 -4.96 39.42 -6.77
CA ASP D 317 -5.81 38.98 -7.91
C ASP D 317 -6.72 40.13 -8.37
N LYS D 318 -6.79 41.23 -7.61
CA LYS D 318 -7.49 42.50 -8.00
C LYS D 318 -6.76 43.17 -9.18
N ASN D 319 -5.42 43.19 -9.18
CA ASN D 319 -4.60 44.02 -10.11
C ASN D 319 -3.43 43.21 -10.71
N THR D 320 -3.67 41.96 -11.10
CA THR D 320 -2.60 41.06 -11.65
C THR D 320 -3.08 40.35 -12.92
N LEU D 321 -2.33 40.51 -14.01
CA LEU D 321 -2.46 39.73 -15.27
C LEU D 321 -1.63 38.46 -15.10
N VAL D 322 -2.25 37.28 -15.18
CA VAL D 322 -1.55 35.97 -15.13
C VAL D 322 -1.58 35.38 -16.54
N ILE D 323 -0.40 34.99 -17.05
CA ILE D 323 -0.25 34.38 -18.41
C ILE D 323 0.38 32.99 -18.24
N LEU D 324 -0.36 31.96 -18.64
CA LEU D 324 0.15 30.56 -18.67
C LEU D 324 0.38 30.17 -20.13
N SER D 325 1.54 29.57 -20.42
CA SER D 325 1.86 29.04 -21.76
C SER D 325 3.05 28.08 -21.66
N SER D 326 3.50 27.61 -22.83
CA SER D 326 4.62 26.65 -23.02
C SER D 326 5.60 27.26 -24.03
N ASP D 327 6.88 26.90 -23.94
CA ASP D 327 7.94 27.42 -24.84
C ASP D 327 7.80 26.75 -26.22
N ASN D 328 7.26 25.54 -26.28
CA ASN D 328 7.10 24.78 -27.56
C ASN D 328 6.22 23.55 -27.32
N GLY D 329 6.00 22.76 -28.38
CA GLY D 329 5.09 21.59 -28.36
C GLY D 329 5.68 20.39 -27.60
N PRO D 330 4.96 19.26 -27.61
CA PRO D 330 5.31 18.09 -26.79
C PRO D 330 6.27 17.08 -27.45
N VAL D 331 7.00 16.35 -26.62
CA VAL D 331 7.85 15.18 -27.01
C VAL D 331 7.58 14.08 -25.98
N VAL D 332 7.49 12.82 -26.42
CA VAL D 332 7.31 11.65 -25.52
C VAL D 332 8.69 11.24 -24.99
N ASP D 333 9.49 10.48 -25.75
CA ASP D 333 10.89 10.11 -25.40
C ASP D 333 11.83 11.22 -25.88
N ASP D 334 12.42 11.99 -24.97
CA ASP D 334 13.35 13.10 -25.31
C ASP D 334 14.74 12.82 -24.71
N GLY D 335 15.06 11.55 -24.44
CA GLY D 335 16.45 11.11 -24.25
C GLY D 335 16.70 10.30 -22.97
N TYR D 336 15.67 9.92 -22.22
CA TYR D 336 15.80 9.05 -21.02
C TYR D 336 14.79 7.90 -21.08
N LYS D 337 15.17 6.74 -20.53
CA LYS D 337 14.27 5.58 -20.31
C LYS D 337 13.43 5.87 -19.06
N ASP D 338 12.31 6.57 -19.27
CA ASP D 338 11.40 7.09 -18.21
C ASP D 338 9.96 6.65 -18.49
N GLN D 339 9.78 5.57 -19.26
CA GLN D 339 8.48 4.87 -19.48
C GLN D 339 7.48 5.77 -20.22
N ALA D 340 7.91 6.91 -20.76
CA ALA D 340 7.03 7.91 -21.41
C ALA D 340 6.19 7.24 -22.51
N VAL D 341 6.82 6.40 -23.34
CA VAL D 341 6.18 5.72 -24.51
C VAL D 341 5.25 4.62 -23.97
N GLU D 342 5.78 3.75 -23.09
CA GLU D 342 5.13 2.52 -22.58
C GLU D 342 3.83 2.88 -21.83
N LEU D 343 3.78 4.03 -21.15
CA LEU D 343 2.66 4.40 -20.24
C LEU D 343 1.82 5.56 -20.80
N LEU D 344 2.05 5.96 -22.05
CA LEU D 344 1.28 7.07 -22.68
C LEU D 344 -0.22 6.72 -22.75
N GLY D 345 -0.55 5.46 -23.05
CA GLY D 345 -1.94 5.04 -23.33
C GLY D 345 -2.54 5.87 -24.46
N ASP D 346 -3.78 6.36 -24.29
CA ASP D 346 -4.52 7.13 -25.34
C ASP D 346 -4.31 8.63 -25.15
N HIS D 347 -3.35 9.04 -24.32
CA HIS D 347 -3.01 10.47 -24.07
C HIS D 347 -2.36 11.04 -25.32
N THR D 348 -2.91 12.14 -25.85
CA THR D 348 -2.45 12.87 -27.06
C THR D 348 -1.86 14.22 -26.64
N PRO D 349 -0.52 14.31 -26.44
CA PRO D 349 0.11 15.55 -26.00
C PRO D 349 -0.14 16.74 -26.93
N GLY D 350 -0.19 16.46 -28.24
CA GLY D 350 -0.38 17.46 -29.30
C GLY D 350 -1.85 17.69 -29.62
N GLY D 351 -2.77 17.17 -28.80
CA GLY D 351 -4.22 17.16 -29.11
C GLY D 351 -4.47 16.44 -30.41
N ILE D 352 -5.22 17.04 -31.34
CA ILE D 352 -5.52 16.47 -32.69
C ILE D 352 -4.40 16.80 -33.68
N TYR D 353 -3.47 17.66 -33.31
CA TYR D 353 -2.52 18.34 -34.24
C TYR D 353 -1.32 17.44 -34.49
N ARG D 354 -0.75 17.57 -35.69
CA ARG D 354 0.30 16.69 -36.23
C ARG D 354 1.66 17.15 -35.73
N GLY D 355 2.59 16.20 -35.62
CA GLY D 355 3.98 16.44 -35.18
C GLY D 355 4.07 16.66 -33.69
N GLY D 356 5.01 17.52 -33.28
CA GLY D 356 5.28 17.88 -31.88
C GLY D 356 6.50 18.77 -31.78
N LYS D 357 7.27 18.66 -30.70
CA LYS D 357 8.55 19.39 -30.49
C LYS D 357 9.41 19.21 -31.74
N TYR D 358 10.09 20.28 -32.16
CA TYR D 358 11.10 20.28 -33.26
C TYR D 358 10.44 20.41 -34.64
N SER D 359 9.12 20.20 -34.76
CA SER D 359 8.39 20.02 -36.05
C SER D 359 7.86 21.34 -36.61
N SER D 360 7.70 21.42 -37.93
CA SER D 360 7.02 22.52 -38.67
C SER D 360 5.50 22.42 -38.49
N PHE D 361 4.98 21.24 -38.19
CA PHE D 361 3.52 20.97 -38.10
C PHE D 361 2.97 21.64 -36.83
N GLU D 362 1.66 21.84 -36.77
CA GLU D 362 0.98 22.71 -35.77
C GLU D 362 1.40 22.33 -34.34
N ALA D 363 1.48 21.04 -34.01
CA ALA D 363 1.76 20.57 -32.63
C ALA D 363 3.12 21.09 -32.15
N GLY D 364 4.01 21.47 -33.06
CA GLY D 364 5.32 22.06 -32.72
C GLY D 364 5.21 23.39 -32.01
N THR D 365 4.21 24.21 -32.33
CA THR D 365 4.10 25.61 -31.83
C THR D 365 2.72 25.97 -31.28
N ARG D 366 1.66 25.20 -31.57
CA ARG D 366 0.29 25.45 -31.03
C ARG D 366 0.27 24.92 -29.60
N ILE D 367 0.24 25.84 -28.63
CA ILE D 367 0.51 25.52 -27.19
C ILE D 367 -0.68 25.96 -26.35
N PRO D 368 -0.82 25.39 -25.14
CA PRO D 368 -1.83 25.88 -24.19
C PRO D 368 -1.48 27.34 -23.88
N CYS D 369 -2.48 28.21 -23.88
CA CYS D 369 -2.32 29.63 -23.53
C CYS D 369 -3.58 30.15 -22.83
N ILE D 370 -3.41 30.74 -21.65
CA ILE D 370 -4.48 31.40 -20.88
C ILE D 370 -3.98 32.78 -20.45
N TRP D 371 -4.83 33.80 -20.61
CA TRP D 371 -4.69 35.15 -19.99
C TRP D 371 -5.83 35.31 -18.98
N SER D 372 -5.50 35.67 -17.73
CA SER D 372 -6.47 35.94 -16.64
C SER D 372 -6.16 37.31 -16.02
N TRP D 373 -7.16 38.18 -15.99
CA TRP D 373 -7.03 39.57 -15.50
C TRP D 373 -8.39 40.04 -15.00
N GLN D 374 -8.62 39.91 -13.70
CA GLN D 374 -9.93 40.11 -13.03
C GLN D 374 -10.45 41.52 -13.32
N GLY D 375 -11.67 41.63 -13.85
CA GLY D 375 -12.34 42.91 -14.11
C GLY D 375 -12.01 43.49 -15.48
N VAL D 376 -11.09 42.85 -16.21
CA VAL D 376 -10.70 43.23 -17.61
C VAL D 376 -11.14 42.11 -18.56
N ILE D 377 -10.76 40.87 -18.26
CA ILE D 377 -10.99 39.67 -19.11
C ILE D 377 -12.21 38.91 -18.59
N ARG D 378 -13.20 38.68 -19.45
CA ARG D 378 -14.41 37.90 -19.11
C ARG D 378 -13.96 36.49 -18.73
N PRO D 379 -14.33 35.95 -17.54
CA PRO D 379 -13.95 34.60 -17.16
C PRO D 379 -14.66 33.53 -18.01
N GLY D 380 -14.02 32.38 -18.21
CA GLY D 380 -14.59 31.22 -18.93
C GLY D 380 -14.75 31.47 -20.42
N THR D 381 -13.94 32.36 -20.99
CA THR D 381 -13.98 32.82 -22.40
C THR D 381 -13.02 31.97 -23.24
N VAL D 382 -13.27 31.88 -24.54
CA VAL D 382 -12.44 31.12 -25.53
C VAL D 382 -12.22 32.02 -26.75
N SER D 383 -11.00 32.03 -27.30
CA SER D 383 -10.66 32.81 -28.52
C SER D 383 -9.92 31.92 -29.53
N ASP D 384 -10.38 31.92 -30.79
CA ASP D 384 -9.78 31.17 -31.94
C ASP D 384 -8.90 32.13 -32.76
N ALA D 385 -8.58 33.30 -32.21
CA ALA D 385 -7.70 34.31 -32.83
C ALA D 385 -6.31 33.70 -33.09
N LEU D 386 -5.73 33.99 -34.27
CA LEU D 386 -4.32 33.64 -34.62
C LEU D 386 -3.38 34.55 -33.82
N LEU D 387 -2.78 34.02 -32.77
CA LEU D 387 -1.93 34.80 -31.82
C LEU D 387 -0.57 34.13 -31.70
N CYS D 388 0.44 34.88 -31.23
CA CYS D 388 1.85 34.43 -31.06
C CYS D 388 2.47 35.15 -29.87
N GLN D 389 3.30 34.43 -29.10
CA GLN D 389 3.97 34.94 -27.88
C GLN D 389 4.87 36.13 -28.22
N ILE D 390 5.27 36.28 -29.49
CA ILE D 390 6.16 37.37 -29.96
C ILE D 390 5.44 38.73 -29.85
N ASP D 391 4.12 38.74 -29.71
CA ASP D 391 3.30 39.99 -29.72
C ASP D 391 3.13 40.54 -28.30
N TRP D 392 3.51 39.80 -27.27
CA TRP D 392 3.32 40.20 -25.86
C TRP D 392 4.09 41.50 -25.58
N PHE D 393 5.34 41.58 -26.02
CA PHE D 393 6.25 42.75 -25.86
C PHE D 393 5.49 44.03 -26.26
N ALA D 394 5.04 44.09 -27.52
CA ALA D 394 4.30 45.23 -28.09
C ALA D 394 2.96 45.41 -27.37
N THR D 395 2.27 44.30 -27.09
CA THR D 395 0.96 44.30 -26.41
C THR D 395 1.10 44.95 -25.03
N PHE D 396 2.23 44.75 -24.33
CA PHE D 396 2.47 45.34 -22.98
C PHE D 396 2.81 46.83 -23.10
N ALA D 397 3.42 47.25 -24.20
CA ALA D 397 3.66 48.68 -24.51
C ALA D 397 2.31 49.37 -24.69
N GLU D 398 1.39 48.74 -25.43
CA GLU D 398 0.00 49.24 -25.65
C GLU D 398 -0.69 49.40 -24.28
N MET D 399 -0.58 48.36 -23.44
CA MET D 399 -1.18 48.29 -22.08
C MET D 399 -0.61 49.40 -21.20
N LEU D 400 0.72 49.54 -21.17
CA LEU D 400 1.46 50.53 -20.33
C LEU D 400 1.35 51.93 -20.93
N ASN D 401 0.81 52.04 -22.16
CA ASN D 401 0.64 53.31 -22.90
C ASN D 401 2.02 53.99 -23.03
N VAL D 402 3.07 53.22 -23.33
CA VAL D 402 4.47 53.71 -23.44
C VAL D 402 4.95 53.48 -24.89
N ARG D 403 5.70 54.44 -25.42
CA ARG D 403 6.30 54.43 -26.78
C ARG D 403 7.58 53.58 -26.75
N LEU D 404 7.66 52.55 -27.61
CA LEU D 404 8.86 51.68 -27.73
C LEU D 404 9.99 52.43 -28.42
N PRO D 405 11.25 52.34 -27.93
CA PRO D 405 12.42 52.85 -28.64
C PRO D 405 12.53 52.36 -30.10
N GLU D 406 13.16 53.17 -30.95
CA GLU D 406 13.54 52.84 -32.34
C GLU D 406 14.27 51.49 -32.31
N GLY D 407 13.83 50.52 -33.11
CA GLY D 407 14.51 49.22 -33.32
C GLY D 407 14.01 48.13 -32.39
N ALA D 408 13.36 48.49 -31.28
CA ALA D 408 12.86 47.56 -30.24
C ALA D 408 11.68 46.75 -30.78
N ALA D 409 11.59 45.47 -30.39
CA ALA D 409 10.46 44.56 -30.63
C ALA D 409 9.95 44.71 -32.06
N PRO D 410 10.84 44.57 -33.07
CA PRO D 410 10.52 44.92 -34.47
C PRO D 410 9.41 44.08 -35.13
N ASP D 411 9.30 42.80 -34.77
CA ASP D 411 8.29 41.86 -35.32
C ASP D 411 7.08 41.72 -34.38
N SER D 412 7.07 42.44 -33.24
CA SER D 412 6.00 42.37 -32.21
C SER D 412 4.82 43.26 -32.62
N GLU D 413 3.66 42.65 -32.91
CA GLU D 413 2.42 43.37 -33.35
C GLU D 413 1.51 43.55 -32.13
N PRO D 414 1.20 44.80 -31.71
CA PRO D 414 0.39 45.02 -30.52
C PRO D 414 -1.07 44.63 -30.79
N MET D 415 -1.72 43.97 -29.83
CA MET D 415 -3.16 43.56 -29.94
C MET D 415 -3.68 43.17 -28.55
N LEU D 416 -3.67 44.14 -27.63
CA LEU D 416 -4.25 44.03 -26.27
C LEU D 416 -5.71 43.56 -26.35
N LYS D 417 -6.47 44.01 -27.35
CA LYS D 417 -7.91 43.71 -27.48
C LYS D 417 -8.08 42.21 -27.73
N ALA D 418 -7.24 41.63 -28.57
CA ALA D 418 -7.28 40.19 -28.92
C ALA D 418 -6.86 39.36 -27.71
N TRP D 419 -5.76 39.75 -27.06
CA TRP D 419 -5.16 39.01 -25.92
C TRP D 419 -6.03 39.11 -24.66
N THR D 420 -6.99 40.04 -24.60
CA THR D 420 -7.93 40.22 -23.46
C THR D 420 -9.32 39.71 -23.86
N GLY D 421 -9.43 39.04 -25.01
CA GLY D 421 -10.63 38.31 -25.43
C GLY D 421 -11.76 39.22 -25.88
N LYS D 422 -11.47 40.50 -26.18
CA LYS D 422 -12.46 41.55 -26.53
C LYS D 422 -12.61 41.67 -28.05
N GLN D 423 -11.96 40.79 -28.83
CA GLN D 423 -11.84 40.87 -30.30
C GLN D 423 -11.46 39.48 -30.85
N LYS D 424 -12.22 38.98 -31.83
CA LYS D 424 -12.01 37.61 -32.42
C LYS D 424 -10.76 37.59 -33.30
N LYS D 425 -10.48 38.68 -34.02
CA LYS D 425 -9.43 38.77 -35.09
C LYS D 425 -8.04 38.96 -34.46
N GLY D 426 -7.11 38.03 -34.73
CA GLY D 426 -5.72 38.11 -34.25
C GLY D 426 -4.78 38.71 -35.30
N ARG D 427 -3.66 38.03 -35.58
CA ARG D 427 -2.70 38.41 -36.65
C ARG D 427 -3.30 38.14 -38.03
N GLU D 428 -2.81 38.87 -39.02
CA GLU D 428 -3.15 38.66 -40.45
C GLU D 428 -2.18 37.65 -41.08
N TRP D 429 -0.90 37.70 -40.69
CA TRP D 429 0.15 36.75 -41.13
C TRP D 429 1.03 36.39 -39.92
N LEU D 430 1.47 35.14 -39.84
CA LEU D 430 2.35 34.63 -38.77
C LEU D 430 3.41 33.71 -39.39
N VAL D 431 4.68 34.00 -39.15
CA VAL D 431 5.81 33.12 -39.57
C VAL D 431 6.24 32.29 -38.36
N LEU D 432 6.16 30.96 -38.52
CA LEU D 432 6.61 29.97 -37.52
C LEU D 432 7.89 29.28 -38.00
N GLN D 433 8.69 28.78 -37.07
CA GLN D 433 10.04 28.21 -37.29
C GLN D 433 10.09 26.82 -36.63
N ASN D 434 10.90 25.91 -37.17
CA ASN D 434 11.09 24.53 -36.62
C ASN D 434 12.57 24.37 -36.22
N ALA D 435 12.98 23.15 -35.88
CA ALA D 435 14.31 22.85 -35.30
C ALA D 435 15.44 23.01 -36.34
N GLN D 436 15.11 22.86 -37.63
N GLN D 436 15.16 22.84 -37.64
CA GLN D 436 16.03 23.03 -38.79
CA GLN D 436 16.12 23.06 -38.76
C GLN D 436 15.94 24.46 -39.34
C GLN D 436 15.92 24.47 -39.35
N ASN D 437 15.20 25.35 -38.64
CA ASN D 437 15.05 26.80 -38.96
C ASN D 437 14.38 26.99 -40.32
N ASN D 438 13.60 26.01 -40.77
CA ASN D 438 12.68 26.16 -41.94
C ASN D 438 11.44 26.90 -41.45
N LEU D 439 10.85 27.71 -42.32
CA LEU D 439 9.74 28.62 -41.97
C LEU D 439 8.44 28.08 -42.56
N SER D 440 7.31 28.43 -41.92
CA SER D 440 5.93 28.32 -42.47
C SER D 440 5.25 29.68 -42.30
N VAL D 441 4.26 29.99 -43.14
CA VAL D 441 3.43 31.22 -42.98
C VAL D 441 1.96 30.82 -43.00
N THR D 442 1.15 31.45 -42.15
CA THR D 442 -0.30 31.18 -42.04
C THR D 442 -1.06 32.50 -41.86
N ASP D 443 -2.29 32.55 -42.39
CA ASP D 443 -3.24 33.69 -42.24
C ASP D 443 -4.35 33.27 -41.27
N GLY D 444 -4.18 32.14 -40.58
CA GLY D 444 -5.17 31.55 -39.67
C GLY D 444 -5.97 30.44 -40.32
N ARG D 445 -5.88 30.31 -41.65
CA ARG D 445 -6.73 29.42 -42.48
C ARG D 445 -5.81 28.52 -43.32
N TRP D 446 -4.99 29.11 -44.19
CA TRP D 446 -3.96 28.40 -44.99
C TRP D 446 -2.61 28.43 -44.26
N LYS D 447 -1.84 27.36 -44.40
CA LYS D 447 -0.45 27.23 -43.89
C LYS D 447 0.42 26.69 -45.02
N TYR D 448 1.44 27.47 -45.42
CA TYR D 448 2.45 27.11 -46.44
C TYR D 448 3.77 26.84 -45.73
N LEU D 449 4.33 25.63 -45.90
CA LEU D 449 5.67 25.25 -45.40
C LEU D 449 6.67 25.44 -46.55
N ARG D 450 7.59 26.39 -46.41
CA ARG D 450 8.61 26.70 -47.43
C ARG D 450 9.56 25.51 -47.56
N PRO D 451 9.84 25.04 -48.80
CA PRO D 451 10.84 24.00 -49.02
C PRO D 451 12.16 24.29 -48.29
N GLY D 452 12.84 23.24 -47.82
CA GLY D 452 14.07 23.36 -47.02
C GLY D 452 14.72 22.01 -46.74
N ASN D 453 15.95 22.05 -46.24
CA ASN D 453 16.77 20.88 -45.86
C ASN D 453 16.24 20.29 -44.55
N GLY D 454 16.61 19.05 -44.26
CA GLY D 454 16.32 18.36 -42.99
C GLY D 454 15.54 17.06 -43.20
N PRO D 455 15.66 16.10 -42.25
CA PRO D 455 14.93 14.84 -42.34
C PRO D 455 13.42 15.04 -42.15
N ALA D 456 12.62 14.13 -42.73
CA ALA D 456 11.15 14.13 -42.64
C ALA D 456 10.72 13.61 -41.27
N TYR D 457 11.57 12.79 -40.63
CA TYR D 457 11.25 12.02 -39.39
C TYR D 457 12.51 11.88 -38.55
N LEU D 458 12.38 11.98 -37.21
CA LEU D 458 13.44 11.62 -36.23
C LEU D 458 12.98 10.39 -35.46
N LYS D 459 13.67 9.25 -35.63
CA LYS D 459 13.30 7.96 -34.99
C LYS D 459 13.49 8.05 -33.46
N ALA D 460 14.63 8.61 -33.01
CA ALA D 460 15.04 8.69 -31.59
C ALA D 460 13.91 9.30 -30.74
N VAL D 461 13.21 10.29 -31.30
CA VAL D 461 12.21 11.16 -30.63
C VAL D 461 10.81 10.86 -31.18
N ASN D 462 10.72 10.05 -32.24
CA ASN D 462 9.46 9.63 -32.92
C ASN D 462 8.58 10.84 -33.21
N ILE D 463 9.10 11.82 -33.94
CA ILE D 463 8.34 13.04 -34.37
C ILE D 463 8.51 13.27 -35.87
N GLU D 464 7.40 13.50 -36.59
CA GLU D 464 7.37 14.03 -37.97
C GLU D 464 7.74 15.51 -37.94
N LEU D 465 8.81 15.90 -38.62
CA LEU D 465 9.41 17.26 -38.59
C LEU D 465 8.81 18.17 -39.67
N GLY D 466 8.26 17.61 -40.74
CA GLY D 466 7.60 18.37 -41.82
C GLY D 466 8.57 18.96 -42.84
N ASN D 467 9.88 18.75 -42.66
CA ASN D 467 10.92 19.17 -43.62
C ASN D 467 10.67 18.45 -44.95
N SER D 468 10.71 19.19 -46.06
CA SER D 468 10.47 18.65 -47.42
C SER D 468 11.10 19.57 -48.47
N LYS D 469 11.53 18.96 -49.57
CA LYS D 469 12.07 19.69 -50.75
C LYS D 469 10.88 20.17 -51.60
N GLU D 470 9.72 19.54 -51.43
CA GLU D 470 8.44 19.93 -52.10
C GLU D 470 7.74 21.02 -51.30
N PRO D 471 7.10 22.01 -51.97
CA PRO D 471 6.21 22.94 -51.28
C PRO D 471 5.05 22.18 -50.62
N GLN D 472 4.59 22.66 -49.46
CA GLN D 472 3.44 22.08 -48.72
C GLN D 472 2.42 23.19 -48.46
N LEU D 473 1.14 22.91 -48.72
CA LEU D 473 0.00 23.81 -48.41
C LEU D 473 -1.11 23.00 -47.74
N TYR D 474 -1.61 23.49 -46.60
CA TYR D 474 -2.65 22.83 -45.78
C TYR D 474 -3.75 23.84 -45.49
N ASP D 475 -5.01 23.46 -45.72
CA ASP D 475 -6.22 24.20 -45.25
C ASP D 475 -6.51 23.75 -43.81
N LEU D 476 -6.06 24.54 -42.84
CA LEU D 476 -6.14 24.19 -41.39
C LEU D 476 -7.58 24.15 -40.89
N LYS D 477 -8.53 24.75 -41.63
CA LYS D 477 -9.98 24.75 -41.27
C LYS D 477 -10.61 23.43 -41.73
N LYS D 478 -10.38 23.01 -42.97
CA LYS D 478 -10.92 21.73 -43.52
C LYS D 478 -10.04 20.56 -43.08
N ASP D 479 -8.77 20.81 -42.77
CA ASP D 479 -7.74 19.76 -42.53
C ASP D 479 -6.75 20.22 -41.46
N PRO D 480 -7.17 20.32 -40.17
CA PRO D 480 -6.30 20.80 -39.11
C PRO D 480 -5.18 19.80 -38.73
N LYS D 481 -5.39 18.51 -39.02
CA LYS D 481 -4.42 17.43 -38.77
C LYS D 481 -3.29 17.46 -39.80
N GLU D 482 -3.36 18.39 -40.76
CA GLU D 482 -2.33 18.58 -41.82
C GLU D 482 -2.05 17.22 -42.49
N LYS D 483 -3.10 16.46 -42.83
CA LYS D 483 -3.01 15.11 -43.46
C LYS D 483 -2.85 15.26 -44.98
N ASN D 484 -3.49 16.26 -45.59
CA ASN D 484 -3.75 16.34 -47.06
C ASN D 484 -3.08 17.61 -47.62
N ASN D 485 -1.87 17.46 -48.14
CA ASN D 485 -1.08 18.51 -48.84
C ASN D 485 -1.77 18.85 -50.16
N VAL D 486 -2.20 20.10 -50.34
CA VAL D 486 -2.99 20.55 -51.52
C VAL D 486 -2.25 21.68 -52.26
N ALA D 487 -0.91 21.72 -52.17
CA ALA D 487 -0.04 22.66 -52.92
C ALA D 487 -0.26 22.47 -54.42
N GLY D 488 -0.28 21.20 -54.87
CA GLY D 488 -0.48 20.79 -56.27
C GLY D 488 -1.76 21.39 -56.85
N GLN D 489 -2.86 21.41 -56.09
CA GLN D 489 -4.20 21.81 -56.64
C GLN D 489 -4.45 23.30 -56.39
N ASN D 490 -3.45 24.06 -55.93
CA ASN D 490 -3.57 25.51 -55.64
C ASN D 490 -2.27 26.23 -55.99
N PRO D 491 -1.81 26.20 -57.26
CA PRO D 491 -0.55 26.82 -57.65
C PRO D 491 -0.51 28.33 -57.35
N GLU D 492 -1.58 29.05 -57.71
CA GLU D 492 -1.69 30.52 -57.55
C GLU D 492 -1.60 30.90 -56.06
N LEU D 493 -2.18 30.08 -55.17
CA LEU D 493 -2.21 30.33 -53.70
C LEU D 493 -0.81 30.07 -53.12
N VAL D 494 -0.15 29.01 -53.59
CA VAL D 494 1.25 28.67 -53.19
C VAL D 494 2.16 29.87 -53.50
N LYS D 495 2.05 30.42 -54.71
CA LYS D 495 2.84 31.58 -55.19
C LYS D 495 2.60 32.80 -54.30
N LYS D 496 1.32 33.12 -54.05
CA LYS D 496 0.87 34.27 -53.22
C LYS D 496 1.54 34.19 -51.84
N MET D 497 1.62 32.99 -51.27
CA MET D 497 2.03 32.79 -49.85
C MET D 497 3.54 32.58 -49.72
N ALA D 498 4.18 31.97 -50.74
CA ALA D 498 5.65 31.96 -50.87
C ALA D 498 6.16 33.41 -50.86
N ALA D 499 5.52 34.27 -51.68
CA ALA D 499 5.88 35.70 -51.85
C ALA D 499 5.68 36.45 -50.53
N GLN D 500 4.55 36.20 -49.87
CA GLN D 500 4.18 36.82 -48.57
C GLN D 500 5.22 36.45 -47.50
N LEU D 501 5.69 35.20 -47.49
CA LEU D 501 6.73 34.73 -46.54
C LEU D 501 8.01 35.55 -46.76
N GLU D 502 8.46 35.67 -48.01
CA GLU D 502 9.73 36.37 -48.34
C GLU D 502 9.59 37.86 -48.00
N LYS D 503 8.41 38.44 -48.24
CA LYS D 503 8.10 39.85 -47.89
C LYS D 503 8.42 40.08 -46.40
N ILE D 504 7.97 39.17 -45.53
CA ILE D 504 8.17 39.25 -44.05
C ILE D 504 9.62 38.90 -43.70
N VAL D 505 10.26 37.98 -44.44
CA VAL D 505 11.68 37.62 -44.21
C VAL D 505 12.56 38.84 -44.51
N ASP D 506 12.17 39.67 -45.48
CA ASP D 506 13.03 40.73 -46.09
C ASP D 506 14.24 39.99 -46.66
N GLY D 507 15.45 40.46 -46.39
CA GLY D 507 16.66 39.63 -46.53
C GLY D 507 17.24 39.27 -45.17
N ARG D 508 16.46 39.46 -44.10
CA ARG D 508 16.94 39.44 -42.70
C ARG D 508 16.66 38.04 -42.13
N TYR D 509 17.53 37.09 -42.48
CA TYR D 509 17.49 35.66 -42.06
C TYR D 509 18.92 35.21 -41.70
N GLY D 510 19.13 34.64 -40.51
CA GLY D 510 20.40 34.07 -40.06
C GLY D 510 21.53 35.09 -40.04
N LEU D 511 21.21 36.37 -39.79
CA LEU D 511 22.20 37.47 -39.70
C LEU D 511 23.00 37.36 -38.41
N PRO D 512 24.18 38.04 -38.30
CA PRO D 512 24.92 38.08 -37.05
C PRO D 512 24.20 38.81 -35.91
N LEU D 513 24.30 38.24 -34.70
CA LEU D 513 23.87 38.84 -33.41
C LEU D 513 24.65 40.14 -33.16
#